data_6HKC
#
_entry.id   6HKC
#
_entity_poly.entity_id   1
_entity_poly.type   'polypeptide(L)'
_entity_poly.pdbx_seq_one_letter_code
;GPTSEGCQIIHPPWEGGIRYRGLTRDQVKAINFLPVDYEIEYVCRGEREVVGPKVRKCLANGSWTDMDTPSRCVR
;
_entity_poly.pdbx_strand_id   A
#
# COMPACT_ATOMS: atom_id res chain seq x y z
N GLY A 1 -28.23 5.01 -0.24
CA GLY A 1 -27.14 5.96 -0.58
C GLY A 1 -25.91 5.25 -1.08
N PRO A 2 -24.85 5.99 -1.43
CA PRO A 2 -23.60 5.41 -1.93
C PRO A 2 -22.78 4.76 -0.83
N THR A 3 -22.14 3.65 -1.13
CA THR A 3 -21.29 2.97 -0.18
C THR A 3 -19.82 3.24 -0.51
N SER A 4 -19.14 3.97 0.37
CA SER A 4 -17.73 4.21 0.18
C SER A 4 -16.92 3.02 0.63
N GLU A 5 -16.53 2.20 -0.32
CA GLU A 5 -15.80 0.98 -0.03
C GLU A 5 -14.40 1.06 -0.59
N GLY A 6 -13.46 1.42 0.29
CA GLY A 6 -12.09 1.55 -0.13
C GLY A 6 -11.14 1.56 1.04
N CYS A 7 -9.86 1.49 0.74
CA CYS A 7 -8.83 1.56 1.76
C CYS A 7 -8.17 2.93 1.75
N GLN A 8 -7.63 3.35 2.88
CA GLN A 8 -6.99 4.65 2.99
C GLN A 8 -5.51 4.57 2.64
N ILE A 9 -4.83 5.71 2.72
CA ILE A 9 -3.41 5.76 2.48
C ILE A 9 -2.64 5.48 3.76
N ILE A 10 -1.84 4.44 3.73
CA ILE A 10 -1.05 4.02 4.88
C ILE A 10 0.13 4.95 5.09
N HIS A 11 0.39 5.29 6.35
CA HIS A 11 1.49 6.17 6.69
C HIS A 11 2.80 5.38 6.70
N PRO A 12 3.85 5.92 6.05
CA PRO A 12 5.16 5.25 5.95
C PRO A 12 5.70 4.80 7.30
N PRO A 13 5.80 3.48 7.51
CA PRO A 13 6.28 2.91 8.77
C PRO A 13 7.79 3.01 8.91
N TRP A 14 8.50 2.10 8.27
CA TRP A 14 9.96 2.09 8.33
C TRP A 14 10.52 2.70 7.05
N GLU A 15 11.85 2.73 6.93
CA GLU A 15 12.51 3.25 5.74
C GLU A 15 12.07 2.50 4.48
N GLY A 16 11.15 3.09 3.74
CA GLY A 16 10.66 2.47 2.53
C GLY A 16 9.55 3.27 1.90
N GLY A 17 8.75 2.61 1.10
CA GLY A 17 7.62 3.27 0.45
C GLY A 17 6.61 2.26 -0.03
N ILE A 18 5.63 2.73 -0.79
CA ILE A 18 4.59 1.84 -1.28
C ILE A 18 4.46 1.91 -2.79
N ARG A 19 4.43 0.74 -3.39
CA ARG A 19 4.31 0.58 -4.82
C ARG A 19 2.85 0.42 -5.21
N TYR A 20 2.29 1.42 -5.87
CA TYR A 20 0.92 1.34 -6.34
C TYR A 20 0.86 0.76 -7.75
N ARG A 21 -0.31 0.79 -8.35
CA ARG A 21 -0.48 0.28 -9.71
C ARG A 21 -0.72 1.41 -10.69
N GLY A 22 -1.98 1.81 -10.84
CA GLY A 22 -2.34 2.82 -11.80
C GLY A 22 -2.25 4.23 -11.23
N LEU A 23 -1.14 4.52 -10.57
CA LEU A 23 -0.90 5.83 -10.00
C LEU A 23 0.53 6.27 -10.24
N THR A 24 0.70 7.51 -10.69
CA THR A 24 2.03 8.08 -10.86
C THR A 24 2.40 8.90 -9.63
N ARG A 25 3.59 9.47 -9.64
CA ARG A 25 4.08 10.23 -8.50
C ARG A 25 3.48 11.64 -8.48
N ASP A 26 4.00 12.49 -7.57
CA ASP A 26 3.40 13.82 -7.28
C ASP A 26 2.05 13.66 -6.57
N GLN A 27 1.39 12.54 -6.82
CA GLN A 27 0.16 12.18 -6.16
C GLN A 27 0.44 11.38 -4.90
N VAL A 28 -0.45 10.44 -4.59
CA VAL A 28 -0.33 9.51 -3.45
C VAL A 28 -0.12 10.24 -2.11
N LYS A 29 -0.48 11.52 -2.08
CA LYS A 29 -0.44 12.29 -0.85
C LYS A 29 -1.82 12.41 -0.26
N ALA A 30 -2.64 13.27 -0.86
CA ALA A 30 -4.02 13.44 -0.41
C ALA A 30 -4.99 12.66 -1.29
N ILE A 31 -5.23 11.42 -0.91
CA ILE A 31 -6.21 10.56 -1.56
C ILE A 31 -7.19 10.05 -0.52
N ASN A 32 -8.47 10.02 -0.87
CA ASN A 32 -9.50 9.61 0.07
C ASN A 32 -9.47 8.10 0.26
N PHE A 33 -9.87 7.37 -0.77
CA PHE A 33 -9.95 5.92 -0.69
C PHE A 33 -9.50 5.26 -1.99
N LEU A 34 -8.76 4.17 -1.86
CA LEU A 34 -8.39 3.35 -3.00
C LEU A 34 -9.57 2.47 -3.39
N PRO A 35 -9.73 2.16 -4.68
CA PRO A 35 -10.82 1.30 -5.16
C PRO A 35 -10.75 -0.11 -4.58
N VAL A 36 -11.91 -0.76 -4.44
CA VAL A 36 -11.96 -2.12 -3.93
C VAL A 36 -11.16 -3.06 -4.84
N ASP A 37 -10.42 -3.97 -4.21
CA ASP A 37 -9.48 -4.84 -4.90
C ASP A 37 -8.39 -4.02 -5.59
N TYR A 38 -7.47 -3.53 -4.79
CA TYR A 38 -6.31 -2.80 -5.28
C TYR A 38 -5.09 -3.36 -4.55
N GLU A 39 -4.10 -3.80 -5.30
CA GLU A 39 -2.97 -4.50 -4.71
C GLU A 39 -1.70 -3.68 -4.81
N ILE A 40 -1.09 -3.45 -3.64
CA ILE A 40 0.12 -2.64 -3.55
C ILE A 40 1.30 -3.48 -3.08
N GLU A 41 2.50 -2.92 -3.20
CA GLU A 41 3.71 -3.60 -2.78
C GLU A 41 4.51 -2.73 -1.80
N TYR A 42 5.18 -3.38 -0.85
CA TYR A 42 6.00 -2.69 0.13
C TYR A 42 7.46 -2.71 -0.29
N VAL A 43 7.95 -1.59 -0.81
CA VAL A 43 9.34 -1.49 -1.23
C VAL A 43 10.19 -0.84 -0.15
N CYS A 44 11.49 -1.10 -0.20
CA CYS A 44 12.43 -0.54 0.76
C CYS A 44 12.94 0.79 0.24
N ARG A 45 13.43 1.59 1.15
CA ARG A 45 13.77 2.97 0.88
C ARG A 45 14.81 3.09 -0.24
N GLY A 46 14.43 3.80 -1.29
CA GLY A 46 15.28 3.93 -2.46
C GLY A 46 14.94 2.88 -3.49
N GLU A 47 15.95 2.17 -3.96
CA GLU A 47 15.71 1.02 -4.82
C GLU A 47 16.16 -0.26 -4.13
N ARG A 48 15.92 -0.31 -2.83
CA ARG A 48 16.25 -1.48 -2.05
C ARG A 48 15.08 -2.46 -2.07
N GLU A 49 15.38 -3.75 -2.05
CA GLU A 49 14.34 -4.76 -2.11
C GLU A 49 14.09 -5.37 -0.74
N VAL A 50 12.98 -6.09 -0.62
CA VAL A 50 12.64 -6.77 0.61
C VAL A 50 12.22 -8.20 0.32
N VAL A 51 12.52 -9.12 1.21
CA VAL A 51 12.02 -10.47 1.09
C VAL A 51 10.95 -10.72 2.16
N GLY A 52 9.71 -10.53 1.73
CA GLY A 52 8.58 -10.69 2.62
C GLY A 52 7.35 -11.03 1.84
N PRO A 53 6.23 -11.35 2.52
CA PRO A 53 4.95 -11.54 1.84
C PRO A 53 4.35 -10.18 1.44
N LYS A 54 5.03 -9.52 0.50
CA LYS A 54 4.67 -8.18 0.11
C LYS A 54 3.56 -8.17 -0.93
N VAL A 55 2.32 -8.17 -0.45
CA VAL A 55 1.15 -8.05 -1.29
C VAL A 55 -0.03 -7.62 -0.43
N ARG A 56 -0.72 -6.57 -0.86
CA ARG A 56 -1.84 -6.04 -0.10
C ARG A 56 -3.03 -5.80 -1.00
N LYS A 57 -4.06 -6.60 -0.84
CA LYS A 57 -5.28 -6.44 -1.62
C LYS A 57 -6.29 -5.64 -0.82
N CYS A 58 -6.67 -4.49 -1.36
CA CYS A 58 -7.68 -3.64 -0.74
C CYS A 58 -9.03 -4.35 -0.66
N LEU A 59 -9.65 -4.29 0.51
CA LEU A 59 -10.91 -4.97 0.74
C LEU A 59 -12.08 -4.00 0.59
N ALA A 60 -13.29 -4.48 0.80
CA ALA A 60 -14.48 -3.65 0.70
C ALA A 60 -14.66 -2.79 1.96
N ASN A 61 -13.75 -2.97 2.90
CA ASN A 61 -13.75 -2.18 4.14
C ASN A 61 -12.44 -1.41 4.23
N GLY A 62 -12.36 -0.49 5.18
CA GLY A 62 -11.19 0.38 5.30
C GLY A 62 -9.99 -0.32 5.90
N SER A 63 -9.51 -1.35 5.20
CA SER A 63 -8.31 -2.06 5.61
C SER A 63 -7.88 -3.02 4.50
N TRP A 64 -6.62 -3.43 4.55
CA TRP A 64 -6.06 -4.29 3.51
C TRP A 64 -6.12 -5.75 3.99
N THR A 65 -5.75 -6.68 3.12
CA THR A 65 -5.83 -8.12 3.42
C THR A 65 -5.20 -8.48 4.76
N ASP A 66 -3.87 -8.50 4.81
CA ASP A 66 -3.16 -8.77 6.06
C ASP A 66 -2.36 -7.53 6.45
N MET A 67 -2.91 -6.68 7.29
CA MET A 67 -2.19 -5.47 7.64
C MET A 67 -1.38 -5.69 8.92
N ASP A 68 -0.29 -6.42 8.75
CA ASP A 68 0.83 -6.42 9.69
C ASP A 68 1.97 -7.22 9.08
N THR A 69 2.92 -6.56 8.44
CA THR A 69 3.92 -7.31 7.70
C THR A 69 5.30 -6.68 7.82
N PRO A 70 6.21 -7.33 8.57
CA PRO A 70 7.59 -6.87 8.71
C PRO A 70 8.43 -7.20 7.48
N SER A 71 8.51 -6.26 6.57
CA SER A 71 9.29 -6.44 5.34
C SER A 71 10.76 -6.18 5.61
N ARG A 72 11.55 -7.25 5.64
CA ARG A 72 12.99 -7.13 5.88
C ARG A 72 13.71 -6.67 4.62
N CYS A 73 14.36 -5.53 4.72
CA CYS A 73 15.08 -4.95 3.61
C CYS A 73 16.33 -5.76 3.32
N VAL A 74 16.33 -6.47 2.20
CA VAL A 74 17.40 -7.38 1.85
C VAL A 74 17.81 -7.20 0.40
N ARG A 75 19.09 -6.97 0.18
CA ARG A 75 19.63 -6.81 -1.17
C ARG A 75 21.04 -7.34 -1.23
N GLY A 1 -26.24 3.69 3.10
CA GLY A 1 -26.06 5.01 2.43
C GLY A 1 -25.16 4.91 1.22
N PRO A 2 -24.37 5.94 0.93
CA PRO A 2 -23.42 5.93 -0.18
C PRO A 2 -22.29 4.94 0.07
N THR A 3 -22.47 3.73 -0.42
CA THR A 3 -21.52 2.67 -0.19
C THR A 3 -20.32 2.79 -1.10
N SER A 4 -19.24 3.34 -0.57
CA SER A 4 -17.99 3.45 -1.28
C SER A 4 -16.91 2.66 -0.56
N GLU A 5 -16.63 1.47 -1.07
CA GLU A 5 -15.65 0.59 -0.44
C GLU A 5 -14.25 0.96 -0.88
N GLY A 6 -13.49 1.52 0.05
CA GLY A 6 -12.15 1.96 -0.26
C GLY A 6 -11.24 1.89 0.95
N CYS A 7 -10.01 1.49 0.72
CA CYS A 7 -9.01 1.40 1.77
C CYS A 7 -8.28 2.73 1.91
N GLN A 8 -7.76 3.00 3.10
CA GLN A 8 -7.10 4.27 3.37
C GLN A 8 -5.63 4.22 2.99
N ILE A 9 -4.95 5.36 3.16
CA ILE A 9 -3.54 5.47 2.89
C ILE A 9 -2.73 5.09 4.13
N ILE A 10 -1.92 4.05 3.98
CA ILE A 10 -1.13 3.52 5.09
C ILE A 10 0.01 4.49 5.44
N HIS A 11 0.34 4.56 6.72
CA HIS A 11 1.48 5.35 7.17
C HIS A 11 2.76 4.54 6.97
N PRO A 12 3.82 5.18 6.49
CA PRO A 12 5.14 4.53 6.34
C PRO A 12 5.71 4.10 7.68
N PRO A 13 5.89 2.78 7.89
CA PRO A 13 6.42 2.26 9.15
C PRO A 13 7.87 2.65 9.38
N TRP A 14 8.79 1.88 8.81
CA TRP A 14 10.20 2.22 8.83
C TRP A 14 10.58 2.79 7.47
N GLU A 15 11.86 3.13 7.29
CA GLU A 15 12.36 3.66 6.03
C GLU A 15 11.95 2.79 4.84
N GLY A 16 10.92 3.23 4.15
CA GLY A 16 10.45 2.52 2.98
C GLY A 16 9.41 3.32 2.24
N GLY A 17 8.45 2.64 1.63
CA GLY A 17 7.39 3.30 0.93
C GLY A 17 6.40 2.32 0.35
N ILE A 18 5.49 2.80 -0.47
CA ILE A 18 4.49 1.94 -1.06
C ILE A 18 4.52 2.02 -2.57
N ARG A 19 4.49 0.86 -3.18
CA ARG A 19 4.47 0.73 -4.62
C ARG A 19 3.04 0.54 -5.07
N TYR A 20 2.61 1.27 -6.07
CA TYR A 20 1.23 1.26 -6.46
C TYR A 20 1.00 0.42 -7.71
N ARG A 21 -0.22 0.51 -8.24
CA ARG A 21 -0.64 -0.37 -9.31
C ARG A 21 -0.88 0.44 -10.59
N GLY A 22 -1.53 1.57 -10.43
CA GLY A 22 -1.84 2.43 -11.57
C GLY A 22 -1.85 3.89 -11.18
N LEU A 23 -0.91 4.29 -10.34
CA LEU A 23 -0.81 5.67 -9.91
C LEU A 23 0.57 6.23 -10.24
N THR A 24 0.58 7.40 -10.87
CA THR A 24 1.82 8.06 -11.21
C THR A 24 2.23 9.01 -10.07
N ARG A 25 3.35 9.70 -10.25
CA ARG A 25 3.90 10.56 -9.20
C ARG A 25 3.09 11.83 -9.01
N ASP A 26 3.62 12.73 -8.16
CA ASP A 26 2.93 13.97 -7.75
C ASP A 26 1.55 13.69 -7.15
N GLN A 27 1.30 12.43 -6.85
CA GLN A 27 0.03 12.01 -6.29
C GLN A 27 0.29 11.26 -4.98
N VAL A 28 -0.73 10.52 -4.54
CA VAL A 28 -0.66 9.63 -3.36
C VAL A 28 -0.25 10.36 -2.08
N LYS A 29 -0.28 11.69 -2.12
CA LYS A 29 0.01 12.49 -0.94
C LYS A 29 -1.29 12.87 -0.24
N ALA A 30 -2.37 12.95 -1.02
CA ALA A 30 -3.68 13.25 -0.49
C ALA A 30 -4.75 12.56 -1.33
N ILE A 31 -5.18 11.39 -0.87
CA ILE A 31 -6.23 10.63 -1.53
C ILE A 31 -7.22 10.17 -0.47
N ASN A 32 -8.49 10.06 -0.84
CA ASN A 32 -9.52 9.65 0.10
C ASN A 32 -9.43 8.16 0.36
N PHE A 33 -9.77 7.38 -0.66
CA PHE A 33 -9.79 5.92 -0.55
C PHE A 33 -9.27 5.28 -1.83
N LEU A 34 -8.68 4.11 -1.68
CA LEU A 34 -8.25 3.33 -2.84
C LEU A 34 -9.35 2.37 -3.23
N PRO A 35 -9.63 2.24 -4.54
CA PRO A 35 -10.72 1.41 -5.05
C PRO A 35 -10.60 -0.06 -4.62
N VAL A 36 -11.75 -0.68 -4.35
CA VAL A 36 -11.81 -2.07 -3.94
C VAL A 36 -11.44 -3.00 -5.10
N ASP A 37 -10.13 -3.18 -5.26
CA ASP A 37 -9.55 -3.93 -6.38
C ASP A 37 -8.06 -3.66 -6.43
N TYR A 38 -7.68 -2.50 -5.92
CA TYR A 38 -6.32 -2.01 -5.98
C TYR A 38 -5.38 -2.90 -5.16
N GLU A 39 -4.21 -3.17 -5.71
CA GLU A 39 -3.18 -3.95 -5.03
C GLU A 39 -1.91 -3.11 -4.89
N ILE A 40 -1.24 -3.19 -3.74
CA ILE A 40 -0.04 -2.41 -3.50
C ILE A 40 1.13 -3.30 -3.06
N GLU A 41 2.33 -2.73 -3.16
CA GLU A 41 3.57 -3.43 -2.79
C GLU A 41 4.34 -2.59 -1.76
N TYR A 42 5.14 -3.24 -0.93
CA TYR A 42 5.93 -2.54 0.08
C TYR A 42 7.38 -2.40 -0.37
N VAL A 43 7.75 -1.21 -0.84
CA VAL A 43 9.11 -0.96 -1.28
C VAL A 43 9.94 -0.29 -0.19
N CYS A 44 11.24 -0.19 -0.42
CA CYS A 44 12.16 0.36 0.57
C CYS A 44 12.76 1.67 0.03
N ARG A 45 13.50 2.39 0.88
CA ARG A 45 14.12 3.65 0.47
C ARG A 45 15.31 3.38 -0.44
N GLY A 46 15.16 3.73 -1.71
CA GLY A 46 16.22 3.53 -2.66
C GLY A 46 15.93 2.38 -3.60
N GLU A 47 16.65 1.28 -3.43
CA GLU A 47 16.49 0.13 -4.31
C GLU A 47 16.91 -1.16 -3.61
N ARG A 48 16.41 -1.37 -2.40
CA ARG A 48 16.69 -2.58 -1.66
C ARG A 48 15.68 -3.67 -1.99
N GLU A 49 16.13 -4.90 -2.01
CA GLU A 49 15.24 -6.03 -2.25
C GLU A 49 14.48 -6.38 -0.98
N VAL A 50 13.18 -6.17 -0.99
CA VAL A 50 12.36 -6.43 0.18
C VAL A 50 11.77 -7.84 0.12
N VAL A 51 12.16 -8.68 1.06
CA VAL A 51 11.65 -10.03 1.10
C VAL A 51 10.55 -10.15 2.16
N GLY A 52 9.32 -10.06 1.69
CA GLY A 52 8.17 -10.24 2.53
C GLY A 52 6.99 -10.71 1.70
N PRO A 53 5.88 -11.12 2.34
CA PRO A 53 4.64 -11.39 1.62
C PRO A 53 4.00 -10.09 1.15
N LYS A 54 4.67 -9.43 0.21
CA LYS A 54 4.30 -8.07 -0.19
C LYS A 54 3.20 -8.08 -1.24
N VAL A 55 1.97 -8.10 -0.78
CA VAL A 55 0.81 -7.91 -1.64
C VAL A 55 -0.39 -7.53 -0.80
N ARG A 56 -1.03 -6.44 -1.15
CA ARG A 56 -2.20 -5.98 -0.41
C ARG A 56 -3.31 -5.63 -1.37
N LYS A 57 -4.38 -6.40 -1.32
CA LYS A 57 -5.53 -6.16 -2.18
C LYS A 57 -6.62 -5.48 -1.37
N CYS A 58 -7.07 -4.34 -1.85
CA CYS A 58 -8.11 -3.59 -1.16
C CYS A 58 -9.43 -4.34 -1.22
N LEU A 59 -9.95 -4.68 -0.05
CA LEU A 59 -11.18 -5.44 0.05
C LEU A 59 -12.35 -4.53 0.38
N ALA A 60 -13.55 -5.10 0.50
CA ALA A 60 -14.74 -4.30 0.80
C ALA A 60 -14.83 -3.99 2.28
N ASN A 61 -13.82 -3.32 2.79
CA ASN A 61 -13.79 -2.83 4.17
C ASN A 61 -12.74 -1.75 4.28
N GLY A 62 -12.73 -1.02 5.38
CA GLY A 62 -11.84 0.12 5.53
C GLY A 62 -10.43 -0.26 5.97
N SER A 63 -9.94 -1.39 5.49
CA SER A 63 -8.61 -1.87 5.84
C SER A 63 -8.08 -2.80 4.76
N TRP A 64 -6.77 -2.94 4.69
CA TRP A 64 -6.14 -3.81 3.70
C TRP A 64 -6.13 -5.26 4.21
N THR A 65 -5.60 -6.15 3.38
CA THR A 65 -5.57 -7.58 3.68
C THR A 65 -4.88 -7.87 5.01
N ASP A 66 -3.65 -7.38 5.16
CA ASP A 66 -2.86 -7.63 6.36
C ASP A 66 -1.97 -6.42 6.64
N MET A 67 -1.97 -5.91 7.86
CA MET A 67 -1.02 -4.88 8.19
C MET A 67 -0.36 -5.16 9.53
N ASP A 68 0.60 -6.07 9.47
CA ASP A 68 1.62 -6.25 10.50
C ASP A 68 2.67 -7.18 9.91
N THR A 69 3.66 -6.63 9.25
CA THR A 69 4.52 -7.46 8.42
C THR A 69 5.98 -7.06 8.54
N PRO A 70 6.84 -8.01 8.96
CA PRO A 70 8.28 -7.79 9.06
C PRO A 70 8.95 -7.85 7.69
N SER A 71 8.51 -6.99 6.79
CA SER A 71 9.07 -6.95 5.44
C SER A 71 10.40 -6.19 5.45
N ARG A 72 11.50 -6.93 5.42
CA ARG A 72 12.82 -6.34 5.46
C ARG A 72 13.33 -6.09 4.06
N CYS A 73 14.02 -4.99 3.86
CA CYS A 73 14.66 -4.72 2.58
C CYS A 73 16.16 -4.90 2.72
N VAL A 74 16.64 -6.05 2.27
CA VAL A 74 18.01 -6.47 2.50
C VAL A 74 18.74 -6.71 1.17
N ARG A 75 20.05 -6.56 1.19
CA ARG A 75 20.88 -6.83 0.03
C ARG A 75 22.32 -7.07 0.45
N GLY A 1 -25.61 7.51 -3.56
CA GLY A 1 -25.23 6.32 -2.76
C GLY A 1 -24.38 6.72 -1.56
N PRO A 2 -24.88 6.46 -0.34
CA PRO A 2 -24.19 6.84 0.90
C PRO A 2 -23.07 5.86 1.25
N THR A 3 -22.87 4.88 0.40
CA THR A 3 -21.90 3.83 0.63
C THR A 3 -20.49 4.29 0.30
N SER A 4 -19.75 4.66 1.32
CA SER A 4 -18.34 4.98 1.15
C SER A 4 -17.49 3.84 1.68
N GLU A 5 -17.07 2.96 0.80
CA GLU A 5 -16.29 1.79 1.18
C GLU A 5 -15.00 1.78 0.40
N GLY A 6 -13.89 1.97 1.10
CA GLY A 6 -12.61 1.95 0.45
C GLY A 6 -11.49 1.72 1.44
N CYS A 7 -10.32 1.35 0.93
CA CYS A 7 -9.16 1.14 1.78
C CYS A 7 -8.47 2.47 2.03
N GLN A 8 -8.11 2.71 3.30
CA GLN A 8 -7.51 3.98 3.68
C GLN A 8 -6.04 4.05 3.29
N ILE A 9 -5.42 5.19 3.61
CA ILE A 9 -4.01 5.40 3.33
C ILE A 9 -3.16 4.90 4.50
N ILE A 10 -2.30 3.94 4.22
CA ILE A 10 -1.40 3.40 5.22
C ILE A 10 -0.17 4.29 5.36
N HIS A 11 0.17 4.63 6.59
CA HIS A 11 1.35 5.46 6.85
C HIS A 11 2.59 4.58 6.90
N PRO A 12 3.54 4.80 5.97
CA PRO A 12 4.78 4.01 5.88
C PRO A 12 5.54 3.97 7.21
N PRO A 13 5.56 2.80 7.87
CA PRO A 13 6.17 2.63 9.18
C PRO A 13 7.70 2.75 9.13
N TRP A 14 8.31 1.92 8.31
CA TRP A 14 9.75 1.85 8.21
C TRP A 14 10.21 2.63 6.97
N GLU A 15 11.52 2.63 6.72
CA GLU A 15 12.07 3.30 5.55
C GLU A 15 11.68 2.58 4.26
N GLY A 16 11.00 1.45 4.41
CA GLY A 16 10.42 0.77 3.27
C GLY A 16 9.05 1.34 2.95
N GLY A 17 8.89 1.84 1.74
CA GLY A 17 7.64 2.48 1.38
C GLY A 17 6.69 1.54 0.68
N ILE A 18 5.61 2.10 0.14
CA ILE A 18 4.60 1.30 -0.52
C ILE A 18 4.52 1.64 -2.00
N ARG A 19 4.57 0.60 -2.81
CA ARG A 19 4.55 0.74 -4.25
C ARG A 19 3.14 0.51 -4.76
N TYR A 20 2.78 1.25 -5.80
CA TYR A 20 1.45 1.12 -6.37
C TYR A 20 1.56 0.60 -7.79
N ARG A 21 0.47 0.59 -8.54
CA ARG A 21 0.51 0.15 -9.92
C ARG A 21 0.19 1.29 -10.86
N GLY A 22 -0.95 1.93 -10.63
CA GLY A 22 -1.39 3.01 -11.50
C GLY A 22 -1.32 4.37 -10.85
N LEU A 23 -0.41 4.49 -9.88
CA LEU A 23 -0.23 5.76 -9.18
C LEU A 23 1.21 6.25 -9.37
N THR A 24 1.35 7.43 -9.92
CA THR A 24 2.65 7.94 -10.33
C THR A 24 3.16 9.03 -9.37
N ARG A 25 4.34 9.56 -9.71
CA ARG A 25 4.97 10.64 -8.95
C ARG A 25 4.06 11.88 -8.86
N ASP A 26 3.82 12.32 -7.63
CA ASP A 26 2.97 13.50 -7.31
C ASP A 26 1.54 13.06 -7.04
N GLN A 27 1.33 11.75 -7.06
CA GLN A 27 0.07 11.18 -6.63
C GLN A 27 0.18 10.78 -5.17
N VAL A 28 -0.91 10.21 -4.63
CA VAL A 28 -0.98 9.73 -3.23
C VAL A 28 -0.57 10.80 -2.21
N LYS A 29 -0.58 12.06 -2.62
CA LYS A 29 -0.23 13.16 -1.73
C LYS A 29 -1.45 13.54 -0.88
N ALA A 30 -2.63 13.15 -1.36
CA ALA A 30 -3.88 13.35 -0.64
C ALA A 30 -5.01 12.54 -1.30
N ILE A 31 -5.42 11.48 -0.61
CA ILE A 31 -6.49 10.61 -1.10
C ILE A 31 -7.42 10.25 0.05
N ASN A 32 -8.68 9.97 -0.24
CA ASN A 32 -9.61 9.52 0.79
C ASN A 32 -9.57 8.01 0.91
N PHE A 33 -10.02 7.32 -0.13
CA PHE A 33 -10.06 5.87 -0.12
C PHE A 33 -9.56 5.31 -1.45
N LEU A 34 -8.86 4.19 -1.38
CA LEU A 34 -8.39 3.50 -2.56
C LEU A 34 -9.50 2.56 -3.07
N PRO A 35 -9.62 2.42 -4.39
CA PRO A 35 -10.67 1.58 -5.01
C PRO A 35 -10.53 0.11 -4.63
N VAL A 36 -11.65 -0.59 -4.69
CA VAL A 36 -11.70 -2.00 -4.31
C VAL A 36 -10.79 -2.84 -5.19
N ASP A 37 -10.11 -3.80 -4.57
CA ASP A 37 -9.21 -4.73 -5.25
C ASP A 37 -7.98 -4.05 -5.83
N TYR A 38 -7.69 -2.83 -5.38
CA TYR A 38 -6.44 -2.19 -5.75
C TYR A 38 -5.28 -2.89 -5.04
N GLU A 39 -4.14 -2.95 -5.69
CA GLU A 39 -3.01 -3.73 -5.18
C GLU A 39 -1.82 -2.82 -4.85
N ILE A 40 -1.33 -2.94 -3.62
CA ILE A 40 -0.14 -2.20 -3.20
C ILE A 40 0.95 -3.17 -2.74
N GLU A 41 2.19 -2.73 -2.81
CA GLU A 41 3.32 -3.59 -2.48
C GLU A 41 4.27 -2.88 -1.51
N TYR A 42 4.91 -3.66 -0.63
CA TYR A 42 5.87 -3.11 0.34
C TYR A 42 7.28 -3.25 -0.19
N VAL A 43 7.84 -2.16 -0.69
CA VAL A 43 9.17 -2.18 -1.30
C VAL A 43 10.16 -1.37 -0.49
N CYS A 44 11.44 -1.48 -0.84
CA CYS A 44 12.47 -0.72 -0.18
C CYS A 44 12.76 0.53 -0.98
N ARG A 45 12.70 1.65 -0.30
CA ARG A 45 12.88 2.95 -0.93
C ARG A 45 14.24 3.05 -1.61
N GLY A 46 14.23 3.31 -2.91
CA GLY A 46 15.47 3.43 -3.65
C GLY A 46 15.62 2.30 -4.65
N GLU A 47 16.76 1.64 -4.62
CA GLU A 47 17.05 0.55 -5.54
C GLU A 47 17.35 -0.73 -4.79
N ARG A 48 17.07 -0.70 -3.50
CA ARG A 48 17.27 -1.88 -2.65
C ARG A 48 16.00 -2.72 -2.65
N GLU A 49 16.13 -3.98 -2.28
CA GLU A 49 15.01 -4.91 -2.37
C GLU A 49 14.66 -5.50 -1.01
N VAL A 50 13.48 -6.08 -0.91
CA VAL A 50 12.99 -6.67 0.32
C VAL A 50 12.52 -8.10 0.07
N VAL A 51 12.63 -8.95 1.08
CA VAL A 51 12.05 -10.27 1.01
C VAL A 51 11.02 -10.45 2.12
N GLY A 52 9.76 -10.24 1.74
CA GLY A 52 8.66 -10.32 2.67
C GLY A 52 7.38 -10.66 1.95
N PRO A 53 6.28 -10.92 2.67
CA PRO A 53 4.98 -11.14 2.06
C PRO A 53 4.35 -9.80 1.67
N LYS A 54 5.03 -9.08 0.80
CA LYS A 54 4.66 -7.72 0.47
C LYS A 54 3.62 -7.66 -0.65
N VAL A 55 2.37 -7.76 -0.25
CA VAL A 55 1.25 -7.57 -1.16
C VAL A 55 -0.02 -7.32 -0.36
N ARG A 56 -0.73 -6.25 -0.73
CA ARG A 56 -1.99 -5.94 -0.08
C ARG A 56 -3.04 -5.68 -1.13
N LYS A 57 -4.10 -6.47 -1.09
CA LYS A 57 -5.19 -6.29 -2.02
C LYS A 57 -6.35 -5.63 -1.29
N CYS A 58 -6.83 -4.52 -1.83
CA CYS A 58 -7.95 -3.81 -1.23
C CYS A 58 -9.21 -4.66 -1.29
N LEU A 59 -10.08 -4.49 -0.30
CA LEU A 59 -11.30 -5.26 -0.21
C LEU A 59 -12.51 -4.35 -0.34
N ALA A 60 -13.71 -4.92 -0.26
CA ALA A 60 -14.93 -4.15 -0.34
C ALA A 60 -15.25 -3.49 1.00
N ASN A 61 -14.40 -3.74 1.98
CA ASN A 61 -14.52 -3.12 3.29
C ASN A 61 -13.33 -2.20 3.52
N GLY A 62 -13.44 -1.31 4.51
CA GLY A 62 -12.41 -0.30 4.73
C GLY A 62 -11.19 -0.83 5.45
N SER A 63 -10.62 -1.91 4.94
CA SER A 63 -9.40 -2.48 5.51
C SER A 63 -8.68 -3.31 4.46
N TRP A 64 -7.36 -3.32 4.53
CA TRP A 64 -6.56 -4.16 3.65
C TRP A 64 -6.51 -5.58 4.20
N THR A 65 -5.87 -6.48 3.47
CA THR A 65 -5.80 -7.87 3.87
C THR A 65 -5.01 -8.08 5.17
N ASP A 66 -4.07 -7.19 5.44
CA ASP A 66 -3.23 -7.28 6.63
C ASP A 66 -2.61 -5.93 6.92
N MET A 67 -2.53 -5.55 8.19
CA MET A 67 -1.67 -4.44 8.56
C MET A 67 -0.79 -4.84 9.74
N ASP A 68 0.23 -5.63 9.44
CA ASP A 68 1.38 -5.82 10.32
C ASP A 68 2.44 -6.60 9.56
N THR A 69 3.32 -5.93 8.85
CA THR A 69 4.30 -6.63 8.05
C THR A 69 5.61 -5.85 7.95
N PRO A 70 6.62 -6.28 8.72
CA PRO A 70 7.95 -5.69 8.66
C PRO A 70 8.75 -6.23 7.48
N SER A 71 8.73 -5.48 6.39
CA SER A 71 9.46 -5.87 5.19
C SER A 71 10.96 -5.63 5.36
N ARG A 72 11.73 -6.70 5.39
CA ARG A 72 13.17 -6.60 5.59
C ARG A 72 13.88 -6.21 4.30
N CYS A 73 14.48 -5.03 4.30
CA CYS A 73 15.25 -4.57 3.15
C CYS A 73 16.63 -5.20 3.17
N VAL A 74 16.80 -6.23 2.36
CA VAL A 74 18.05 -6.96 2.28
C VAL A 74 18.06 -7.82 1.02
N ARG A 75 19.20 -7.91 0.37
CA ARG A 75 19.31 -8.61 -0.89
C ARG A 75 20.46 -9.60 -0.85
N GLY A 1 -25.18 1.99 -8.39
CA GLY A 1 -25.62 2.74 -7.20
C GLY A 1 -24.50 3.56 -6.60
N PRO A 2 -24.77 4.31 -5.52
CA PRO A 2 -23.75 5.10 -4.84
C PRO A 2 -22.81 4.22 -4.00
N THR A 3 -21.64 3.92 -4.54
CA THR A 3 -20.70 3.06 -3.86
C THR A 3 -19.36 3.75 -3.62
N SER A 4 -18.97 3.82 -2.36
CA SER A 4 -17.63 4.25 -2.00
C SER A 4 -16.98 3.19 -1.11
N GLU A 5 -16.17 2.35 -1.71
CA GLU A 5 -15.48 1.30 -1.00
C GLU A 5 -14.00 1.39 -1.28
N GLY A 6 -13.23 1.80 -0.27
CA GLY A 6 -11.83 1.99 -0.47
C GLY A 6 -11.04 1.92 0.82
N CYS A 7 -9.76 1.68 0.67
CA CYS A 7 -8.86 1.62 1.80
C CYS A 7 -7.99 2.87 1.84
N GLN A 8 -7.71 3.36 3.04
CA GLN A 8 -6.98 4.61 3.20
C GLN A 8 -5.49 4.43 2.90
N ILE A 9 -4.75 5.53 3.04
CA ILE A 9 -3.31 5.53 2.79
C ILE A 9 -2.55 5.14 4.06
N ILE A 10 -1.81 4.05 3.95
CA ILE A 10 -1.07 3.50 5.09
C ILE A 10 0.19 4.31 5.36
N HIS A 11 0.51 4.49 6.63
CA HIS A 11 1.75 5.17 7.02
C HIS A 11 2.93 4.22 6.92
N PRO A 12 3.98 4.62 6.19
CA PRO A 12 5.21 3.83 6.09
C PRO A 12 5.89 3.68 7.46
N PRO A 13 5.93 2.44 7.98
CA PRO A 13 6.50 2.19 9.31
C PRO A 13 8.00 2.47 9.37
N TRP A 14 8.78 1.64 8.69
CA TRP A 14 10.22 1.82 8.62
C TRP A 14 10.58 2.48 7.29
N GLU A 15 11.87 2.69 7.06
CA GLU A 15 12.33 3.36 5.84
C GLU A 15 12.04 2.51 4.61
N GLY A 16 10.89 2.78 4.01
CA GLY A 16 10.47 2.08 2.82
C GLY A 16 9.40 2.88 2.10
N GLY A 17 8.56 2.19 1.35
CA GLY A 17 7.47 2.87 0.69
C GLY A 17 6.43 1.90 0.17
N ILE A 18 5.48 2.42 -0.60
CA ILE A 18 4.42 1.58 -1.13
C ILE A 18 4.28 1.78 -2.64
N ARG A 19 4.16 0.67 -3.32
CA ARG A 19 4.04 0.64 -4.76
C ARG A 19 2.59 0.50 -5.17
N TYR A 20 2.12 1.40 -6.02
CA TYR A 20 0.77 1.31 -6.55
C TYR A 20 0.83 0.69 -7.95
N ARG A 21 -0.29 0.70 -8.66
CA ARG A 21 -0.31 0.13 -10.00
C ARG A 21 -0.28 1.23 -11.05
N GLY A 22 -1.34 2.02 -11.12
CA GLY A 22 -1.42 3.08 -12.09
C GLY A 22 -1.32 4.45 -11.46
N LEU A 23 -0.33 4.62 -10.59
CA LEU A 23 -0.14 5.88 -9.90
C LEU A 23 1.33 6.27 -9.87
N THR A 24 1.68 7.24 -10.71
CA THR A 24 3.03 7.79 -10.73
C THR A 24 3.13 8.94 -9.71
N ARG A 25 4.30 9.58 -9.64
CA ARG A 25 4.55 10.64 -8.67
C ARG A 25 3.65 11.86 -8.91
N ASP A 26 3.90 12.93 -8.15
CA ASP A 26 3.03 14.12 -8.09
C ASP A 26 1.71 13.78 -7.41
N GLN A 27 1.11 12.66 -7.79
CA GLN A 27 -0.09 12.15 -7.16
C GLN A 27 0.23 11.52 -5.80
N VAL A 28 -0.65 10.61 -5.36
CA VAL A 28 -0.50 9.88 -4.07
C VAL A 28 -0.22 10.82 -2.90
N LYS A 29 -0.68 12.06 -3.05
CA LYS A 29 -0.44 13.09 -2.05
C LYS A 29 -1.64 13.21 -1.12
N ALA A 30 -2.82 12.89 -1.63
CA ALA A 30 -4.02 12.95 -0.84
C ALA A 30 -5.09 12.03 -1.41
N ILE A 31 -5.17 10.84 -0.85
CA ILE A 31 -6.19 9.87 -1.21
C ILE A 31 -6.85 9.38 0.06
N ASN A 32 -8.16 9.19 0.02
CA ASN A 32 -8.88 8.75 1.21
C ASN A 32 -9.32 7.30 1.05
N PHE A 33 -9.70 6.93 -0.16
CA PHE A 33 -10.15 5.57 -0.41
C PHE A 33 -9.54 5.02 -1.70
N LEU A 34 -8.63 4.07 -1.55
CA LEU A 34 -8.13 3.31 -2.68
C LEU A 34 -9.14 2.22 -3.01
N PRO A 35 -9.65 2.20 -4.25
CA PRO A 35 -10.73 1.31 -4.66
C PRO A 35 -10.54 -0.14 -4.22
N VAL A 36 -11.62 -0.77 -3.77
CA VAL A 36 -11.61 -2.17 -3.40
C VAL A 36 -11.01 -3.04 -4.50
N ASP A 37 -10.27 -4.08 -4.11
CA ASP A 37 -9.61 -5.02 -5.02
C ASP A 37 -8.29 -4.46 -5.57
N TYR A 38 -7.99 -3.21 -5.23
CA TYR A 38 -6.71 -2.60 -5.62
C TYR A 38 -5.57 -3.32 -4.90
N GLU A 39 -4.45 -3.52 -5.59
CA GLU A 39 -3.32 -4.24 -5.03
C GLU A 39 -2.09 -3.35 -4.96
N ILE A 40 -1.57 -3.17 -3.75
CA ILE A 40 -0.35 -2.39 -3.55
C ILE A 40 0.79 -3.28 -3.07
N GLU A 41 2.02 -2.79 -3.22
CA GLU A 41 3.20 -3.57 -2.90
C GLU A 41 4.09 -2.82 -1.91
N TYR A 42 4.86 -3.57 -1.12
CA TYR A 42 5.75 -2.99 -0.12
C TYR A 42 7.19 -2.99 -0.61
N VAL A 43 7.66 -1.83 -1.03
CA VAL A 43 9.04 -1.68 -1.47
C VAL A 43 9.85 -0.96 -0.40
N CYS A 44 11.18 -0.99 -0.54
CA CYS A 44 12.05 -0.31 0.41
C CYS A 44 12.32 1.11 -0.08
N ARG A 45 12.97 1.90 0.75
CA ARG A 45 13.20 3.29 0.45
C ARG A 45 14.34 3.44 -0.56
N GLY A 46 13.98 3.59 -1.83
CA GLY A 46 14.96 3.89 -2.85
C GLY A 46 15.37 2.68 -3.66
N GLU A 47 16.67 2.39 -3.65
CA GLU A 47 17.23 1.32 -4.48
C GLU A 47 17.57 0.11 -3.62
N ARG A 48 16.77 -0.11 -2.59
CA ARG A 48 16.96 -1.25 -1.70
C ARG A 48 15.78 -2.20 -1.85
N GLU A 49 16.04 -3.50 -1.76
CA GLU A 49 14.98 -4.49 -1.92
C GLU A 49 14.60 -5.13 -0.58
N VAL A 50 13.45 -5.78 -0.57
CA VAL A 50 12.91 -6.43 0.62
C VAL A 50 12.54 -7.87 0.32
N VAL A 51 12.58 -8.73 1.33
CA VAL A 51 12.06 -10.07 1.17
C VAL A 51 10.84 -10.28 2.09
N GLY A 52 9.67 -10.12 1.52
CA GLY A 52 8.45 -10.32 2.28
C GLY A 52 7.28 -10.69 1.40
N PRO A 53 6.17 -11.16 1.98
CA PRO A 53 4.92 -11.34 1.24
C PRO A 53 4.25 -10.00 0.95
N LYS A 54 4.92 -9.19 0.14
CA LYS A 54 4.48 -7.83 -0.13
C LYS A 54 3.33 -7.80 -1.14
N VAL A 55 2.12 -7.86 -0.62
CA VAL A 55 0.92 -7.78 -1.43
C VAL A 55 -0.28 -7.40 -0.57
N ARG A 56 -1.00 -6.39 -1.00
CA ARG A 56 -2.21 -5.95 -0.30
C ARG A 56 -3.36 -5.84 -1.28
N LYS A 57 -4.52 -6.32 -0.89
CA LYS A 57 -5.71 -6.15 -1.69
C LYS A 57 -6.78 -5.47 -0.85
N CYS A 58 -7.29 -4.35 -1.35
CA CYS A 58 -8.27 -3.58 -0.61
C CYS A 58 -9.59 -4.35 -0.50
N LEU A 59 -10.19 -4.31 0.67
CA LEU A 59 -11.41 -5.06 0.94
C LEU A 59 -12.63 -4.13 0.92
N ALA A 60 -13.79 -4.71 1.17
CA ALA A 60 -15.04 -3.93 1.22
C ALA A 60 -15.20 -3.23 2.57
N ASN A 61 -14.08 -3.02 3.25
CA ASN A 61 -14.06 -2.35 4.53
C ASN A 61 -12.86 -1.41 4.59
N GLY A 62 -12.79 -0.59 5.63
CA GLY A 62 -11.75 0.42 5.71
C GLY A 62 -10.40 -0.11 6.15
N SER A 63 -9.92 -1.15 5.49
CA SER A 63 -8.61 -1.73 5.77
C SER A 63 -8.23 -2.74 4.70
N TRP A 64 -6.95 -3.03 4.57
CA TRP A 64 -6.45 -3.96 3.56
C TRP A 64 -6.50 -5.39 4.10
N THR A 65 -6.10 -6.35 3.27
CA THR A 65 -6.16 -7.76 3.62
C THR A 65 -5.36 -8.09 4.88
N ASP A 66 -4.25 -7.40 5.08
CA ASP A 66 -3.41 -7.64 6.25
C ASP A 66 -2.70 -6.36 6.65
N MET A 67 -2.52 -6.14 7.94
CA MET A 67 -1.54 -5.16 8.38
C MET A 67 -0.74 -5.73 9.55
N ASP A 68 0.20 -6.60 9.21
CA ASP A 68 1.31 -6.99 10.08
C ASP A 68 2.30 -7.80 9.27
N THR A 69 3.26 -7.16 8.64
CA THR A 69 4.18 -7.86 7.78
C THR A 69 5.58 -7.27 7.86
N PRO A 70 6.52 -8.03 8.40
CA PRO A 70 7.91 -7.59 8.59
C PRO A 70 8.71 -7.62 7.29
N SER A 71 8.25 -6.86 6.30
CA SER A 71 8.98 -6.72 5.06
C SER A 71 10.24 -5.89 5.30
N ARG A 72 11.35 -6.58 5.45
CA ARG A 72 12.59 -5.95 5.84
C ARG A 72 13.53 -5.74 4.66
N CYS A 73 14.19 -4.60 4.65
CA CYS A 73 15.14 -4.26 3.60
C CYS A 73 16.43 -5.05 3.80
N VAL A 74 16.73 -5.93 2.86
CA VAL A 74 17.92 -6.76 2.94
C VAL A 74 18.43 -7.07 1.54
N ARG A 75 19.71 -6.83 1.33
CA ARG A 75 20.32 -7.04 0.04
C ARG A 75 21.16 -8.30 0.05
N GLY A 1 -26.21 7.19 1.60
CA GLY A 1 -26.48 7.32 0.15
C GLY A 1 -25.27 6.98 -0.68
N PRO A 2 -24.47 7.99 -1.08
CA PRO A 2 -23.25 7.77 -1.86
C PRO A 2 -22.17 7.07 -1.03
N THR A 3 -22.14 5.76 -1.12
CA THR A 3 -21.18 4.96 -0.37
C THR A 3 -19.96 4.63 -1.23
N SER A 4 -18.80 4.62 -0.59
CA SER A 4 -17.58 4.23 -1.24
C SER A 4 -16.67 3.53 -0.24
N GLU A 5 -16.68 2.21 -0.27
CA GLU A 5 -15.86 1.42 0.62
C GLU A 5 -14.50 1.17 0.01
N GLY A 6 -13.49 1.72 0.63
CA GLY A 6 -12.13 1.56 0.15
C GLY A 6 -11.14 1.57 1.29
N CYS A 7 -9.88 1.42 0.95
CA CYS A 7 -8.82 1.39 1.94
C CYS A 7 -8.18 2.77 2.06
N GLN A 8 -7.95 3.20 3.30
CA GLN A 8 -7.35 4.51 3.56
C GLN A 8 -5.86 4.51 3.21
N ILE A 9 -5.25 5.68 3.36
CA ILE A 9 -3.82 5.81 3.11
C ILE A 9 -3.04 5.50 4.38
N ILE A 10 -2.24 4.45 4.31
CA ILE A 10 -1.41 4.04 5.43
C ILE A 10 -0.29 5.05 5.66
N HIS A 11 0.02 5.32 6.92
CA HIS A 11 1.13 6.21 7.24
C HIS A 11 2.44 5.49 6.98
N PRO A 12 3.42 6.17 6.38
CA PRO A 12 4.72 5.59 6.09
C PRO A 12 5.40 5.06 7.35
N PRO A 13 5.65 3.75 7.40
CA PRO A 13 6.26 3.11 8.56
C PRO A 13 7.77 3.33 8.61
N TRP A 14 8.49 2.34 9.10
CA TRP A 14 9.95 2.41 9.14
C TRP A 14 10.50 2.65 7.74
N GLU A 15 11.62 3.36 7.66
CA GLU A 15 12.19 3.81 6.39
C GLU A 15 12.19 2.76 5.29
N GLY A 16 11.23 2.90 4.40
CA GLY A 16 11.13 2.08 3.23
C GLY A 16 10.39 2.81 2.12
N GLY A 17 9.29 2.24 1.67
CA GLY A 17 8.45 2.93 0.73
C GLY A 17 7.25 2.11 0.34
N ILE A 18 6.49 2.56 -0.65
CA ILE A 18 5.34 1.82 -1.14
C ILE A 18 5.21 1.97 -2.65
N ARG A 19 5.08 0.83 -3.30
CA ARG A 19 4.96 0.77 -4.74
C ARG A 19 3.50 0.54 -5.09
N TYR A 20 3.01 1.19 -6.13
CA TYR A 20 1.62 1.04 -6.50
C TYR A 20 1.49 0.19 -7.76
N ARG A 21 0.28 0.08 -8.28
CA ARG A 21 0.04 -0.79 -9.43
C ARG A 21 -0.78 -0.06 -10.49
N GLY A 22 -1.37 1.05 -10.10
CA GLY A 22 -2.13 1.86 -11.04
C GLY A 22 -2.00 3.33 -10.72
N LEU A 23 -0.89 3.70 -10.10
CA LEU A 23 -0.64 5.08 -9.71
C LEU A 23 0.83 5.42 -9.86
N THR A 24 1.11 6.55 -10.48
CA THR A 24 2.47 7.03 -10.65
C THR A 24 2.85 7.94 -9.47
N ARG A 25 4.07 8.47 -9.50
CA ARG A 25 4.58 9.28 -8.38
C ARG A 25 3.91 10.66 -8.33
N ASP A 26 4.39 11.50 -7.42
CA ASP A 26 3.85 12.85 -7.20
C ASP A 26 2.33 12.81 -7.00
N GLN A 27 1.85 11.74 -6.40
CA GLN A 27 0.43 11.58 -6.14
C GLN A 27 0.20 11.14 -4.71
N VAL A 28 -1.01 10.65 -4.43
CA VAL A 28 -1.42 10.14 -3.11
C VAL A 28 -1.06 11.10 -1.97
N LYS A 29 -1.18 12.39 -2.25
CA LYS A 29 -0.93 13.42 -1.23
C LYS A 29 -2.13 13.53 -0.32
N ALA A 30 -3.31 13.45 -0.92
CA ALA A 30 -4.55 13.47 -0.16
C ALA A 30 -5.64 12.69 -0.90
N ILE A 31 -5.70 11.40 -0.62
CA ILE A 31 -6.74 10.54 -1.17
C ILE A 31 -7.53 9.92 -0.03
N ASN A 32 -8.85 9.91 -0.15
CA ASN A 32 -9.69 9.44 0.95
C ASN A 32 -9.74 7.92 0.98
N PHE A 33 -9.99 7.31 -0.18
CA PHE A 33 -10.08 5.86 -0.27
C PHE A 33 -9.41 5.35 -1.54
N LEU A 34 -8.68 4.26 -1.40
CA LEU A 34 -8.15 3.54 -2.55
C LEU A 34 -9.20 2.56 -3.04
N PRO A 35 -9.38 2.44 -4.37
CA PRO A 35 -10.40 1.58 -4.96
C PRO A 35 -10.23 0.11 -4.56
N VAL A 36 -11.36 -0.58 -4.41
CA VAL A 36 -11.35 -2.00 -4.09
C VAL A 36 -10.68 -2.79 -5.22
N ASP A 37 -9.98 -3.87 -4.84
CA ASP A 37 -9.26 -4.74 -5.79
C ASP A 37 -7.93 -4.11 -6.23
N TYR A 38 -7.61 -2.95 -5.66
CA TYR A 38 -6.33 -2.32 -5.93
C TYR A 38 -5.23 -2.98 -5.12
N GLU A 39 -4.02 -3.00 -5.67
CA GLU A 39 -2.89 -3.67 -5.04
C GLU A 39 -1.72 -2.70 -4.85
N ILE A 40 -1.00 -2.86 -3.75
CA ILE A 40 0.21 -2.08 -3.50
C ILE A 40 1.32 -2.98 -2.96
N GLU A 41 2.57 -2.56 -3.20
CA GLU A 41 3.73 -3.33 -2.75
C GLU A 41 4.55 -2.51 -1.75
N TYR A 42 5.31 -3.19 -0.90
CA TYR A 42 6.18 -2.53 0.06
C TYR A 42 7.63 -2.59 -0.39
N VAL A 43 8.12 -1.51 -0.95
CA VAL A 43 9.52 -1.43 -1.35
C VAL A 43 10.36 -0.88 -0.20
N CYS A 44 11.66 -0.93 -0.35
CA CYS A 44 12.56 -0.41 0.67
C CYS A 44 13.06 0.96 0.24
N ARG A 45 13.79 1.65 1.11
CA ARG A 45 14.34 2.95 0.78
C ARG A 45 15.28 2.86 -0.42
N GLY A 46 14.90 3.52 -1.49
CA GLY A 46 15.69 3.49 -2.71
C GLY A 46 15.32 2.31 -3.59
N GLU A 47 16.34 1.60 -4.06
CA GLU A 47 16.13 0.48 -4.96
C GLU A 47 16.56 -0.84 -4.31
N ARG A 48 16.34 -0.94 -3.01
CA ARG A 48 16.65 -2.16 -2.26
C ARG A 48 15.43 -3.06 -2.27
N GLU A 49 15.60 -4.25 -2.82
CA GLU A 49 14.50 -5.21 -2.91
C GLU A 49 14.28 -5.89 -1.57
N VAL A 50 13.03 -6.23 -1.28
CA VAL A 50 12.70 -6.86 -0.02
C VAL A 50 12.18 -8.28 -0.24
N VAL A 51 12.47 -9.17 0.68
CA VAL A 51 11.89 -10.50 0.65
C VAL A 51 10.80 -10.60 1.72
N GLY A 52 9.57 -10.38 1.31
CA GLY A 52 8.47 -10.38 2.23
C GLY A 52 7.17 -10.73 1.54
N PRO A 53 6.09 -10.93 2.30
CA PRO A 53 4.75 -11.07 1.74
C PRO A 53 4.21 -9.72 1.29
N LYS A 54 4.96 -9.07 0.41
CA LYS A 54 4.67 -7.71 0.01
C LYS A 54 3.53 -7.64 -1.00
N VAL A 55 2.33 -7.60 -0.47
CA VAL A 55 1.15 -7.37 -1.28
C VAL A 55 -0.01 -6.94 -0.40
N ARG A 56 -0.64 -5.84 -0.75
CA ARG A 56 -1.84 -5.39 -0.06
C ARG A 56 -3.00 -5.38 -1.04
N LYS A 57 -4.02 -6.15 -0.74
CA LYS A 57 -5.19 -6.21 -1.59
C LYS A 57 -6.32 -5.43 -0.93
N CYS A 58 -6.82 -4.42 -1.61
CA CYS A 58 -7.89 -3.61 -1.07
C CYS A 58 -9.22 -4.32 -1.23
N LEU A 59 -10.00 -4.35 -0.16
CA LEU A 59 -11.23 -5.12 -0.13
C LEU A 59 -12.44 -4.21 0.05
N ALA A 60 -13.63 -4.80 0.12
CA ALA A 60 -14.85 -4.04 0.31
C ALA A 60 -14.99 -3.61 1.77
N ASN A 61 -14.12 -4.15 2.62
CA ASN A 61 -14.04 -3.71 4.00
C ASN A 61 -12.96 -2.65 4.12
N GLY A 62 -13.11 -1.77 5.10
CA GLY A 62 -12.21 -0.63 5.23
C GLY A 62 -10.87 -0.98 5.84
N SER A 63 -10.20 -1.96 5.26
CA SER A 63 -8.88 -2.37 5.70
C SER A 63 -8.24 -3.28 4.66
N TRP A 64 -6.92 -3.31 4.61
CA TRP A 64 -6.22 -4.16 3.68
C TRP A 64 -6.30 -5.61 4.14
N THR A 65 -5.96 -6.54 3.24
CA THR A 65 -6.04 -7.97 3.51
C THR A 65 -5.35 -8.38 4.82
N ASP A 66 -4.17 -7.81 5.07
CA ASP A 66 -3.44 -8.08 6.30
C ASP A 66 -2.46 -6.94 6.57
N MET A 67 -2.95 -5.79 7.01
CA MET A 67 -2.06 -4.66 7.13
C MET A 67 -1.38 -4.62 8.50
N ASP A 68 -0.34 -5.43 8.61
CA ASP A 68 0.66 -5.33 9.67
C ASP A 68 1.82 -6.22 9.28
N THR A 69 2.77 -5.69 8.55
CA THR A 69 3.80 -6.52 7.95
C THR A 69 5.05 -5.71 7.60
N PRO A 70 6.17 -6.01 8.25
CA PRO A 70 7.45 -5.38 7.93
C PRO A 70 8.12 -6.05 6.73
N SER A 71 8.44 -5.25 5.72
CA SER A 71 9.12 -5.77 4.54
C SER A 71 10.61 -5.90 4.81
N ARG A 72 11.17 -7.03 4.45
CA ARG A 72 12.55 -7.36 4.82
C ARG A 72 13.52 -7.00 3.70
N CYS A 73 14.17 -5.85 3.83
CA CYS A 73 15.17 -5.42 2.86
C CYS A 73 16.41 -6.31 2.94
N VAL A 74 16.54 -7.24 2.00
CA VAL A 74 17.60 -8.23 2.06
C VAL A 74 18.26 -8.44 0.70
N ARG A 75 19.56 -8.18 0.65
CA ARG A 75 20.37 -8.52 -0.51
C ARG A 75 21.49 -9.46 -0.09
N GLY A 1 -26.80 6.78 3.24
CA GLY A 1 -26.21 7.94 2.53
C GLY A 1 -25.17 7.52 1.52
N PRO A 2 -24.73 8.43 0.63
CA PRO A 2 -23.67 8.15 -0.34
C PRO A 2 -22.37 7.76 0.35
N THR A 3 -21.96 6.51 0.16
CA THR A 3 -20.76 5.99 0.82
C THR A 3 -19.63 5.78 -0.17
N SER A 4 -18.43 6.16 0.24
CA SER A 4 -17.23 5.87 -0.54
C SER A 4 -16.46 4.74 0.15
N GLU A 5 -16.63 3.52 -0.35
CA GLU A 5 -16.03 2.37 0.30
C GLU A 5 -14.69 2.02 -0.34
N GLY A 6 -13.63 2.27 0.41
CA GLY A 6 -12.30 1.97 -0.06
C GLY A 6 -11.31 1.92 1.09
N CYS A 7 -10.07 1.65 0.78
CA CYS A 7 -9.02 1.61 1.78
C CYS A 7 -8.24 2.93 1.78
N GLN A 8 -7.81 3.36 2.96
CA GLN A 8 -7.06 4.60 3.08
C GLN A 8 -5.57 4.33 2.89
N ILE A 9 -4.77 5.38 3.03
CA ILE A 9 -3.32 5.26 2.91
C ILE A 9 -2.72 4.92 4.28
N ILE A 10 -1.97 3.83 4.32
CA ILE A 10 -1.36 3.35 5.56
C ILE A 10 -0.09 4.14 5.85
N HIS A 11 0.25 4.29 7.12
CA HIS A 11 1.53 4.88 7.50
C HIS A 11 2.67 4.01 6.98
N PRO A 12 3.75 4.62 6.50
CA PRO A 12 4.92 3.88 6.01
C PRO A 12 5.61 3.10 7.12
N PRO A 13 6.22 1.96 6.77
CA PRO A 13 7.02 1.16 7.71
C PRO A 13 8.39 1.81 7.95
N TRP A 14 9.44 1.01 7.87
CA TRP A 14 10.80 1.53 8.00
C TRP A 14 11.19 2.27 6.71
N GLU A 15 12.41 2.81 6.68
CA GLU A 15 12.89 3.60 5.52
C GLU A 15 12.54 2.96 4.18
N GLY A 16 11.49 3.48 3.56
CA GLY A 16 11.03 2.98 2.29
C GLY A 16 9.76 3.67 1.87
N GLY A 17 8.86 2.93 1.24
CA GLY A 17 7.59 3.49 0.85
C GLY A 17 6.64 2.44 0.30
N ILE A 18 5.54 2.89 -0.27
CA ILE A 18 4.57 1.97 -0.84
C ILE A 18 4.42 2.22 -2.33
N ARG A 19 4.59 1.17 -3.09
CA ARG A 19 4.46 1.23 -4.53
C ARG A 19 3.09 0.70 -4.92
N TYR A 20 2.25 1.56 -5.46
CA TYR A 20 0.89 1.18 -5.79
C TYR A 20 0.85 0.35 -7.07
N ARG A 21 -0.36 0.08 -7.56
CA ARG A 21 -0.52 -0.81 -8.71
C ARG A 21 -0.42 -0.03 -10.01
N GLY A 22 -1.00 1.16 -10.02
CA GLY A 22 -0.97 2.01 -11.19
C GLY A 22 -1.09 3.47 -10.84
N LEU A 23 -0.14 3.97 -10.05
CA LEU A 23 -0.14 5.37 -9.65
C LEU A 23 1.26 5.97 -9.77
N THR A 24 1.33 7.10 -10.45
CA THR A 24 2.57 7.86 -10.60
C THR A 24 2.65 8.96 -9.54
N ARG A 25 3.71 9.77 -9.62
CA ARG A 25 3.90 10.90 -8.70
C ARG A 25 2.75 11.91 -8.80
N ASP A 26 2.91 13.06 -8.13
CA ASP A 26 1.87 14.10 -8.05
C ASP A 26 0.69 13.63 -7.20
N GLN A 27 0.37 12.35 -7.29
CA GLN A 27 -0.73 11.75 -6.57
C GLN A 27 -0.28 11.21 -5.22
N VAL A 28 -1.17 10.44 -4.59
CA VAL A 28 -0.92 9.70 -3.33
C VAL A 28 -0.52 10.63 -2.17
N LYS A 29 -0.70 11.92 -2.37
CA LYS A 29 -0.44 12.90 -1.32
C LYS A 29 -1.57 12.93 -0.32
N ALA A 30 -2.76 12.57 -0.79
CA ALA A 30 -3.94 12.49 0.05
C ALA A 30 -5.05 11.75 -0.67
N ILE A 31 -5.10 10.44 -0.46
CA ILE A 31 -6.16 9.63 -1.03
C ILE A 31 -7.07 9.15 0.10
N ASN A 32 -8.36 9.41 -0.06
CA ASN A 32 -9.31 9.09 0.99
C ASN A 32 -9.67 7.61 0.94
N PHE A 33 -9.94 7.12 -0.27
CA PHE A 33 -10.32 5.72 -0.45
C PHE A 33 -9.80 5.19 -1.79
N LEU A 34 -9.00 4.13 -1.72
CA LEU A 34 -8.55 3.43 -2.92
C LEU A 34 -9.66 2.51 -3.43
N PRO A 35 -9.69 2.23 -4.75
CA PRO A 35 -10.69 1.32 -5.34
C PRO A 35 -10.53 -0.12 -4.84
N VAL A 36 -11.58 -0.91 -4.99
CA VAL A 36 -11.58 -2.28 -4.51
C VAL A 36 -10.66 -3.16 -5.38
N ASP A 37 -10.01 -4.13 -4.73
CA ASP A 37 -9.10 -5.08 -5.38
C ASP A 37 -7.81 -4.38 -5.82
N TYR A 38 -7.63 -3.14 -5.38
CA TYR A 38 -6.39 -2.43 -5.63
C TYR A 38 -5.29 -3.03 -4.77
N GLU A 39 -4.10 -3.20 -5.32
CA GLU A 39 -3.02 -3.86 -4.61
C GLU A 39 -1.78 -2.99 -4.57
N ILE A 40 -0.94 -3.20 -3.57
CA ILE A 40 0.26 -2.39 -3.38
C ILE A 40 1.48 -3.27 -3.08
N GLU A 41 2.66 -2.67 -3.25
CA GLU A 41 3.93 -3.33 -2.97
C GLU A 41 4.72 -2.53 -1.93
N TYR A 42 5.51 -3.24 -1.13
CA TYR A 42 6.36 -2.61 -0.14
C TYR A 42 7.77 -2.42 -0.71
N VAL A 43 8.09 -1.21 -1.11
CA VAL A 43 9.41 -0.91 -1.65
C VAL A 43 10.29 -0.23 -0.60
N CYS A 44 11.58 -0.54 -0.61
CA CYS A 44 12.52 0.04 0.33
C CYS A 44 13.12 1.30 -0.29
N ARG A 45 13.96 2.01 0.47
CA ARG A 45 14.58 3.24 -0.01
C ARG A 45 15.47 2.99 -1.22
N GLY A 46 15.26 3.78 -2.27
CA GLY A 46 16.08 3.66 -3.46
C GLY A 46 15.92 2.31 -4.13
N GLU A 47 17.04 1.68 -4.47
CA GLU A 47 17.00 0.34 -5.04
C GLU A 47 17.28 -0.70 -3.96
N ARG A 48 16.23 -1.05 -3.25
CA ARG A 48 16.32 -2.07 -2.20
C ARG A 48 15.03 -2.87 -2.16
N GLU A 49 15.17 -4.18 -2.11
CA GLU A 49 14.01 -5.05 -2.06
C GLU A 49 13.79 -5.57 -0.65
N VAL A 50 12.54 -5.88 -0.35
CA VAL A 50 12.21 -6.54 0.90
C VAL A 50 11.67 -7.94 0.60
N VAL A 51 12.32 -8.96 1.12
CA VAL A 51 11.83 -10.31 0.90
C VAL A 51 10.73 -10.63 1.93
N GLY A 52 9.51 -10.40 1.51
CA GLY A 52 8.37 -10.59 2.37
C GLY A 52 7.13 -10.84 1.56
N PRO A 53 6.01 -11.20 2.19
CA PRO A 53 4.72 -11.33 1.50
C PRO A 53 4.15 -9.95 1.16
N LYS A 54 4.93 -9.18 0.39
CA LYS A 54 4.56 -7.80 0.09
C LYS A 54 3.49 -7.73 -0.99
N VAL A 55 2.24 -7.83 -0.56
CA VAL A 55 1.09 -7.62 -1.41
C VAL A 55 -0.14 -7.39 -0.54
N ARG A 56 -0.86 -6.32 -0.80
CA ARG A 56 -2.05 -6.01 -0.02
C ARG A 56 -3.20 -5.72 -0.96
N LYS A 57 -4.29 -6.43 -0.80
CA LYS A 57 -5.47 -6.21 -1.63
C LYS A 57 -6.48 -5.37 -0.87
N CYS A 58 -6.98 -4.34 -1.52
CA CYS A 58 -8.02 -3.51 -0.94
C CYS A 58 -9.37 -4.20 -1.09
N LEU A 59 -10.18 -4.15 -0.04
CA LEU A 59 -11.48 -4.80 -0.06
C LEU A 59 -12.58 -3.76 0.06
N ALA A 60 -13.84 -4.21 0.09
CA ALA A 60 -14.97 -3.32 0.22
C ALA A 60 -14.97 -2.66 1.61
N ASN A 61 -14.39 -3.35 2.57
CA ASN A 61 -14.22 -2.79 3.90
C ASN A 61 -13.02 -1.85 3.91
N GLY A 62 -13.07 -0.85 4.78
CA GLY A 62 -12.03 0.16 4.80
C GLY A 62 -10.74 -0.32 5.44
N SER A 63 -10.08 -1.27 4.81
CA SER A 63 -8.79 -1.75 5.26
C SER A 63 -8.22 -2.74 4.25
N TRP A 64 -6.91 -2.78 4.14
CA TRP A 64 -6.24 -3.71 3.27
C TRP A 64 -6.24 -5.09 3.90
N THR A 65 -6.11 -6.13 3.08
CA THR A 65 -6.23 -7.52 3.53
C THR A 65 -5.35 -7.83 4.74
N ASP A 66 -4.11 -7.42 4.71
CA ASP A 66 -3.15 -7.78 5.74
C ASP A 66 -2.46 -6.55 6.30
N MET A 67 -2.63 -6.26 7.58
CA MET A 67 -1.80 -5.23 8.19
C MET A 67 -1.10 -5.78 9.43
N ASP A 68 -0.03 -6.54 9.20
CA ASP A 68 0.96 -6.85 10.22
C ASP A 68 2.15 -7.54 9.57
N THR A 69 3.13 -6.76 9.12
CA THR A 69 4.31 -7.34 8.48
C THR A 69 5.47 -6.38 8.48
N PRO A 70 6.49 -6.66 9.31
CA PRO A 70 7.75 -5.93 9.26
C PRO A 70 8.60 -6.39 8.07
N SER A 71 8.45 -5.70 6.96
CA SER A 71 9.16 -6.06 5.74
C SER A 71 10.65 -5.73 5.88
N ARG A 72 11.47 -6.78 5.94
CA ARG A 72 12.90 -6.60 6.15
C ARG A 72 13.59 -6.21 4.84
N CYS A 73 14.20 -5.05 4.85
CA CYS A 73 14.93 -4.54 3.70
C CYS A 73 16.31 -5.18 3.64
N VAL A 74 16.51 -6.04 2.66
CA VAL A 74 17.76 -6.79 2.57
C VAL A 74 18.03 -7.24 1.13
N ARG A 75 19.25 -6.98 0.68
CA ARG A 75 19.70 -7.43 -0.62
C ARG A 75 21.17 -7.83 -0.53
N GLY A 1 -23.64 1.24 -7.19
CA GLY A 1 -23.98 2.66 -7.41
C GLY A 1 -23.09 3.58 -6.60
N PRO A 2 -23.67 4.54 -5.87
CA PRO A 2 -22.92 5.52 -5.07
C PRO A 2 -22.44 4.94 -3.73
N THR A 3 -22.13 3.66 -3.71
CA THR A 3 -21.64 3.01 -2.51
C THR A 3 -20.15 3.30 -2.31
N SER A 4 -19.67 3.08 -1.09
CA SER A 4 -18.29 3.42 -0.76
C SER A 4 -17.53 2.21 -0.21
N GLU A 5 -16.76 1.57 -1.09
CA GLU A 5 -15.87 0.49 -0.68
C GLU A 5 -14.44 0.88 -0.99
N GLY A 6 -13.71 1.31 0.02
CA GLY A 6 -12.35 1.75 -0.19
C GLY A 6 -11.51 1.74 1.06
N CYS A 7 -10.24 1.46 0.89
CA CYS A 7 -9.28 1.49 1.97
C CYS A 7 -8.79 2.91 2.21
N GLN A 8 -8.29 3.18 3.40
CA GLN A 8 -7.79 4.50 3.74
C GLN A 8 -6.35 4.68 3.31
N ILE A 9 -5.78 5.84 3.62
CA ILE A 9 -4.38 6.10 3.37
C ILE A 9 -3.55 5.62 4.55
N ILE A 10 -2.70 4.66 4.29
CA ILE A 10 -1.87 4.07 5.32
C ILE A 10 -0.55 4.82 5.44
N HIS A 11 0.01 4.85 6.64
CA HIS A 11 1.22 5.62 6.90
C HIS A 11 2.46 4.79 6.62
N PRO A 12 3.51 5.44 6.10
CA PRO A 12 4.80 4.78 5.81
C PRO A 12 5.52 4.38 7.09
N PRO A 13 6.06 3.15 7.13
CA PRO A 13 6.79 2.63 8.27
C PRO A 13 8.28 2.98 8.23
N TRP A 14 9.09 2.11 8.82
CA TRP A 14 10.54 2.27 8.83
C TRP A 14 11.11 2.21 7.40
N GLU A 15 12.43 2.30 7.28
CA GLU A 15 13.14 2.41 6.00
C GLU A 15 12.53 1.55 4.90
N GLY A 16 11.74 2.20 4.04
CA GLY A 16 11.06 1.51 2.98
C GLY A 16 10.05 2.43 2.32
N GLY A 17 9.23 1.89 1.42
CA GLY A 17 8.23 2.69 0.75
C GLY A 17 7.09 1.84 0.23
N ILE A 18 6.22 2.46 -0.55
CA ILE A 18 5.06 1.74 -1.09
C ILE A 18 4.94 1.95 -2.58
N ARG A 19 4.64 0.87 -3.28
CA ARG A 19 4.53 0.89 -4.71
C ARG A 19 3.11 0.54 -5.13
N TYR A 20 2.46 1.47 -5.83
CA TYR A 20 1.08 1.27 -6.25
C TYR A 20 1.04 0.49 -7.56
N ARG A 21 -0.14 0.39 -8.15
CA ARG A 21 -0.31 -0.34 -9.40
C ARG A 21 -0.20 0.63 -10.57
N GLY A 22 -1.03 1.66 -10.55
CA GLY A 22 -1.03 2.63 -11.64
C GLY A 22 -1.31 4.02 -11.15
N LEU A 23 -0.38 4.58 -10.40
CA LEU A 23 -0.50 5.95 -9.91
C LEU A 23 0.85 6.65 -10.00
N THR A 24 0.90 7.71 -10.78
CA THR A 24 2.11 8.49 -10.94
C THR A 24 2.29 9.45 -9.77
N ARG A 25 3.37 10.22 -9.76
CA ARG A 25 3.68 11.10 -8.65
C ARG A 25 2.84 12.37 -8.69
N ASP A 26 3.17 13.32 -7.81
CA ASP A 26 2.33 14.50 -7.55
C ASP A 26 1.02 14.10 -6.88
N GLN A 27 0.41 13.03 -7.37
CA GLN A 27 -0.77 12.45 -6.76
C GLN A 27 -0.40 11.78 -5.43
N VAL A 28 -1.35 11.03 -4.87
CA VAL A 28 -1.19 10.30 -3.60
C VAL A 28 -0.82 11.23 -2.45
N LYS A 29 -0.88 12.54 -2.69
CA LYS A 29 -0.72 13.53 -1.64
C LYS A 29 -2.05 13.72 -0.93
N ALA A 30 -3.11 13.33 -1.62
CA ALA A 30 -4.46 13.39 -1.10
C ALA A 30 -5.35 12.38 -1.81
N ILE A 31 -5.60 11.27 -1.14
CA ILE A 31 -6.48 10.23 -1.66
C ILE A 31 -7.63 10.03 -0.66
N ASN A 32 -8.81 9.75 -1.18
CA ASN A 32 -9.96 9.54 -0.32
C ASN A 32 -10.05 8.07 0.08
N PHE A 33 -10.30 7.21 -0.91
CA PHE A 33 -10.34 5.77 -0.67
C PHE A 33 -9.75 5.02 -1.85
N LEU A 34 -9.03 3.96 -1.56
CA LEU A 34 -8.51 3.08 -2.61
C LEU A 34 -9.60 2.09 -3.01
N PRO A 35 -9.83 1.91 -4.32
CA PRO A 35 -10.89 1.01 -4.81
C PRO A 35 -10.70 -0.43 -4.33
N VAL A 36 -11.80 -1.08 -3.97
CA VAL A 36 -11.76 -2.45 -3.48
C VAL A 36 -11.35 -3.42 -4.59
N ASP A 37 -10.04 -3.54 -4.76
CA ASP A 37 -9.41 -4.39 -5.76
C ASP A 37 -7.95 -4.01 -5.89
N TYR A 38 -7.69 -2.72 -5.65
CA TYR A 38 -6.36 -2.14 -5.83
C TYR A 38 -5.32 -2.87 -5.00
N GLU A 39 -4.17 -3.10 -5.60
CA GLU A 39 -3.10 -3.84 -4.95
C GLU A 39 -1.83 -3.00 -4.89
N ILE A 40 -1.13 -3.07 -3.77
CA ILE A 40 0.12 -2.35 -3.60
C ILE A 40 1.23 -3.28 -3.12
N GLU A 41 2.48 -2.87 -3.38
CA GLU A 41 3.63 -3.66 -3.00
C GLU A 41 4.52 -2.88 -2.04
N TYR A 42 5.24 -3.60 -1.18
CA TYR A 42 6.15 -2.98 -0.22
C TYR A 42 7.58 -3.03 -0.72
N VAL A 43 8.08 -1.91 -1.21
CA VAL A 43 9.47 -1.82 -1.62
C VAL A 43 10.30 -1.19 -0.51
N CYS A 44 11.61 -1.33 -0.59
CA CYS A 44 12.49 -0.74 0.41
C CYS A 44 12.87 0.67 -0.04
N ARG A 45 13.59 1.39 0.81
CA ARG A 45 13.91 2.78 0.56
C ARG A 45 15.00 2.90 -0.50
N GLY A 46 14.67 3.54 -1.61
CA GLY A 46 15.65 3.83 -2.63
C GLY A 46 15.76 2.73 -3.67
N GLU A 47 16.76 1.89 -3.53
CA GLU A 47 17.05 0.87 -4.52
C GLU A 47 17.30 -0.49 -3.87
N ARG A 48 16.81 -0.64 -2.65
CA ARG A 48 16.99 -1.88 -1.92
C ARG A 48 15.79 -2.80 -2.08
N GLU A 49 16.05 -4.10 -2.16
CA GLU A 49 14.99 -5.09 -2.26
C GLU A 49 14.64 -5.64 -0.88
N VAL A 50 13.40 -6.10 -0.74
CA VAL A 50 12.94 -6.72 0.49
C VAL A 50 12.53 -8.16 0.23
N VAL A 51 12.66 -9.01 1.24
CA VAL A 51 12.15 -10.37 1.12
C VAL A 51 11.01 -10.59 2.10
N GLY A 52 9.79 -10.44 1.61
CA GLY A 52 8.61 -10.63 2.42
C GLY A 52 7.41 -10.99 1.57
N PRO A 53 6.29 -11.38 2.20
CA PRO A 53 5.02 -11.57 1.49
C PRO A 53 4.39 -10.21 1.12
N LYS A 54 5.14 -9.44 0.33
CA LYS A 54 4.78 -8.07 0.03
C LYS A 54 3.66 -7.97 -1.01
N VAL A 55 2.43 -7.97 -0.53
CA VAL A 55 1.28 -7.70 -1.38
C VAL A 55 0.10 -7.29 -0.51
N ARG A 56 -0.61 -6.24 -0.92
CA ARG A 56 -1.78 -5.79 -0.20
C ARG A 56 -2.94 -5.59 -1.16
N LYS A 57 -4.02 -6.30 -0.93
CA LYS A 57 -5.23 -6.12 -1.70
C LYS A 57 -6.24 -5.31 -0.89
N CYS A 58 -6.77 -4.26 -1.49
CA CYS A 58 -7.74 -3.42 -0.80
C CYS A 58 -9.04 -4.20 -0.57
N LEU A 59 -9.67 -3.96 0.55
CA LEU A 59 -10.89 -4.68 0.93
C LEU A 59 -12.10 -3.76 0.88
N ALA A 60 -13.26 -4.29 1.23
CA ALA A 60 -14.49 -3.51 1.26
C ALA A 60 -14.58 -2.67 2.53
N ASN A 61 -13.46 -2.55 3.22
CA ASN A 61 -13.38 -1.78 4.45
C ASN A 61 -12.05 -1.01 4.50
N GLY A 62 -11.81 -0.29 5.59
CA GLY A 62 -10.69 0.62 5.66
C GLY A 62 -9.32 -0.06 5.65
N SER A 63 -9.24 -1.29 6.17
CA SER A 63 -7.96 -1.97 6.28
C SER A 63 -7.69 -2.85 5.06
N TRP A 64 -6.44 -3.24 4.89
CA TRP A 64 -6.04 -4.08 3.78
C TRP A 64 -6.09 -5.55 4.18
N THR A 65 -5.74 -6.44 3.25
CA THR A 65 -5.86 -7.88 3.45
C THR A 65 -5.24 -8.37 4.77
N ASP A 66 -3.92 -8.33 4.86
CA ASP A 66 -3.23 -8.81 6.06
C ASP A 66 -2.18 -7.80 6.49
N MET A 67 -2.58 -6.52 6.58
CA MET A 67 -1.58 -5.49 6.78
C MET A 67 -1.16 -5.38 8.24
N ASP A 68 -0.25 -6.27 8.61
CA ASP A 68 0.61 -6.11 9.75
C ASP A 68 1.70 -7.15 9.63
N THR A 69 2.76 -6.80 8.92
CA THR A 69 3.75 -7.78 8.53
C THR A 69 5.08 -7.10 8.24
N PRO A 70 6.10 -7.36 9.06
CA PRO A 70 7.42 -6.78 8.88
C PRO A 70 8.11 -7.28 7.61
N SER A 71 8.01 -6.50 6.55
CA SER A 71 8.73 -6.79 5.32
C SER A 71 10.18 -6.37 5.48
N ARG A 72 11.05 -7.33 5.73
CA ARG A 72 12.44 -7.05 6.08
C ARG A 72 13.25 -6.69 4.84
N CYS A 73 13.92 -5.56 4.90
CA CYS A 73 14.74 -5.09 3.80
C CYS A 73 16.10 -5.75 3.85
N VAL A 74 16.26 -6.79 3.05
CA VAL A 74 17.49 -7.55 2.98
C VAL A 74 17.37 -8.62 1.91
N ARG A 75 18.49 -9.01 1.33
CA ARG A 75 18.50 -10.04 0.29
C ARG A 75 19.86 -10.70 0.22
N GLY A 1 -24.15 8.15 3.98
CA GLY A 1 -23.71 8.36 2.59
C GLY A 1 -23.65 7.05 1.82
N PRO A 2 -23.35 7.09 0.52
CA PRO A 2 -23.22 5.87 -0.28
C PRO A 2 -22.10 5.00 0.23
N THR A 3 -22.29 3.69 0.21
CA THR A 3 -21.28 2.77 0.69
C THR A 3 -20.19 2.59 -0.36
N SER A 4 -19.10 3.30 -0.17
CA SER A 4 -17.96 3.22 -1.07
C SER A 4 -16.88 2.32 -0.47
N GLU A 5 -16.59 1.22 -1.14
CA GLU A 5 -15.52 0.34 -0.72
C GLU A 5 -14.18 1.02 -0.98
N GLY A 6 -13.53 1.45 0.08
CA GLY A 6 -12.30 2.19 -0.08
C GLY A 6 -11.42 2.14 1.15
N CYS A 7 -10.18 1.74 0.95
CA CYS A 7 -9.18 1.73 2.00
C CYS A 7 -8.44 3.07 2.02
N GLN A 8 -7.94 3.46 3.18
CA GLN A 8 -7.25 4.73 3.32
C GLN A 8 -5.79 4.62 2.87
N ILE A 9 -5.05 5.71 3.00
CA ILE A 9 -3.65 5.75 2.60
C ILE A 9 -2.76 5.30 3.76
N ILE A 10 -1.98 4.26 3.52
CA ILE A 10 -1.00 3.79 4.49
C ILE A 10 0.17 4.76 4.54
N HIS A 11 0.34 5.43 5.66
CA HIS A 11 1.45 6.36 5.82
C HIS A 11 2.74 5.59 6.04
N PRO A 12 3.80 5.93 5.26
CA PRO A 12 5.09 5.24 5.30
C PRO A 12 5.62 5.10 6.73
N PRO A 13 5.80 3.85 7.19
CA PRO A 13 6.26 3.57 8.55
C PRO A 13 7.76 3.82 8.72
N TRP A 14 8.56 2.84 8.36
CA TRP A 14 10.00 2.92 8.51
C TRP A 14 10.65 3.26 7.17
N GLU A 15 11.98 3.34 7.17
CA GLU A 15 12.76 3.61 5.97
C GLU A 15 12.33 2.75 4.79
N GLY A 16 11.58 3.36 3.89
CA GLY A 16 11.08 2.67 2.72
C GLY A 16 10.04 3.50 2.00
N GLY A 17 9.18 2.85 1.23
CA GLY A 17 8.12 3.54 0.55
C GLY A 17 7.02 2.58 0.13
N ILE A 18 6.09 3.07 -0.66
CA ILE A 18 4.99 2.23 -1.12
C ILE A 18 4.84 2.29 -2.62
N ARG A 19 4.78 1.12 -3.21
CA ARG A 19 4.66 0.95 -4.64
C ARG A 19 3.19 0.82 -5.02
N TYR A 20 2.77 1.55 -6.03
CA TYR A 20 1.37 1.52 -6.43
C TYR A 20 1.20 0.75 -7.73
N ARG A 21 0.00 0.80 -8.29
CA ARG A 21 -0.31 0.01 -9.47
C ARG A 21 -0.58 0.94 -10.66
N GLY A 22 -1.47 1.90 -10.46
CA GLY A 22 -1.85 2.80 -11.54
C GLY A 22 -1.93 4.24 -11.10
N LEU A 23 -1.12 4.62 -10.12
CA LEU A 23 -1.09 6.00 -9.65
C LEU A 23 0.22 6.66 -10.05
N THR A 24 0.12 7.82 -10.67
CA THR A 24 1.30 8.58 -11.07
C THR A 24 1.88 9.33 -9.87
N ARG A 25 2.97 10.06 -10.11
CA ARG A 25 3.63 10.79 -9.05
C ARG A 25 2.82 12.03 -8.65
N ASP A 26 3.39 12.84 -7.77
CA ASP A 26 2.74 14.04 -7.21
C ASP A 26 1.56 13.68 -6.31
N GLN A 27 0.74 12.74 -6.77
CA GLN A 27 -0.42 12.28 -6.03
C GLN A 27 -0.02 11.52 -4.77
N VAL A 28 -0.98 10.77 -4.23
CA VAL A 28 -0.84 9.99 -3.00
C VAL A 28 -0.51 10.89 -1.81
N LYS A 29 -0.69 12.18 -1.98
CA LYS A 29 -0.49 13.14 -0.90
C LYS A 29 -1.80 13.35 -0.17
N ALA A 30 -2.91 13.19 -0.89
CA ALA A 30 -4.24 13.35 -0.33
C ALA A 30 -5.27 12.55 -1.12
N ILE A 31 -5.47 11.31 -0.71
CA ILE A 31 -6.49 10.45 -1.30
C ILE A 31 -7.37 9.91 -0.20
N ASN A 32 -8.68 9.95 -0.42
CA ASN A 32 -9.63 9.51 0.60
C ASN A 32 -9.71 7.99 0.65
N PHE A 33 -10.03 7.38 -0.49
CA PHE A 33 -10.23 5.94 -0.54
C PHE A 33 -9.55 5.32 -1.75
N LEU A 34 -9.05 4.10 -1.58
CA LEU A 34 -8.56 3.30 -2.69
C LEU A 34 -9.59 2.22 -3.02
N PRO A 35 -9.83 1.95 -4.31
CA PRO A 35 -10.87 0.99 -4.75
C PRO A 35 -10.64 -0.43 -4.21
N VAL A 36 -11.71 -1.24 -4.20
CA VAL A 36 -11.67 -2.59 -3.65
C VAL A 36 -10.85 -3.54 -4.54
N ASP A 37 -10.29 -3.00 -5.61
CA ASP A 37 -9.34 -3.74 -6.43
C ASP A 37 -8.13 -2.86 -6.73
N TYR A 38 -7.12 -2.98 -5.89
CA TYR A 38 -5.88 -2.24 -6.08
C TYR A 38 -4.76 -2.96 -5.36
N GLU A 39 -3.63 -3.10 -6.02
CA GLU A 39 -2.49 -3.81 -5.44
C GLU A 39 -1.33 -2.85 -5.19
N ILE A 40 -0.78 -2.91 -3.97
CA ILE A 40 0.40 -2.11 -3.63
C ILE A 40 1.54 -3.01 -3.18
N GLU A 41 2.76 -2.48 -3.28
CA GLU A 41 3.96 -3.22 -2.93
C GLU A 41 4.81 -2.44 -1.94
N TYR A 42 5.61 -3.15 -1.15
CA TYR A 42 6.49 -2.54 -0.16
C TYR A 42 7.91 -2.43 -0.68
N VAL A 43 8.30 -1.25 -1.11
CA VAL A 43 9.63 -1.03 -1.65
C VAL A 43 10.49 -0.22 -0.71
N CYS A 44 11.79 -0.23 -0.94
CA CYS A 44 12.73 0.55 -0.14
C CYS A 44 13.31 1.70 -0.96
N ARG A 45 14.17 2.49 -0.34
CA ARG A 45 14.83 3.60 -1.03
C ARG A 45 15.95 3.08 -1.92
N GLY A 46 15.67 3.02 -3.21
CA GLY A 46 16.62 2.46 -4.14
C GLY A 46 16.35 1.01 -4.41
N GLU A 47 17.29 0.31 -5.03
CA GLU A 47 17.11 -1.10 -5.31
C GLU A 47 17.47 -1.95 -4.09
N ARG A 48 16.55 -1.99 -3.14
CA ARG A 48 16.71 -2.81 -1.96
C ARG A 48 15.47 -3.67 -1.79
N GLU A 49 15.65 -4.98 -1.85
CA GLU A 49 14.53 -5.91 -1.86
C GLU A 49 14.12 -6.28 -0.44
N VAL A 50 12.87 -6.66 -0.28
CA VAL A 50 12.34 -7.06 1.00
C VAL A 50 11.84 -8.50 0.93
N VAL A 51 12.25 -9.33 1.87
CA VAL A 51 11.74 -10.69 1.90
C VAL A 51 10.54 -10.77 2.85
N GLY A 52 9.37 -10.63 2.27
CA GLY A 52 8.12 -10.73 2.99
C GLY A 52 6.99 -11.07 2.04
N PRO A 53 5.80 -11.39 2.55
CA PRO A 53 4.61 -11.49 1.71
C PRO A 53 4.11 -10.10 1.33
N LYS A 54 4.78 -9.48 0.37
CA LYS A 54 4.48 -8.11 -0.01
C LYS A 54 3.37 -8.07 -1.05
N VAL A 55 2.14 -8.01 -0.57
CA VAL A 55 0.99 -7.88 -1.42
C VAL A 55 -0.19 -7.36 -0.63
N ARG A 56 -0.83 -6.32 -1.13
CA ARG A 56 -1.98 -5.74 -0.49
C ARG A 56 -3.04 -5.41 -1.51
N LYS A 57 -4.24 -5.92 -1.30
CA LYS A 57 -5.39 -5.49 -2.08
C LYS A 57 -6.47 -5.02 -1.12
N CYS A 58 -7.11 -3.91 -1.46
CA CYS A 58 -8.16 -3.35 -0.64
C CYS A 58 -9.37 -4.27 -0.63
N LEU A 59 -10.02 -4.36 0.52
CA LEU A 59 -11.17 -5.24 0.67
C LEU A 59 -12.40 -4.44 1.04
N ALA A 60 -13.51 -5.13 1.25
CA ALA A 60 -14.76 -4.47 1.61
C ALA A 60 -14.74 -4.01 3.07
N ASN A 61 -13.68 -4.38 3.77
CA ASN A 61 -13.45 -3.90 5.12
C ASN A 61 -12.46 -2.75 5.10
N GLY A 62 -12.39 -1.99 6.18
CA GLY A 62 -11.55 -0.80 6.21
C GLY A 62 -10.08 -1.10 6.43
N SER A 63 -9.56 -2.05 5.67
CA SER A 63 -8.15 -2.42 5.74
C SER A 63 -7.79 -3.27 4.53
N TRP A 64 -6.51 -3.52 4.34
CA TRP A 64 -6.04 -4.28 3.20
C TRP A 64 -6.06 -5.78 3.54
N THR A 65 -5.69 -6.60 2.56
CA THR A 65 -5.79 -8.06 2.67
C THR A 65 -5.19 -8.62 3.97
N ASP A 66 -3.95 -8.24 4.27
CA ASP A 66 -3.29 -8.71 5.47
C ASP A 66 -2.34 -7.66 6.01
N MET A 67 -2.86 -6.53 6.48
CA MET A 67 -1.98 -5.47 6.92
C MET A 67 -1.60 -5.65 8.38
N ASP A 68 -0.63 -6.55 8.58
CA ASP A 68 0.15 -6.63 9.81
C ASP A 68 1.30 -7.59 9.55
N THR A 69 2.43 -7.08 9.08
CA THR A 69 3.49 -7.95 8.61
C THR A 69 4.85 -7.29 8.78
N PRO A 70 5.80 -7.99 9.44
CA PRO A 70 7.16 -7.51 9.58
C PRO A 70 7.99 -7.72 8.32
N SER A 71 8.05 -6.70 7.48
CA SER A 71 8.80 -6.77 6.24
C SER A 71 10.21 -6.23 6.43
N ARG A 72 11.20 -7.11 6.29
CA ARG A 72 12.59 -6.74 6.47
C ARG A 72 13.24 -6.37 5.14
N CYS A 73 13.88 -5.21 5.10
CA CYS A 73 14.55 -4.74 3.89
C CYS A 73 15.99 -5.23 3.88
N VAL A 74 16.31 -6.12 2.96
CA VAL A 74 17.62 -6.76 2.92
C VAL A 74 18.16 -6.84 1.51
N ARG A 75 19.25 -6.13 1.26
CA ARG A 75 19.94 -6.22 -0.03
C ARG A 75 21.17 -7.10 0.11
N GLY A 1 -28.13 1.98 -3.18
CA GLY A 1 -27.74 3.16 -2.35
C GLY A 1 -26.36 3.65 -2.72
N PRO A 2 -25.96 4.83 -2.21
CA PRO A 2 -24.64 5.40 -2.46
C PRO A 2 -23.55 4.75 -1.61
N THR A 3 -22.64 4.05 -2.26
CA THR A 3 -21.53 3.39 -1.57
C THR A 3 -20.26 3.43 -2.42
N SER A 4 -19.11 3.39 -1.77
CA SER A 4 -17.83 3.36 -2.45
C SER A 4 -16.82 2.59 -1.62
N GLU A 5 -16.53 1.37 -2.04
CA GLU A 5 -15.60 0.51 -1.32
C GLU A 5 -14.18 0.96 -1.61
N GLY A 6 -13.56 1.61 -0.63
CA GLY A 6 -12.22 2.11 -0.80
C GLY A 6 -11.44 2.14 0.49
N CYS A 7 -10.16 1.82 0.39
CA CYS A 7 -9.28 1.84 1.55
C CYS A 7 -8.60 3.20 1.69
N GLN A 8 -8.25 3.56 2.91
CA GLN A 8 -7.64 4.86 3.18
C GLN A 8 -6.12 4.82 3.01
N ILE A 9 -5.47 5.95 3.24
CA ILE A 9 -4.04 6.11 2.95
C ILE A 9 -3.19 5.69 4.15
N ILE A 10 -2.46 4.59 3.98
CA ILE A 10 -1.57 4.08 5.03
C ILE A 10 -0.37 5.00 5.21
N HIS A 11 0.10 5.11 6.43
CA HIS A 11 1.29 5.92 6.72
C HIS A 11 2.56 5.08 6.58
N PRO A 12 3.62 5.68 6.03
CA PRO A 12 4.93 5.02 5.91
C PRO A 12 5.62 4.85 7.27
N PRO A 13 5.93 3.60 7.64
CA PRO A 13 6.54 3.29 8.93
C PRO A 13 8.07 3.30 8.88
N TRP A 14 8.66 2.13 8.68
CA TRP A 14 10.10 2.00 8.57
C TRP A 14 10.51 2.15 7.11
N GLU A 15 11.79 1.97 6.81
CA GLU A 15 12.31 2.09 5.45
C GLU A 15 11.61 1.13 4.48
N GLY A 16 10.91 0.13 5.03
CA GLY A 16 10.01 -0.65 4.21
C GLY A 16 8.81 0.17 3.79
N GLY A 17 8.92 0.80 2.63
CA GLY A 17 7.91 1.73 2.19
C GLY A 17 6.84 1.07 1.34
N ILE A 18 6.00 1.89 0.73
CA ILE A 18 4.86 1.39 -0.01
C ILE A 18 4.96 1.71 -1.49
N ARG A 19 4.65 0.71 -2.28
CA ARG A 19 4.71 0.79 -3.72
C ARG A 19 3.30 0.62 -4.29
N TYR A 20 3.00 1.29 -5.39
CA TYR A 20 1.68 1.16 -6.01
C TYR A 20 1.81 0.38 -7.31
N ARG A 21 0.72 0.30 -8.08
CA ARG A 21 0.75 -0.45 -9.33
C ARG A 21 0.95 0.48 -10.51
N GLY A 22 0.32 1.65 -10.46
CA GLY A 22 0.46 2.62 -11.52
C GLY A 22 0.08 4.02 -11.09
N LEU A 23 0.67 4.48 -10.00
CA LEU A 23 0.40 5.81 -9.49
C LEU A 23 1.66 6.66 -9.54
N THR A 24 1.61 7.71 -10.35
CA THR A 24 2.74 8.63 -10.49
C THR A 24 2.75 9.64 -9.34
N ARG A 25 3.73 10.55 -9.35
CA ARG A 25 3.90 11.51 -8.26
C ARG A 25 2.73 12.49 -8.20
N ASP A 26 2.85 13.47 -7.30
CA ASP A 26 1.79 14.46 -7.03
C ASP A 26 0.54 13.82 -6.42
N GLN A 27 0.24 12.60 -6.82
CA GLN A 27 -0.91 11.88 -6.32
C GLN A 27 -0.61 11.25 -4.97
N VAL A 28 -1.50 10.33 -4.56
CA VAL A 28 -1.37 9.55 -3.31
C VAL A 28 -1.15 10.43 -2.07
N LYS A 29 -1.48 11.71 -2.19
CA LYS A 29 -1.36 12.64 -1.07
C LYS A 29 -2.74 13.06 -0.59
N ALA A 30 -3.73 12.95 -1.48
CA ALA A 30 -5.09 13.36 -1.14
C ALA A 30 -6.12 12.41 -1.73
N ILE A 31 -5.67 11.23 -2.14
CA ILE A 31 -6.59 10.21 -2.64
C ILE A 31 -7.38 9.61 -1.49
N ASN A 32 -8.63 10.03 -1.36
CA ASN A 32 -9.46 9.65 -0.21
C ASN A 32 -9.60 8.15 -0.06
N PHE A 33 -9.96 7.48 -1.15
CA PHE A 33 -10.17 6.03 -1.10
C PHE A 33 -9.47 5.35 -2.26
N LEU A 34 -8.70 4.33 -1.95
CA LEU A 34 -8.11 3.48 -2.96
C LEU A 34 -9.14 2.42 -3.35
N PRO A 35 -9.43 2.28 -4.65
CA PRO A 35 -10.46 1.36 -5.15
C PRO A 35 -10.30 -0.05 -4.61
N VAL A 36 -11.43 -0.72 -4.39
CA VAL A 36 -11.43 -2.07 -3.85
C VAL A 36 -10.66 -3.03 -4.78
N ASP A 37 -9.95 -3.96 -4.16
CA ASP A 37 -9.14 -4.97 -4.86
C ASP A 37 -7.81 -4.40 -5.35
N TYR A 38 -7.66 -3.08 -5.32
CA TYR A 38 -6.39 -2.47 -5.69
C TYR A 38 -5.34 -2.84 -4.67
N GLU A 39 -4.29 -3.50 -5.13
CA GLU A 39 -3.26 -3.98 -4.23
C GLU A 39 -2.02 -3.12 -4.32
N ILE A 40 -1.32 -2.99 -3.20
CA ILE A 40 -0.09 -2.22 -3.15
C ILE A 40 1.06 -3.12 -2.70
N GLU A 41 2.26 -2.73 -3.08
CA GLU A 41 3.45 -3.52 -2.84
C GLU A 41 4.30 -2.87 -1.73
N TYR A 42 5.26 -3.62 -1.20
CA TYR A 42 6.15 -3.11 -0.18
C TYR A 42 7.60 -3.18 -0.64
N VAL A 43 8.14 -2.04 -1.06
CA VAL A 43 9.51 -1.97 -1.52
C VAL A 43 10.38 -1.32 -0.44
N CYS A 44 11.69 -1.42 -0.62
CA CYS A 44 12.61 -0.81 0.33
C CYS A 44 12.93 0.61 -0.11
N ARG A 45 13.03 1.50 0.87
CA ARG A 45 13.25 2.90 0.61
C ARG A 45 14.55 3.10 -0.16
N GLY A 46 14.43 3.64 -1.37
CA GLY A 46 15.58 3.80 -2.23
C GLY A 46 15.46 2.91 -3.45
N GLU A 47 16.34 1.92 -3.56
CA GLU A 47 16.29 0.98 -4.65
C GLU A 47 16.82 -0.39 -4.22
N ARG A 48 16.10 -1.03 -3.32
CA ARG A 48 16.49 -2.35 -2.83
C ARG A 48 15.33 -3.33 -2.98
N GLU A 49 15.63 -4.53 -3.46
CA GLU A 49 14.62 -5.57 -3.58
C GLU A 49 14.38 -6.21 -2.21
N VAL A 50 13.20 -6.80 -2.04
CA VAL A 50 12.84 -7.42 -0.78
C VAL A 50 12.31 -8.83 -1.00
N VAL A 51 12.52 -9.70 -0.02
CA VAL A 51 11.88 -11.00 -0.02
C VAL A 51 10.93 -11.09 1.17
N GLY A 52 9.68 -10.79 0.90
CA GLY A 52 8.66 -10.79 1.93
C GLY A 52 7.30 -11.01 1.34
N PRO A 53 6.27 -11.19 2.17
CA PRO A 53 4.88 -11.26 1.70
C PRO A 53 4.36 -9.87 1.35
N LYS A 54 5.03 -9.23 0.39
CA LYS A 54 4.71 -7.86 0.01
C LYS A 54 3.40 -7.79 -0.75
N VAL A 55 2.32 -7.63 -0.02
CA VAL A 55 1.00 -7.46 -0.62
C VAL A 55 0.01 -6.87 0.37
N ARG A 56 -0.71 -5.84 -0.08
CA ARG A 56 -1.84 -5.31 0.66
C ARG A 56 -3.03 -5.26 -0.26
N LYS A 57 -4.03 -6.09 0.00
CA LYS A 57 -5.20 -6.14 -0.86
C LYS A 57 -6.32 -5.32 -0.23
N CYS A 58 -6.82 -4.33 -0.96
CA CYS A 58 -7.93 -3.51 -0.48
C CYS A 58 -9.21 -4.35 -0.46
N LEU A 59 -9.86 -4.37 0.69
CA LEU A 59 -11.03 -5.20 0.88
C LEU A 59 -12.31 -4.41 0.67
N ALA A 60 -13.45 -5.06 0.84
CA ALA A 60 -14.74 -4.41 0.68
C ALA A 60 -15.02 -3.47 1.87
N ASN A 61 -14.28 -3.67 2.95
CA ASN A 61 -14.35 -2.78 4.10
C ASN A 61 -13.17 -1.82 4.07
N GLY A 62 -13.24 -0.76 4.87
CA GLY A 62 -12.23 0.28 4.83
C GLY A 62 -10.93 -0.11 5.52
N SER A 63 -10.38 -1.25 5.15
CA SER A 63 -9.11 -1.72 5.68
C SER A 63 -8.49 -2.72 4.71
N TRP A 64 -7.19 -2.89 4.79
CA TRP A 64 -6.48 -3.81 3.92
C TRP A 64 -6.47 -5.20 4.55
N THR A 65 -5.97 -6.18 3.80
CA THR A 65 -5.95 -7.56 4.27
C THR A 65 -5.19 -7.73 5.58
N ASP A 66 -3.87 -7.63 5.51
CA ASP A 66 -3.03 -7.74 6.69
C ASP A 66 -2.14 -6.51 6.78
N MET A 67 -2.22 -5.77 7.87
CA MET A 67 -1.29 -4.66 8.04
C MET A 67 -0.47 -4.83 9.31
N ASP A 68 0.54 -5.67 9.21
CA ASP A 68 1.65 -5.72 10.15
C ASP A 68 2.73 -6.59 9.56
N THR A 69 3.64 -5.99 8.82
CA THR A 69 4.61 -6.76 8.08
C THR A 69 5.82 -5.91 7.74
N PRO A 70 6.93 -6.07 8.47
CA PRO A 70 8.18 -5.37 8.17
C PRO A 70 8.89 -5.99 6.96
N SER A 71 8.82 -5.31 5.84
CA SER A 71 9.44 -5.79 4.61
C SER A 71 10.95 -5.63 4.66
N ARG A 72 11.65 -6.73 4.93
CA ARG A 72 13.10 -6.73 5.01
C ARG A 72 13.73 -6.75 3.62
N CYS A 73 14.44 -5.69 3.28
CA CYS A 73 15.18 -5.65 2.04
C CYS A 73 16.57 -6.23 2.23
N VAL A 74 16.71 -7.49 1.83
CA VAL A 74 18.00 -8.16 1.88
C VAL A 74 18.44 -8.50 0.46
N ARG A 75 19.67 -8.12 0.13
CA ARG A 75 20.19 -8.31 -1.21
C ARG A 75 21.23 -9.43 -1.20
N GLY A 1 -27.55 2.45 -1.47
CA GLY A 1 -27.17 3.86 -1.24
C GLY A 1 -25.72 4.11 -1.63
N PRO A 2 -25.31 5.38 -1.78
CA PRO A 2 -23.95 5.73 -2.16
C PRO A 2 -22.94 5.36 -1.06
N THR A 3 -22.35 4.18 -1.20
CA THR A 3 -21.40 3.70 -0.21
C THR A 3 -19.97 4.01 -0.62
N SER A 4 -19.21 4.59 0.30
CA SER A 4 -17.80 4.81 0.09
C SER A 4 -17.03 3.64 0.67
N GLU A 5 -16.66 2.71 -0.20
CA GLU A 5 -16.02 1.48 0.23
C GLU A 5 -14.65 1.35 -0.37
N GLY A 6 -13.64 1.70 0.42
CA GLY A 6 -12.28 1.58 -0.02
C GLY A 6 -11.33 1.60 1.15
N CYS A 7 -10.09 1.21 0.90
CA CYS A 7 -9.07 1.21 1.94
C CYS A 7 -8.44 2.59 2.05
N GLN A 8 -8.18 3.02 3.28
CA GLN A 8 -7.62 4.35 3.51
C GLN A 8 -6.10 4.33 3.34
N ILE A 9 -5.49 5.48 3.55
CA ILE A 9 -4.04 5.60 3.46
C ILE A 9 -3.43 5.27 4.82
N ILE A 10 -2.85 4.09 4.88
CA ILE A 10 -2.24 3.56 6.09
C ILE A 10 -0.94 4.28 6.43
N HIS A 11 -0.42 4.03 7.61
CA HIS A 11 0.89 4.53 8.00
C HIS A 11 1.97 3.83 7.20
N PRO A 12 2.96 4.58 6.69
CA PRO A 12 4.12 4.00 6.03
C PRO A 12 4.89 3.09 6.98
N PRO A 13 5.45 1.98 6.48
CA PRO A 13 6.21 1.03 7.30
C PRO A 13 7.58 1.59 7.70
N TRP A 14 8.48 0.68 8.08
CA TRP A 14 9.84 1.06 8.44
C TRP A 14 10.59 1.54 7.19
N GLU A 15 11.89 1.85 7.35
CA GLU A 15 12.71 2.47 6.30
C GLU A 15 12.38 1.94 4.91
N GLY A 16 11.60 2.73 4.17
CA GLY A 16 11.20 2.34 2.84
C GLY A 16 10.03 3.17 2.36
N GLY A 17 9.03 2.50 1.82
CA GLY A 17 7.85 3.19 1.36
C GLY A 17 6.84 2.22 0.78
N ILE A 18 5.84 2.74 0.08
CA ILE A 18 4.82 1.90 -0.51
C ILE A 18 4.67 2.21 -1.98
N ARG A 19 4.68 1.15 -2.77
CA ARG A 19 4.53 1.25 -4.21
C ARG A 19 3.09 0.99 -4.57
N TYR A 20 2.55 1.80 -5.46
CA TYR A 20 1.16 1.64 -5.87
C TYR A 20 1.06 0.78 -7.11
N ARG A 21 -0.12 0.71 -7.70
CA ARG A 21 -0.38 -0.24 -8.76
C ARG A 21 -0.47 0.47 -10.11
N GLY A 22 -1.59 1.13 -10.35
CA GLY A 22 -1.81 1.81 -11.60
C GLY A 22 -1.87 3.31 -11.44
N LEU A 23 -0.96 3.85 -10.65
CA LEU A 23 -0.88 5.29 -10.44
C LEU A 23 0.56 5.77 -10.56
N THR A 24 0.74 6.95 -11.10
CA THR A 24 2.05 7.57 -11.19
C THR A 24 2.26 8.53 -10.02
N ARG A 25 3.46 9.09 -9.92
CA ARG A 25 3.78 10.03 -8.85
C ARG A 25 3.11 11.38 -9.10
N ASP A 26 3.45 12.37 -8.26
CA ASP A 26 2.82 13.70 -8.31
C ASP A 26 1.37 13.62 -7.86
N GLN A 27 0.94 12.40 -7.57
CA GLN A 27 -0.39 12.11 -7.08
C GLN A 27 -0.27 11.46 -5.71
N VAL A 28 -1.30 10.70 -5.32
CA VAL A 28 -1.33 9.93 -4.05
C VAL A 28 -0.89 10.78 -2.86
N LYS A 29 -1.12 12.07 -2.97
CA LYS A 29 -0.69 13.03 -1.96
C LYS A 29 -1.80 13.27 -0.95
N ALA A 30 -3.03 13.00 -1.36
CA ALA A 30 -4.18 13.09 -0.49
C ALA A 30 -5.36 12.29 -1.04
N ILE A 31 -5.33 10.99 -0.81
CA ILE A 31 -6.39 10.10 -1.25
C ILE A 31 -7.28 9.73 -0.07
N ASN A 32 -8.57 9.55 -0.31
CA ASN A 32 -9.48 9.14 0.75
C ASN A 32 -9.46 7.63 0.89
N PHE A 33 -9.98 6.94 -0.12
CA PHE A 33 -10.03 5.49 -0.11
C PHE A 33 -9.61 4.93 -1.47
N LEU A 34 -8.96 3.77 -1.44
CA LEU A 34 -8.58 3.09 -2.66
C LEU A 34 -9.66 2.09 -3.06
N PRO A 35 -9.93 1.93 -4.36
CA PRO A 35 -10.98 1.02 -4.85
C PRO A 35 -10.70 -0.44 -4.51
N VAL A 36 -11.78 -1.20 -4.29
CA VAL A 36 -11.68 -2.62 -4.00
C VAL A 36 -11.25 -3.39 -5.25
N ASP A 37 -9.94 -3.35 -5.49
CA ASP A 37 -9.33 -3.93 -6.69
C ASP A 37 -7.86 -3.56 -6.71
N TYR A 38 -7.57 -2.41 -6.09
CA TYR A 38 -6.23 -1.86 -6.09
C TYR A 38 -5.30 -2.67 -5.19
N GLU A 39 -4.05 -2.81 -5.62
CA GLU A 39 -3.04 -3.54 -4.86
C GLU A 39 -1.83 -2.65 -4.61
N ILE A 40 -1.09 -2.93 -3.53
CA ILE A 40 0.12 -2.16 -3.21
C ILE A 40 1.32 -3.08 -3.02
N GLU A 41 2.52 -2.47 -3.02
CA GLU A 41 3.76 -3.21 -2.83
C GLU A 41 4.62 -2.52 -1.76
N TYR A 42 5.37 -3.31 -1.02
CA TYR A 42 6.24 -2.79 0.04
C TYR A 42 7.65 -2.58 -0.48
N VAL A 43 8.00 -1.33 -0.77
CA VAL A 43 9.35 -1.02 -1.26
C VAL A 43 10.20 -0.41 -0.17
N CYS A 44 11.49 -0.26 -0.45
CA CYS A 44 12.42 0.29 0.53
C CYS A 44 12.98 1.61 0.03
N ARG A 45 13.78 2.27 0.87
CA ARG A 45 14.36 3.56 0.53
C ARG A 45 15.52 3.37 -0.43
N GLY A 46 15.26 3.58 -1.71
CA GLY A 46 16.28 3.41 -2.71
C GLY A 46 16.29 1.99 -3.25
N GLU A 47 17.40 1.60 -3.87
CA GLU A 47 17.51 0.27 -4.44
C GLU A 47 17.95 -0.75 -3.38
N ARG A 48 17.06 -1.01 -2.44
CA ARG A 48 17.25 -2.03 -1.43
C ARG A 48 16.08 -2.99 -1.49
N GLU A 49 16.34 -4.19 -1.98
CA GLU A 49 15.26 -5.12 -2.27
C GLU A 49 14.76 -5.83 -1.02
N VAL A 50 13.46 -5.99 -0.92
CA VAL A 50 12.84 -6.58 0.26
C VAL A 50 12.62 -8.08 0.07
N VAL A 51 12.66 -8.81 1.18
CA VAL A 51 12.24 -10.19 1.17
C VAL A 51 11.00 -10.35 2.04
N GLY A 52 9.84 -10.30 1.39
CA GLY A 52 8.58 -10.41 2.07
C GLY A 52 7.49 -10.91 1.15
N PRO A 53 6.30 -11.23 1.69
CA PRO A 53 5.14 -11.51 0.87
C PRO A 53 4.44 -10.21 0.47
N LYS A 54 5.09 -9.47 -0.42
CA LYS A 54 4.63 -8.12 -0.75
C LYS A 54 3.50 -8.14 -1.75
N VAL A 55 2.29 -8.25 -1.24
CA VAL A 55 1.09 -8.12 -2.04
C VAL A 55 -0.10 -7.86 -1.13
N ARG A 56 -0.85 -6.81 -1.43
CA ARG A 56 -2.01 -6.44 -0.64
C ARG A 56 -3.08 -5.88 -1.56
N LYS A 57 -4.23 -6.52 -1.62
CA LYS A 57 -5.33 -6.02 -2.42
C LYS A 57 -6.40 -5.43 -1.52
N CYS A 58 -6.96 -4.32 -1.96
CA CYS A 58 -7.93 -3.58 -1.18
C CYS A 58 -9.26 -4.32 -1.08
N LEU A 59 -9.94 -4.10 0.05
CA LEU A 59 -11.24 -4.70 0.31
C LEU A 59 -12.32 -3.63 0.33
N ALA A 60 -13.55 -4.03 0.61
CA ALA A 60 -14.67 -3.08 0.62
C ALA A 60 -14.77 -2.36 1.98
N ASN A 61 -13.62 -2.19 2.63
CA ASN A 61 -13.57 -1.54 3.92
C ASN A 61 -12.25 -0.76 4.06
N GLY A 62 -12.14 0.05 5.10
CA GLY A 62 -11.03 0.99 5.21
C GLY A 62 -9.68 0.33 5.46
N SER A 63 -9.69 -0.76 6.21
CA SER A 63 -8.45 -1.46 6.51
C SER A 63 -8.16 -2.53 5.45
N TRP A 64 -6.88 -2.67 5.12
CA TRP A 64 -6.46 -3.64 4.13
C TRP A 64 -6.53 -5.06 4.69
N THR A 65 -6.15 -6.04 3.88
CA THR A 65 -6.20 -7.44 4.27
C THR A 65 -5.39 -7.70 5.54
N ASP A 66 -4.12 -7.34 5.52
CA ASP A 66 -3.28 -7.42 6.71
C ASP A 66 -2.34 -6.24 6.75
N MET A 67 -2.31 -5.51 7.85
CA MET A 67 -1.23 -4.58 8.04
C MET A 67 -0.59 -4.79 9.40
N ASP A 68 0.25 -5.82 9.43
CA ASP A 68 1.28 -5.99 10.44
C ASP A 68 2.21 -7.09 9.96
N THR A 69 3.21 -6.72 9.19
CA THR A 69 4.07 -7.71 8.54
C THR A 69 5.38 -7.04 8.13
N PRO A 70 6.48 -7.38 8.82
CA PRO A 70 7.78 -6.74 8.60
C PRO A 70 8.43 -7.13 7.28
N SER A 71 8.30 -6.26 6.29
CA SER A 71 8.98 -6.44 5.03
C SER A 71 10.34 -5.73 5.07
N ARG A 72 11.38 -6.50 5.33
CA ARG A 72 12.72 -5.94 5.50
C ARG A 72 13.46 -5.91 4.17
N CYS A 73 14.19 -4.84 3.94
CA CYS A 73 14.96 -4.68 2.71
C CYS A 73 16.44 -4.87 2.96
N VAL A 74 17.03 -5.82 2.26
CA VAL A 74 18.46 -6.05 2.33
C VAL A 74 19.02 -6.03 0.91
N ARG A 75 19.17 -7.22 0.32
CA ARG A 75 19.66 -7.36 -1.05
C ARG A 75 19.83 -8.85 -1.37
N GLY A 1 -26.78 8.01 -2.42
CA GLY A 1 -26.21 7.15 -1.35
C GLY A 1 -24.74 7.41 -1.14
N PRO A 2 -24.37 8.10 -0.05
CA PRO A 2 -22.98 8.41 0.26
C PRO A 2 -22.22 7.18 0.73
N THR A 3 -21.65 6.45 -0.21
CA THR A 3 -20.87 5.28 0.10
C THR A 3 -19.47 5.40 -0.47
N SER A 4 -18.48 5.44 0.42
CA SER A 4 -17.09 5.54 0.02
C SER A 4 -16.40 4.19 0.21
N GLU A 5 -16.23 3.46 -0.87
CA GLU A 5 -15.56 2.17 -0.81
C GLU A 5 -14.09 2.33 -1.18
N GLY A 6 -13.26 2.45 -0.16
CA GLY A 6 -11.85 2.63 -0.39
C GLY A 6 -11.02 2.37 0.85
N CYS A 7 -9.92 1.67 0.68
CA CYS A 7 -8.96 1.49 1.76
C CYS A 7 -8.10 2.74 1.86
N GLN A 8 -7.90 3.25 3.07
CA GLN A 8 -7.19 4.50 3.26
C GLN A 8 -5.69 4.36 3.04
N ILE A 9 -4.99 5.48 3.15
CA ILE A 9 -3.56 5.53 2.97
C ILE A 9 -2.85 5.27 4.29
N ILE A 10 -1.93 4.31 4.27
CA ILE A 10 -1.20 3.90 5.46
C ILE A 10 -0.13 4.92 5.82
N HIS A 11 0.03 5.15 7.11
CA HIS A 11 1.00 6.11 7.61
C HIS A 11 2.41 5.66 7.26
N PRO A 12 3.28 6.60 6.83
CA PRO A 12 4.67 6.31 6.45
C PRO A 12 5.38 5.33 7.37
N PRO A 13 5.82 4.18 6.83
CA PRO A 13 6.49 3.13 7.57
C PRO A 13 8.01 3.32 7.64
N TRP A 14 8.73 2.21 7.62
CA TRP A 14 10.19 2.23 7.68
C TRP A 14 10.78 2.81 6.38
N GLU A 15 12.11 2.87 6.32
CA GLU A 15 12.86 3.38 5.17
C GLU A 15 12.36 2.80 3.86
N GLY A 16 11.58 3.57 3.13
CA GLY A 16 11.08 3.13 1.85
C GLY A 16 9.78 3.80 1.50
N GLY A 17 8.89 3.05 0.89
CA GLY A 17 7.61 3.59 0.48
C GLY A 17 6.66 2.49 0.05
N ILE A 18 5.54 2.87 -0.53
CA ILE A 18 4.57 1.90 -0.98
C ILE A 18 4.44 1.90 -2.48
N ARG A 19 4.56 0.72 -3.05
CA ARG A 19 4.47 0.52 -4.47
C ARG A 19 3.01 0.33 -4.85
N TYR A 20 2.47 1.28 -5.59
CA TYR A 20 1.09 1.21 -6.01
C TYR A 20 0.95 0.41 -7.31
N ARG A 21 -0.25 0.42 -7.88
CA ARG A 21 -0.53 -0.33 -9.09
C ARG A 21 -0.68 0.62 -10.27
N GLY A 22 -1.20 1.81 -10.01
CA GLY A 22 -1.37 2.80 -11.04
C GLY A 22 -1.47 4.20 -10.49
N LEU A 23 -0.48 4.60 -9.70
CA LEU A 23 -0.46 5.93 -9.09
C LEU A 23 0.94 6.53 -9.14
N THR A 24 1.09 7.57 -9.94
CA THR A 24 2.35 8.32 -10.01
C THR A 24 2.38 9.38 -8.90
N ARG A 25 3.46 10.16 -8.84
CA ARG A 25 3.58 11.22 -7.85
C ARG A 25 2.67 12.39 -8.23
N ASP A 26 2.80 13.51 -7.52
CA ASP A 26 1.95 14.70 -7.71
C ASP A 26 0.56 14.42 -7.14
N GLN A 27 0.07 13.22 -7.37
CA GLN A 27 -1.14 12.74 -6.76
C GLN A 27 -0.82 12.15 -5.39
N VAL A 28 -1.76 11.38 -4.84
CA VAL A 28 -1.62 10.70 -3.53
C VAL A 28 -1.16 11.67 -2.42
N LYS A 29 -1.36 12.95 -2.65
CA LYS A 29 -0.98 13.98 -1.70
C LYS A 29 -2.02 14.10 -0.59
N ALA A 30 -3.21 13.59 -0.87
CA ALA A 30 -4.29 13.58 0.09
C ALA A 30 -5.41 12.64 -0.36
N ILE A 31 -5.03 11.52 -0.98
CA ILE A 31 -5.98 10.50 -1.36
C ILE A 31 -6.40 9.72 -0.11
N ASN A 32 -7.68 9.45 0.02
CA ASN A 32 -8.19 8.84 1.24
C ASN A 32 -8.77 7.45 1.00
N PHE A 33 -9.19 7.18 -0.23
CA PHE A 33 -9.85 5.91 -0.52
C PHE A 33 -9.27 5.25 -1.77
N LEU A 34 -8.55 4.16 -1.56
CA LEU A 34 -8.06 3.34 -2.67
C LEU A 34 -9.12 2.32 -3.05
N PRO A 35 -9.46 2.21 -4.34
CA PRO A 35 -10.54 1.33 -4.82
C PRO A 35 -10.27 -0.15 -4.55
N VAL A 36 -11.35 -0.93 -4.60
CA VAL A 36 -11.27 -2.38 -4.39
C VAL A 36 -10.43 -3.04 -5.48
N ASP A 37 -9.89 -4.23 -5.18
CA ASP A 37 -9.07 -5.02 -6.13
C ASP A 37 -7.65 -4.45 -6.22
N TYR A 38 -7.42 -3.35 -5.53
CA TYR A 38 -6.12 -2.69 -5.56
C TYR A 38 -5.16 -3.41 -4.59
N GLU A 39 -4.03 -3.86 -5.12
CA GLU A 39 -3.00 -4.46 -4.30
C GLU A 39 -1.73 -3.63 -4.34
N ILE A 40 -1.05 -3.52 -3.21
CA ILE A 40 0.15 -2.71 -3.11
C ILE A 40 1.36 -3.54 -2.67
N GLU A 41 2.54 -3.01 -2.93
CA GLU A 41 3.79 -3.67 -2.59
C GLU A 41 4.60 -2.79 -1.64
N TYR A 42 5.43 -3.41 -0.80
CA TYR A 42 6.27 -2.66 0.13
C TYR A 42 7.70 -2.58 -0.36
N VAL A 43 8.07 -1.42 -0.90
CA VAL A 43 9.40 -1.21 -1.43
C VAL A 43 10.27 -0.42 -0.46
N CYS A 44 11.58 -0.63 -0.55
CA CYS A 44 12.53 0.02 0.33
C CYS A 44 13.18 1.18 -0.41
N ARG A 45 14.09 1.90 0.24
CA ARG A 45 14.75 3.04 -0.38
C ARG A 45 15.62 2.62 -1.55
N GLY A 46 15.20 2.97 -2.76
CA GLY A 46 15.95 2.64 -3.95
C GLY A 46 15.64 1.23 -4.42
N GLU A 47 16.63 0.58 -5.04
CA GLU A 47 16.45 -0.77 -5.54
C GLU A 47 16.85 -1.78 -4.47
N ARG A 48 16.55 -1.47 -3.23
CA ARG A 48 16.82 -2.38 -2.13
C ARG A 48 15.64 -3.30 -1.95
N GLU A 49 15.82 -4.56 -2.32
CA GLU A 49 14.72 -5.51 -2.38
C GLU A 49 14.36 -6.01 -1.00
N VAL A 50 13.08 -6.26 -0.80
CA VAL A 50 12.60 -6.77 0.48
C VAL A 50 12.35 -8.26 0.39
N VAL A 51 12.50 -8.95 1.50
CA VAL A 51 12.06 -10.33 1.58
C VAL A 51 10.96 -10.44 2.65
N GLY A 52 9.73 -10.38 2.19
CA GLY A 52 8.59 -10.48 3.07
C GLY A 52 7.37 -10.97 2.33
N PRO A 53 6.28 -11.27 3.04
CA PRO A 53 4.99 -11.55 2.41
C PRO A 53 4.34 -10.25 1.94
N LYS A 54 4.90 -9.65 0.91
CA LYS A 54 4.48 -8.34 0.45
C LYS A 54 3.21 -8.42 -0.38
N VAL A 55 2.07 -8.32 0.29
CA VAL A 55 0.80 -8.27 -0.38
C VAL A 55 -0.26 -7.62 0.50
N ARG A 56 -0.94 -6.64 -0.06
CA ARG A 56 -2.03 -5.96 0.62
C ARG A 56 -3.16 -5.72 -0.36
N LYS A 57 -4.20 -6.52 -0.24
CA LYS A 57 -5.34 -6.39 -1.14
C LYS A 57 -6.44 -5.57 -0.47
N CYS A 58 -7.06 -4.70 -1.25
CA CYS A 58 -8.17 -3.89 -0.76
C CYS A 58 -9.50 -4.53 -1.15
N LEU A 59 -10.37 -4.70 -0.17
CA LEU A 59 -11.69 -5.26 -0.39
C LEU A 59 -12.76 -4.18 -0.25
N ALA A 60 -14.02 -4.59 -0.36
CA ALA A 60 -15.14 -3.67 -0.18
C ALA A 60 -15.05 -2.94 1.16
N ASN A 61 -14.55 -3.65 2.17
CA ASN A 61 -14.31 -3.06 3.47
C ASN A 61 -12.95 -2.35 3.46
N GLY A 62 -12.89 -1.18 4.08
CA GLY A 62 -11.70 -0.35 3.99
C GLY A 62 -10.57 -0.79 4.88
N SER A 63 -10.00 -1.94 4.58
CA SER A 63 -8.81 -2.44 5.28
C SER A 63 -8.05 -3.40 4.38
N TRP A 64 -6.74 -3.30 4.40
CA TRP A 64 -5.90 -4.21 3.64
C TRP A 64 -5.92 -5.58 4.29
N THR A 65 -6.19 -6.62 3.50
CA THR A 65 -6.52 -7.95 4.02
C THR A 65 -5.36 -8.71 4.67
N ASP A 66 -4.27 -8.03 4.97
CA ASP A 66 -3.15 -8.68 5.65
C ASP A 66 -2.29 -7.62 6.31
N MET A 67 -2.92 -6.64 6.95
CA MET A 67 -2.16 -5.52 7.45
C MET A 67 -1.54 -5.82 8.81
N ASP A 68 -0.45 -6.58 8.75
CA ASP A 68 0.56 -6.67 9.79
C ASP A 68 1.73 -7.46 9.22
N THR A 69 2.67 -6.79 8.59
CA THR A 69 3.67 -7.51 7.80
C THR A 69 5.09 -7.13 8.17
N PRO A 70 5.83 -8.09 8.76
CA PRO A 70 7.26 -7.93 9.02
C PRO A 70 8.06 -8.05 7.73
N SER A 71 8.70 -6.96 7.34
CA SER A 71 9.43 -6.92 6.08
C SER A 71 10.79 -6.27 6.26
N ARG A 72 11.77 -6.74 5.50
CA ARG A 72 13.13 -6.22 5.60
C ARG A 72 13.75 -6.14 4.20
N CYS A 73 14.43 -5.04 3.91
CA CYS A 73 15.11 -4.90 2.64
C CYS A 73 16.58 -5.25 2.77
N VAL A 74 16.90 -6.47 2.37
CA VAL A 74 18.26 -6.97 2.38
C VAL A 74 18.56 -7.61 1.03
N ARG A 75 19.71 -7.30 0.46
CA ARG A 75 20.01 -7.72 -0.90
C ARG A 75 21.36 -8.43 -0.96
N GLY A 1 -28.75 4.34 -0.89
CA GLY A 1 -27.53 5.11 -1.21
C GLY A 1 -26.30 4.22 -1.17
N PRO A 2 -25.34 4.45 -2.08
CA PRO A 2 -24.12 3.65 -2.15
C PRO A 2 -23.20 3.91 -0.96
N THR A 3 -22.66 2.84 -0.41
CA THR A 3 -21.73 2.95 0.70
C THR A 3 -20.35 3.33 0.21
N SER A 4 -19.70 4.24 0.92
CA SER A 4 -18.34 4.62 0.57
C SER A 4 -17.36 3.57 1.08
N GLU A 5 -16.95 2.69 0.19
CA GLU A 5 -16.09 1.58 0.54
C GLU A 5 -14.77 1.68 -0.20
N GLY A 6 -13.76 2.16 0.51
CA GLY A 6 -12.44 2.28 -0.06
C GLY A 6 -11.38 2.39 1.00
N CYS A 7 -10.22 1.84 0.75
CA CYS A 7 -9.13 1.87 1.70
C CYS A 7 -8.40 3.21 1.63
N GLN A 8 -8.17 3.82 2.78
CA GLN A 8 -7.48 5.10 2.83
C GLN A 8 -5.97 4.92 2.73
N ILE A 9 -5.25 6.02 2.83
CA ILE A 9 -3.80 6.01 2.79
C ILE A 9 -3.26 5.70 4.18
N ILE A 10 -2.26 4.84 4.24
CA ILE A 10 -1.81 4.27 5.51
C ILE A 10 -0.64 5.06 6.08
N HIS A 11 -0.55 5.11 7.41
CA HIS A 11 0.61 5.68 8.09
C HIS A 11 1.86 4.88 7.73
N PRO A 12 2.97 5.57 7.44
CA PRO A 12 4.23 4.92 7.11
C PRO A 12 4.82 4.16 8.30
N PRO A 13 5.00 2.84 8.16
CA PRO A 13 5.59 1.99 9.19
C PRO A 13 7.11 2.14 9.24
N TRP A 14 7.83 1.02 9.23
CA TRP A 14 9.29 1.03 9.18
C TRP A 14 9.75 1.66 7.87
N GLU A 15 11.06 1.85 7.70
CA GLU A 15 11.61 2.52 6.53
C GLU A 15 11.45 1.68 5.27
N GLY A 16 10.25 1.67 4.75
CA GLY A 16 9.96 1.06 3.48
C GLY A 16 8.92 1.86 2.74
N GLY A 17 8.90 1.76 1.43
CA GLY A 17 7.96 2.54 0.67
C GLY A 17 6.83 1.69 0.13
N ILE A 18 6.00 2.28 -0.70
CA ILE A 18 4.89 1.57 -1.30
C ILE A 18 4.86 1.82 -2.79
N ARG A 19 4.73 0.74 -3.54
CA ARG A 19 4.70 0.83 -4.98
C ARG A 19 3.33 0.42 -5.47
N TYR A 20 2.67 1.31 -6.20
CA TYR A 20 1.31 1.08 -6.63
C TYR A 20 1.29 0.33 -7.96
N ARG A 21 0.12 0.19 -8.53
CA ARG A 21 -0.04 -0.55 -9.78
C ARG A 21 0.15 0.39 -10.96
N GLY A 22 -0.59 1.50 -10.96
CA GLY A 22 -0.54 2.44 -12.06
C GLY A 22 -0.49 3.87 -11.60
N LEU A 23 -0.25 4.09 -10.31
CA LEU A 23 -0.20 5.43 -9.76
C LEU A 23 1.21 5.99 -9.83
N THR A 24 1.33 7.19 -10.38
CA THR A 24 2.61 7.87 -10.49
C THR A 24 2.73 8.95 -9.41
N ARG A 25 3.84 9.67 -9.41
CA ARG A 25 4.12 10.70 -8.40
C ARG A 25 3.18 11.89 -8.56
N ASP A 26 3.44 12.95 -7.78
CA ASP A 26 2.55 14.13 -7.68
C ASP A 26 1.26 13.76 -6.95
N GLN A 27 0.74 12.58 -7.27
CA GLN A 27 -0.44 12.05 -6.64
C GLN A 27 -0.08 11.31 -5.36
N VAL A 28 -1.00 10.44 -4.90
CA VAL A 28 -0.84 9.58 -3.72
C VAL A 28 -0.46 10.36 -2.45
N LYS A 29 -0.54 11.69 -2.52
CA LYS A 29 -0.29 12.51 -1.36
C LYS A 29 -1.61 12.90 -0.70
N ALA A 30 -2.70 12.79 -1.47
CA ALA A 30 -4.02 13.09 -0.99
C ALA A 30 -5.07 12.29 -1.76
N ILE A 31 -5.43 11.13 -1.23
CA ILE A 31 -6.44 10.28 -1.84
C ILE A 31 -7.44 9.86 -0.77
N ASN A 32 -8.72 9.89 -1.12
CA ASN A 32 -9.77 9.55 -0.17
C ASN A 32 -9.87 8.05 0.02
N PHE A 33 -10.28 7.36 -1.04
CA PHE A 33 -10.51 5.94 -0.96
C PHE A 33 -9.89 5.22 -2.16
N LEU A 34 -9.07 4.22 -1.88
CA LEU A 34 -8.56 3.33 -2.91
C LEU A 34 -9.56 2.22 -3.16
N PRO A 35 -9.85 1.92 -4.43
CA PRO A 35 -10.86 0.93 -4.82
C PRO A 35 -10.51 -0.48 -4.34
N VAL A 36 -11.54 -1.21 -3.89
CA VAL A 36 -11.38 -2.60 -3.48
C VAL A 36 -11.10 -3.49 -4.70
N ASP A 37 -9.84 -3.50 -5.09
CA ASP A 37 -9.37 -4.21 -6.28
C ASP A 37 -7.91 -3.85 -6.52
N TYR A 38 -7.54 -2.67 -6.05
CA TYR A 38 -6.19 -2.15 -6.23
C TYR A 38 -5.20 -2.87 -5.32
N GLU A 39 -3.97 -3.04 -5.81
CA GLU A 39 -2.92 -3.72 -5.06
C GLU A 39 -1.69 -2.82 -4.93
N ILE A 40 -0.86 -3.11 -3.94
CA ILE A 40 0.39 -2.39 -3.74
C ILE A 40 1.51 -3.34 -3.34
N GLU A 41 2.74 -2.99 -3.72
CA GLU A 41 3.91 -3.79 -3.39
C GLU A 41 4.81 -3.01 -2.42
N TYR A 42 5.77 -3.70 -1.83
CA TYR A 42 6.66 -3.09 -0.84
C TYR A 42 8.08 -3.00 -1.35
N VAL A 43 8.46 -1.80 -1.75
CA VAL A 43 9.85 -1.51 -2.08
C VAL A 43 10.54 -0.89 -0.87
N CYS A 44 11.84 -1.04 -0.76
CA CYS A 44 12.56 -0.46 0.36
C CYS A 44 12.99 0.95 0.00
N ARG A 45 13.43 1.72 1.00
CA ARG A 45 13.80 3.11 0.77
C ARG A 45 14.92 3.20 -0.27
N GLY A 46 14.62 3.84 -1.38
CA GLY A 46 15.57 3.92 -2.47
C GLY A 46 15.18 3.02 -3.61
N GLU A 47 16.05 2.08 -3.95
CA GLU A 47 15.76 1.11 -4.99
C GLU A 47 16.05 -0.29 -4.50
N ARG A 48 15.99 -0.47 -3.19
CA ARG A 48 16.30 -1.75 -2.58
C ARG A 48 15.06 -2.61 -2.53
N GLU A 49 15.21 -3.88 -2.87
CA GLU A 49 14.09 -4.81 -2.87
C GLU A 49 14.07 -5.58 -1.57
N VAL A 50 12.92 -6.14 -1.22
CA VAL A 50 12.78 -6.90 -0.01
C VAL A 50 12.30 -8.31 -0.32
N VAL A 51 12.70 -9.27 0.52
CA VAL A 51 12.16 -10.61 0.42
C VAL A 51 11.09 -10.81 1.48
N GLY A 52 9.84 -10.63 1.06
CA GLY A 52 8.73 -10.70 1.97
C GLY A 52 7.46 -11.07 1.25
N PRO A 53 6.37 -11.34 1.98
CA PRO A 53 5.04 -11.52 1.38
C PRO A 53 4.47 -10.16 0.94
N LYS A 54 5.23 -9.46 0.10
CA LYS A 54 4.88 -8.10 -0.29
C LYS A 54 3.74 -8.09 -1.31
N VAL A 55 2.53 -8.09 -0.80
CA VAL A 55 1.35 -7.93 -1.62
C VAL A 55 0.17 -7.50 -0.75
N ARG A 56 -0.50 -6.45 -1.14
CA ARG A 56 -1.66 -5.97 -0.40
C ARG A 56 -2.81 -5.70 -1.34
N LYS A 57 -4.00 -6.05 -0.91
CA LYS A 57 -5.19 -5.77 -1.69
C LYS A 57 -6.23 -5.11 -0.81
N CYS A 58 -6.90 -4.10 -1.36
CA CYS A 58 -7.93 -3.37 -0.63
C CYS A 58 -9.16 -4.24 -0.46
N LEU A 59 -9.85 -4.07 0.66
CA LEU A 59 -11.04 -4.85 0.96
C LEU A 59 -12.27 -3.94 1.06
N ALA A 60 -13.43 -4.53 1.33
CA ALA A 60 -14.67 -3.76 1.44
C ALA A 60 -14.77 -3.09 2.81
N ASN A 61 -13.86 -3.42 3.71
CA ASN A 61 -13.79 -2.78 5.00
C ASN A 61 -12.69 -1.72 5.00
N GLY A 62 -12.68 -0.86 6.00
CA GLY A 62 -11.71 0.22 6.05
C GLY A 62 -10.33 -0.25 6.47
N SER A 63 -9.78 -1.19 5.71
CA SER A 63 -8.45 -1.70 5.94
C SER A 63 -8.06 -2.63 4.79
N TRP A 64 -6.82 -3.03 4.77
CA TRP A 64 -6.30 -3.90 3.73
C TRP A 64 -6.26 -5.34 4.22
N THR A 65 -5.79 -6.24 3.37
CA THR A 65 -5.75 -7.68 3.67
C THR A 65 -5.10 -7.97 5.04
N ASP A 66 -3.90 -7.45 5.24
CA ASP A 66 -3.19 -7.59 6.50
C ASP A 66 -2.24 -6.41 6.63
N MET A 67 -2.24 -5.71 7.76
CA MET A 67 -1.26 -4.65 7.93
C MET A 67 -0.56 -4.74 9.27
N ASP A 68 0.39 -5.66 9.34
CA ASP A 68 1.47 -5.62 10.30
C ASP A 68 2.48 -6.66 9.90
N THR A 69 3.41 -6.28 9.05
CA THR A 69 4.34 -7.25 8.48
C THR A 69 5.68 -6.60 8.19
N PRO A 70 6.63 -6.71 9.14
CA PRO A 70 7.95 -6.11 8.99
C PRO A 70 8.76 -6.77 7.87
N SER A 71 8.67 -6.19 6.69
CA SER A 71 9.42 -6.69 5.55
C SER A 71 10.87 -6.18 5.63
N ARG A 72 11.79 -7.11 5.77
CA ARG A 72 13.19 -6.79 5.97
C ARG A 72 13.88 -6.43 4.67
N CYS A 73 14.63 -5.35 4.69
CA CYS A 73 15.38 -4.91 3.52
C CYS A 73 16.70 -5.65 3.41
N VAL A 74 16.71 -6.66 2.57
CA VAL A 74 17.91 -7.44 2.29
C VAL A 74 17.87 -7.96 0.86
N ARG A 75 18.79 -7.47 0.05
CA ARG A 75 18.77 -7.75 -1.37
C ARG A 75 20.15 -8.24 -1.80
N GLY A 1 -23.78 3.49 -8.68
CA GLY A 1 -24.34 3.26 -7.32
C GLY A 1 -23.72 4.17 -6.30
N PRO A 2 -24.45 4.48 -5.20
CA PRO A 2 -23.96 5.37 -4.14
C PRO A 2 -23.03 4.65 -3.18
N THR A 3 -22.11 3.88 -3.75
CA THR A 3 -21.19 3.08 -2.97
C THR A 3 -19.76 3.52 -3.21
N SER A 4 -18.97 3.56 -2.16
CA SER A 4 -17.54 3.81 -2.28
C SER A 4 -16.79 2.95 -1.28
N GLU A 5 -16.28 1.82 -1.76
CA GLU A 5 -15.53 0.90 -0.91
C GLU A 5 -14.05 1.14 -1.09
N GLY A 6 -13.37 1.52 -0.02
CA GLY A 6 -11.97 1.82 -0.12
C GLY A 6 -11.22 1.63 1.18
N CYS A 7 -9.94 1.33 1.06
CA CYS A 7 -9.07 1.15 2.20
C CYS A 7 -8.30 2.44 2.46
N GLN A 8 -7.96 2.72 3.71
CA GLN A 8 -7.31 3.97 4.07
C GLN A 8 -5.85 4.00 3.60
N ILE A 9 -5.22 5.17 3.78
CA ILE A 9 -3.84 5.37 3.40
C ILE A 9 -2.91 4.99 4.54
N ILE A 10 -1.94 4.12 4.25
CA ILE A 10 -0.95 3.71 5.22
C ILE A 10 0.18 4.72 5.28
N HIS A 11 0.49 5.21 6.48
CA HIS A 11 1.51 6.22 6.65
C HIS A 11 2.89 5.57 6.61
N PRO A 12 3.83 6.16 5.85
CA PRO A 12 5.20 5.62 5.67
C PRO A 12 5.87 5.27 6.99
N PRO A 13 6.12 3.97 7.23
CA PRO A 13 6.70 3.47 8.48
C PRO A 13 8.23 3.64 8.53
N TRP A 14 8.94 2.56 8.29
CA TRP A 14 10.40 2.58 8.30
C TRP A 14 10.92 3.13 6.98
N GLU A 15 12.25 3.26 6.86
CA GLU A 15 12.88 3.76 5.65
C GLU A 15 12.48 2.96 4.42
N GLY A 16 11.56 3.52 3.66
CA GLY A 16 11.02 2.87 2.49
C GLY A 16 9.81 3.60 1.97
N GLY A 17 8.85 2.87 1.44
CA GLY A 17 7.64 3.50 0.95
C GLY A 17 6.64 2.48 0.47
N ILE A 18 5.60 2.95 -0.18
CA ILE A 18 4.58 2.06 -0.71
C ILE A 18 4.37 2.30 -2.20
N ARG A 19 4.49 1.22 -2.95
CA ARG A 19 4.28 1.27 -4.38
C ARG A 19 2.85 0.87 -4.68
N TYR A 20 2.36 1.22 -5.85
CA TYR A 20 0.99 0.95 -6.21
C TYR A 20 0.92 0.12 -7.47
N ARG A 21 -0.29 -0.05 -8.00
CA ARG A 21 -0.50 -0.85 -9.20
C ARG A 21 -0.19 -0.04 -10.45
N GLY A 22 -0.54 1.24 -10.41
CA GLY A 22 -0.29 2.10 -11.55
C GLY A 22 -0.42 3.57 -11.21
N LEU A 23 0.55 4.08 -10.46
CA LEU A 23 0.57 5.49 -10.08
C LEU A 23 1.98 6.05 -10.15
N THR A 24 2.10 7.26 -10.66
CA THR A 24 3.37 7.94 -10.75
C THR A 24 3.60 8.80 -9.50
N ARG A 25 4.73 9.51 -9.45
CA ARG A 25 5.01 10.40 -8.32
C ARG A 25 4.05 11.59 -8.32
N ASP A 26 4.26 12.52 -7.38
CA ASP A 26 3.37 13.67 -7.13
C ASP A 26 1.96 13.22 -6.69
N GLN A 27 1.57 12.03 -7.10
CA GLN A 27 0.28 11.45 -6.75
C GLN A 27 0.26 11.06 -5.27
N VAL A 28 -0.89 10.54 -4.83
CA VAL A 28 -1.10 10.04 -3.47
C VAL A 28 -0.67 11.04 -2.39
N LYS A 29 -0.59 12.31 -2.76
CA LYS A 29 -0.25 13.37 -1.82
C LYS A 29 -1.45 13.65 -0.91
N ALA A 30 -2.63 13.29 -1.41
CA ALA A 30 -3.86 13.41 -0.65
C ALA A 30 -4.98 12.62 -1.32
N ILE A 31 -5.27 11.46 -0.76
CA ILE A 31 -6.37 10.64 -1.24
C ILE A 31 -7.22 10.24 -0.04
N ASN A 32 -8.48 9.89 -0.28
CA ASN A 32 -9.35 9.48 0.81
C ASN A 32 -9.23 7.98 1.05
N PHE A 33 -9.52 7.20 0.02
CA PHE A 33 -9.47 5.74 0.13
C PHE A 33 -8.96 5.11 -1.16
N LEU A 34 -8.24 4.00 -1.02
CA LEU A 34 -7.81 3.21 -2.16
C LEU A 34 -8.93 2.27 -2.56
N PRO A 35 -9.29 2.22 -3.84
CA PRO A 35 -10.44 1.44 -4.32
C PRO A 35 -10.27 -0.06 -4.10
N VAL A 36 -11.38 -0.74 -3.84
CA VAL A 36 -11.39 -2.19 -3.75
C VAL A 36 -10.78 -2.81 -5.01
N ASP A 37 -10.13 -3.98 -4.84
CA ASP A 37 -9.46 -4.70 -5.93
C ASP A 37 -8.05 -4.15 -6.18
N TYR A 38 -7.86 -2.86 -5.90
CA TYR A 38 -6.57 -2.22 -6.13
C TYR A 38 -5.51 -2.78 -5.19
N GLU A 39 -4.30 -2.94 -5.72
CA GLU A 39 -3.21 -3.53 -4.95
C GLU A 39 -2.09 -2.53 -4.71
N ILE A 40 -1.46 -2.64 -3.55
CA ILE A 40 -0.28 -1.86 -3.23
C ILE A 40 0.87 -2.81 -2.90
N GLU A 41 2.09 -2.28 -2.88
CA GLU A 41 3.27 -3.08 -2.56
C GLU A 41 4.20 -2.33 -1.60
N TYR A 42 4.79 -3.07 -0.68
CA TYR A 42 5.71 -2.50 0.29
C TYR A 42 7.13 -2.46 -0.25
N VAL A 43 7.57 -1.29 -0.69
CA VAL A 43 8.91 -1.15 -1.22
C VAL A 43 9.83 -0.51 -0.19
N CYS A 44 11.12 -0.64 -0.42
CA CYS A 44 12.12 -0.13 0.52
C CYS A 44 12.75 1.16 -0.01
N ARG A 45 13.73 1.68 0.71
CA ARG A 45 14.39 2.93 0.36
C ARG A 45 14.98 2.88 -1.04
N GLY A 46 14.52 3.80 -1.88
CA GLY A 46 15.03 3.89 -3.24
C GLY A 46 14.52 2.75 -4.09
N GLU A 47 15.34 1.72 -4.22
CA GLU A 47 14.96 0.53 -4.96
C GLU A 47 15.59 -0.70 -4.32
N ARG A 48 15.45 -0.77 -3.00
CA ARG A 48 15.92 -1.92 -2.25
C ARG A 48 14.86 -3.00 -2.22
N GLU A 49 15.23 -4.21 -2.59
CA GLU A 49 14.30 -5.33 -2.62
C GLU A 49 14.07 -5.84 -1.20
N VAL A 50 12.88 -6.35 -0.96
CA VAL A 50 12.50 -6.82 0.36
C VAL A 50 11.98 -8.25 0.29
N VAL A 51 12.16 -9.00 1.35
CA VAL A 51 11.55 -10.31 1.46
C VAL A 51 10.39 -10.23 2.47
N GLY A 52 9.21 -10.06 1.94
CA GLY A 52 8.02 -9.99 2.75
C GLY A 52 6.79 -10.39 1.98
N PRO A 53 5.65 -10.56 2.65
CA PRO A 53 4.39 -10.82 1.96
C PRO A 53 3.81 -9.54 1.37
N LYS A 54 4.57 -8.93 0.47
CA LYS A 54 4.20 -7.62 -0.05
C LYS A 54 3.13 -7.72 -1.14
N VAL A 55 1.89 -7.81 -0.69
CA VAL A 55 0.72 -7.75 -1.56
C VAL A 55 -0.48 -7.33 -0.71
N ARG A 56 -1.17 -6.30 -1.15
CA ARG A 56 -2.33 -5.82 -0.42
C ARG A 56 -3.42 -5.41 -1.39
N LYS A 57 -4.39 -6.28 -1.58
CA LYS A 57 -5.55 -5.96 -2.38
C LYS A 57 -6.64 -5.41 -1.48
N CYS A 58 -7.14 -4.23 -1.79
CA CYS A 58 -8.18 -3.62 -0.98
C CYS A 58 -9.45 -4.44 -1.03
N LEU A 59 -10.06 -4.63 0.13
CA LEU A 59 -11.22 -5.49 0.26
C LEU A 59 -12.51 -4.68 0.24
N ALA A 60 -13.64 -5.38 0.38
CA ALA A 60 -14.94 -4.71 0.44
C ALA A 60 -15.10 -3.97 1.77
N ASN A 61 -14.17 -4.21 2.67
CA ASN A 61 -14.10 -3.50 3.93
C ASN A 61 -12.89 -2.59 3.92
N GLY A 62 -12.89 -1.56 4.77
CA GLY A 62 -11.85 -0.55 4.74
C GLY A 62 -10.56 -1.00 5.41
N SER A 63 -10.05 -2.15 4.99
CA SER A 63 -8.82 -2.70 5.53
C SER A 63 -8.18 -3.63 4.50
N TRP A 64 -6.90 -3.91 4.67
CA TRP A 64 -6.18 -4.76 3.73
C TRP A 64 -6.24 -6.21 4.20
N THR A 65 -5.64 -7.11 3.45
CA THR A 65 -5.65 -8.53 3.77
C THR A 65 -4.98 -8.79 5.13
N ASP A 66 -3.90 -8.07 5.38
CA ASP A 66 -3.17 -8.20 6.64
C ASP A 66 -2.59 -6.84 7.01
N MET A 67 -2.70 -6.44 8.26
CA MET A 67 -1.99 -5.25 8.67
C MET A 67 -1.00 -5.59 9.78
N ASP A 68 0.08 -6.24 9.36
CA ASP A 68 1.33 -6.32 10.09
C ASP A 68 2.36 -6.94 9.18
N THR A 69 3.06 -6.13 8.41
CA THR A 69 3.92 -6.68 7.38
C THR A 69 5.40 -6.52 7.74
N PRO A 70 6.06 -7.64 8.07
CA PRO A 70 7.45 -7.66 8.50
C PRO A 70 8.42 -7.90 7.34
N SER A 71 8.23 -7.17 6.25
CA SER A 71 9.11 -7.26 5.10
C SER A 71 10.43 -6.55 5.39
N ARG A 72 11.54 -7.27 5.20
CA ARG A 72 12.86 -6.69 5.47
C ARG A 72 13.61 -6.46 4.16
N CYS A 73 14.47 -5.43 4.14
CA CYS A 73 15.17 -5.04 2.92
C CYS A 73 16.47 -5.81 2.76
N VAL A 74 16.54 -6.65 1.74
CA VAL A 74 17.74 -7.43 1.46
C VAL A 74 17.79 -7.81 -0.02
N ARG A 75 18.97 -7.66 -0.61
CA ARG A 75 19.18 -8.03 -2.00
C ARG A 75 20.66 -8.34 -2.26
N GLY A 1 -23.09 11.29 4.69
CA GLY A 1 -21.62 11.37 4.77
C GLY A 1 -20.96 10.72 3.58
N PRO A 2 -19.62 10.59 3.61
CA PRO A 2 -18.87 9.92 2.54
C PRO A 2 -19.24 8.44 2.46
N THR A 3 -19.59 7.99 1.26
CA THR A 3 -19.97 6.61 1.06
C THR A 3 -19.29 6.03 -0.19
N SER A 4 -18.22 5.30 0.04
CA SER A 4 -17.47 4.66 -1.04
C SER A 4 -16.83 3.38 -0.53
N GLU A 5 -16.66 2.40 -1.40
CA GLU A 5 -16.04 1.15 -1.01
C GLU A 5 -14.56 1.18 -1.36
N GLY A 6 -13.74 1.50 -0.38
CA GLY A 6 -12.32 1.60 -0.61
C GLY A 6 -11.52 1.54 0.67
N CYS A 7 -10.23 1.30 0.54
CA CYS A 7 -9.33 1.23 1.67
C CYS A 7 -8.62 2.56 1.86
N GLN A 8 -8.20 2.84 3.09
CA GLN A 8 -7.53 4.10 3.40
C GLN A 8 -6.05 4.04 3.04
N ILE A 9 -5.35 5.14 3.30
CA ILE A 9 -3.93 5.24 3.05
C ILE A 9 -3.15 4.79 4.27
N ILE A 10 -2.32 3.78 4.08
CA ILE A 10 -1.48 3.28 5.16
C ILE A 10 -0.35 4.26 5.46
N HIS A 11 -0.21 4.60 6.74
CA HIS A 11 0.79 5.57 7.16
C HIS A 11 2.19 5.01 6.95
N PRO A 12 3.03 5.70 6.15
CA PRO A 12 4.40 5.25 5.85
C PRO A 12 5.19 4.89 7.11
N PRO A 13 5.66 3.63 7.17
CA PRO A 13 6.36 3.09 8.33
C PRO A 13 7.86 3.38 8.30
N TRP A 14 8.66 2.37 8.68
CA TRP A 14 10.12 2.48 8.70
C TRP A 14 10.68 2.61 7.28
N GLU A 15 12.02 2.66 7.18
CA GLU A 15 12.72 2.88 5.91
C GLU A 15 12.09 2.13 4.74
N GLY A 16 11.33 2.85 3.92
CA GLY A 16 10.68 2.26 2.78
C GLY A 16 9.46 3.05 2.37
N GLY A 17 8.66 2.48 1.49
CA GLY A 17 7.46 3.16 1.04
C GLY A 17 6.46 2.18 0.47
N ILE A 18 5.41 2.69 -0.13
CA ILE A 18 4.37 1.84 -0.70
C ILE A 18 4.28 2.00 -2.20
N ARG A 19 4.17 0.88 -2.87
CA ARG A 19 4.08 0.84 -4.31
C ARG A 19 2.63 0.60 -4.71
N TYR A 20 2.18 1.27 -5.75
CA TYR A 20 0.79 1.12 -6.18
C TYR A 20 0.73 0.34 -7.49
N ARG A 21 -0.46 0.27 -8.08
CA ARG A 21 -0.67 -0.54 -9.27
C ARG A 21 -0.41 0.26 -10.53
N GLY A 22 -0.93 1.49 -10.56
CA GLY A 22 -0.77 2.33 -11.72
C GLY A 22 -0.78 3.80 -11.36
N LEU A 23 0.07 4.18 -10.42
CA LEU A 23 0.17 5.57 -9.99
C LEU A 23 1.63 5.99 -9.83
N THR A 24 1.97 7.10 -10.47
CA THR A 24 3.31 7.66 -10.34
C THR A 24 3.36 8.58 -9.12
N ARG A 25 4.52 9.18 -8.85
CA ARG A 25 4.68 10.00 -7.66
C ARG A 25 4.09 11.40 -7.85
N ASP A 26 4.31 12.27 -6.87
CA ASP A 26 3.62 13.57 -6.77
C ASP A 26 2.12 13.33 -6.65
N GLN A 27 1.77 12.10 -6.34
CA GLN A 27 0.39 11.70 -6.15
C GLN A 27 0.32 10.85 -4.89
N VAL A 28 -0.85 10.27 -4.62
CA VAL A 28 -1.12 9.44 -3.43
C VAL A 28 -0.76 10.16 -2.12
N LYS A 29 -0.48 11.45 -2.23
CA LYS A 29 -0.18 12.29 -1.08
C LYS A 29 -1.48 12.70 -0.38
N ALA A 30 -2.56 12.64 -1.14
CA ALA A 30 -3.88 12.97 -0.62
C ALA A 30 -4.96 12.30 -1.43
N ILE A 31 -5.19 11.03 -1.14
CA ILE A 31 -6.26 10.27 -1.79
C ILE A 31 -7.24 9.80 -0.73
N ASN A 32 -8.53 9.87 -1.04
CA ASN A 32 -9.57 9.52 -0.09
C ASN A 32 -9.57 8.02 0.18
N PHE A 33 -9.87 7.24 -0.85
CA PHE A 33 -9.96 5.80 -0.71
C PHE A 33 -9.44 5.10 -1.95
N LEU A 34 -8.75 3.99 -1.74
CA LEU A 34 -8.34 3.13 -2.83
C LEU A 34 -9.41 2.07 -3.05
N PRO A 35 -10.07 2.08 -4.22
CA PRO A 35 -11.21 1.20 -4.52
C PRO A 35 -10.91 -0.28 -4.24
N VAL A 36 -11.93 -0.98 -3.74
CA VAL A 36 -11.82 -2.40 -3.41
C VAL A 36 -11.58 -3.24 -4.67
N ASP A 37 -10.30 -3.35 -5.03
CA ASP A 37 -9.86 -4.10 -6.20
C ASP A 37 -8.39 -3.77 -6.45
N TYR A 38 -8.02 -2.58 -6.01
CA TYR A 38 -6.65 -2.09 -6.14
C TYR A 38 -5.71 -2.89 -5.24
N GLU A 39 -4.49 -3.10 -5.71
CA GLU A 39 -3.49 -3.84 -4.95
C GLU A 39 -2.20 -3.02 -4.83
N ILE A 40 -1.50 -3.15 -3.70
CA ILE A 40 -0.28 -2.38 -3.46
C ILE A 40 0.88 -3.28 -3.04
N GLU A 41 2.07 -2.70 -3.04
CA GLU A 41 3.31 -3.41 -2.74
C GLU A 41 4.14 -2.61 -1.72
N TYR A 42 5.13 -3.26 -1.10
CA TYR A 42 5.97 -2.62 -0.10
C TYR A 42 7.42 -2.57 -0.54
N VAL A 43 7.87 -1.40 -0.99
CA VAL A 43 9.25 -1.23 -1.42
C VAL A 43 10.09 -0.62 -0.30
N CYS A 44 11.40 -0.82 -0.36
CA CYS A 44 12.31 -0.26 0.62
C CYS A 44 12.82 1.10 0.14
N ARG A 45 13.63 1.74 0.97
CA ARG A 45 14.12 3.07 0.68
C ARG A 45 15.11 3.02 -0.48
N GLY A 46 14.77 3.69 -1.57
CA GLY A 46 15.67 3.80 -2.69
C GLY A 46 15.50 2.66 -3.68
N GLU A 47 16.59 1.97 -3.97
CA GLU A 47 16.56 0.85 -4.90
C GLU A 47 16.92 -0.44 -4.20
N ARG A 48 16.66 -0.48 -2.90
CA ARG A 48 16.94 -1.67 -2.10
C ARG A 48 15.73 -2.58 -2.12
N GLU A 49 15.91 -3.78 -2.63
CA GLU A 49 14.81 -4.72 -2.77
C GLU A 49 14.50 -5.39 -1.44
N VAL A 50 13.29 -5.94 -1.33
CA VAL A 50 12.87 -6.62 -0.13
C VAL A 50 12.35 -8.02 -0.47
N VAL A 51 12.70 -9.00 0.35
CA VAL A 51 12.11 -10.32 0.18
C VAL A 51 11.04 -10.53 1.25
N GLY A 52 9.80 -10.27 0.87
CA GLY A 52 8.70 -10.39 1.77
C GLY A 52 7.41 -10.65 1.03
N PRO A 53 6.31 -10.97 1.75
CA PRO A 53 5.00 -11.13 1.14
C PRO A 53 4.36 -9.77 0.84
N LYS A 54 5.09 -8.91 0.15
CA LYS A 54 4.65 -7.55 -0.08
C LYS A 54 3.57 -7.46 -1.16
N VAL A 55 2.35 -7.63 -0.72
CA VAL A 55 1.19 -7.48 -1.58
C VAL A 55 -0.06 -7.28 -0.73
N ARG A 56 -0.84 -6.27 -1.03
CA ARG A 56 -2.08 -6.02 -0.29
C ARG A 56 -3.24 -5.85 -1.24
N LYS A 57 -4.31 -6.54 -0.96
CA LYS A 57 -5.53 -6.40 -1.73
C LYS A 57 -6.56 -5.64 -0.92
N CYS A 58 -7.22 -4.67 -1.55
CA CYS A 58 -8.21 -3.86 -0.85
C CYS A 58 -9.50 -4.66 -0.61
N LEU A 59 -10.13 -4.40 0.52
CA LEU A 59 -11.34 -5.10 0.90
C LEU A 59 -12.52 -4.14 0.89
N ALA A 60 -13.71 -4.64 1.25
CA ALA A 60 -14.91 -3.83 1.27
C ALA A 60 -14.98 -2.96 2.53
N ASN A 61 -13.82 -2.64 3.07
CA ASN A 61 -13.72 -1.84 4.28
C ASN A 61 -12.44 -1.00 4.22
N GLY A 62 -12.27 -0.10 5.16
CA GLY A 62 -11.16 0.86 5.10
C GLY A 62 -9.80 0.22 5.27
N SER A 63 -9.76 -0.97 5.83
CA SER A 63 -8.51 -1.66 6.08
C SER A 63 -8.22 -2.69 5.00
N TRP A 64 -6.94 -2.87 4.69
CA TRP A 64 -6.51 -3.82 3.68
C TRP A 64 -6.53 -5.25 4.25
N THR A 65 -6.14 -6.22 3.43
CA THR A 65 -6.19 -7.63 3.80
C THR A 65 -5.45 -7.93 5.11
N ASP A 66 -4.22 -7.45 5.22
CA ASP A 66 -3.39 -7.71 6.40
C ASP A 66 -2.61 -6.47 6.77
N MET A 67 -2.47 -6.21 8.07
CA MET A 67 -1.51 -5.21 8.51
C MET A 67 -0.78 -5.66 9.77
N ASP A 68 0.22 -6.51 9.58
CA ASP A 68 1.31 -6.68 10.54
C ASP A 68 2.41 -7.49 9.87
N THR A 69 3.31 -6.83 9.20
CA THR A 69 4.30 -7.55 8.40
C THR A 69 5.59 -6.74 8.25
N PRO A 70 6.61 -7.08 9.05
CA PRO A 70 7.93 -6.44 8.95
C PRO A 70 8.66 -6.86 7.68
N SER A 71 8.89 -5.91 6.79
CA SER A 71 9.57 -6.19 5.54
C SER A 71 11.07 -5.95 5.70
N ARG A 72 11.86 -6.87 5.19
CA ARG A 72 13.30 -6.82 5.34
C ARG A 72 13.96 -6.33 4.05
N CYS A 73 14.72 -5.25 4.14
CA CYS A 73 15.44 -4.75 3.00
C CYS A 73 16.66 -5.62 2.73
N VAL A 74 16.49 -6.53 1.79
CA VAL A 74 17.51 -7.51 1.43
C VAL A 74 16.94 -8.43 0.36
N ARG A 75 17.80 -8.97 -0.48
CA ARG A 75 17.37 -9.84 -1.56
C ARG A 75 18.16 -11.14 -1.54
N GLY A 1 -25.69 6.45 -2.13
CA GLY A 1 -25.40 7.48 -1.12
C GLY A 1 -23.91 7.75 -0.99
N PRO A 2 -23.46 8.34 0.13
CA PRO A 2 -22.05 8.69 0.33
C PRO A 2 -21.22 7.52 0.86
N THR A 3 -21.75 6.32 0.73
CA THR A 3 -21.06 5.12 1.18
C THR A 3 -20.11 4.61 0.10
N SER A 4 -18.81 4.70 0.37
CA SER A 4 -17.81 4.20 -0.54
C SER A 4 -16.77 3.38 0.22
N GLU A 5 -16.86 2.06 0.12
CA GLU A 5 -15.92 1.18 0.80
C GLU A 5 -14.55 1.27 0.14
N GLY A 6 -13.58 1.72 0.91
CA GLY A 6 -12.23 1.82 0.41
C GLY A 6 -11.24 1.91 1.55
N CYS A 7 -10.00 1.59 1.26
CA CYS A 7 -8.94 1.64 2.26
C CYS A 7 -8.25 3.00 2.24
N GLN A 8 -7.81 3.46 3.40
CA GLN A 8 -7.14 4.75 3.50
C GLN A 8 -5.66 4.62 3.19
N ILE A 9 -4.93 5.73 3.29
CA ILE A 9 -3.50 5.72 3.10
C ILE A 9 -2.81 5.39 4.42
N ILE A 10 -1.96 4.37 4.37
CA ILE A 10 -1.25 3.92 5.56
C ILE A 10 -0.04 4.82 5.80
N HIS A 11 0.18 5.20 7.06
CA HIS A 11 1.38 5.92 7.45
C HIS A 11 2.61 5.17 7.00
N PRO A 12 3.53 5.84 6.29
CA PRO A 12 4.78 5.24 5.84
C PRO A 12 5.52 4.56 6.98
N PRO A 13 5.79 3.25 6.85
CA PRO A 13 6.49 2.47 7.87
C PRO A 13 7.96 2.88 7.98
N TRP A 14 8.79 2.00 8.54
CA TRP A 14 10.21 2.27 8.64
C TRP A 14 10.79 2.48 7.24
N GLU A 15 11.95 3.13 7.17
CA GLU A 15 12.53 3.61 5.91
C GLU A 15 12.36 2.64 4.74
N GLY A 16 11.38 2.96 3.91
CA GLY A 16 11.07 2.17 2.75
C GLY A 16 10.12 2.93 1.84
N GLY A 17 9.16 2.22 1.26
CA GLY A 17 8.17 2.88 0.44
C GLY A 17 7.04 1.94 0.07
N ILE A 18 6.17 2.40 -0.83
CA ILE A 18 5.04 1.60 -1.28
C ILE A 18 4.88 1.70 -2.78
N ARG A 19 4.63 0.55 -3.39
CA ARG A 19 4.51 0.45 -4.83
C ARG A 19 3.06 0.22 -5.22
N TYR A 20 2.51 1.14 -6.00
CA TYR A 20 1.12 1.04 -6.43
C TYR A 20 1.04 0.42 -7.82
N ARG A 21 -0.16 0.44 -8.39
CA ARG A 21 -0.41 -0.15 -9.71
C ARG A 21 -0.22 0.87 -10.81
N GLY A 22 -1.15 1.81 -10.92
CA GLY A 22 -1.11 2.78 -11.99
C GLY A 22 -1.22 4.19 -11.48
N LEU A 23 -0.24 4.62 -10.70
CA LEU A 23 -0.23 5.96 -10.14
C LEU A 23 1.06 6.67 -10.49
N THR A 24 0.93 7.80 -11.16
CA THR A 24 2.06 8.64 -11.50
C THR A 24 2.40 9.56 -10.31
N ARG A 25 3.42 10.39 -10.47
CA ARG A 25 3.90 11.23 -9.38
C ARG A 25 2.96 12.41 -9.14
N ASP A 26 3.39 13.29 -8.23
CA ASP A 26 2.60 14.43 -7.78
C ASP A 26 1.23 13.97 -7.27
N GLN A 27 1.20 12.74 -6.79
CA GLN A 27 -0.02 12.13 -6.30
C GLN A 27 0.22 11.45 -4.95
N VAL A 28 -0.73 10.59 -4.57
CA VAL A 28 -0.68 9.79 -3.32
C VAL A 28 -0.46 10.66 -2.08
N LYS A 29 -0.65 11.96 -2.22
CA LYS A 29 -0.52 12.88 -1.10
C LYS A 29 -1.85 13.05 -0.37
N ALA A 30 -2.94 12.70 -1.05
CA ALA A 30 -4.26 12.77 -0.45
C ALA A 30 -5.24 11.88 -1.19
N ILE A 31 -5.30 10.62 -0.79
CA ILE A 31 -6.24 9.65 -1.34
C ILE A 31 -6.99 8.98 -0.19
N ASN A 32 -8.25 9.34 -0.03
CA ASN A 32 -9.02 8.90 1.13
C ASN A 32 -9.39 7.43 1.03
N PHE A 33 -9.76 6.98 -0.16
CA PHE A 33 -10.20 5.60 -0.34
C PHE A 33 -9.59 4.95 -1.56
N LEU A 34 -8.81 3.91 -1.33
CA LEU A 34 -8.33 3.05 -2.40
C LEU A 34 -9.42 2.04 -2.75
N PRO A 35 -9.67 1.82 -4.05
CA PRO A 35 -10.75 0.94 -4.49
C PRO A 35 -10.47 -0.54 -4.23
N VAL A 36 -11.55 -1.31 -4.08
CA VAL A 36 -11.43 -2.75 -3.93
C VAL A 36 -10.94 -3.37 -5.24
N ASP A 37 -9.62 -3.40 -5.39
CA ASP A 37 -8.98 -3.75 -6.64
C ASP A 37 -7.48 -3.57 -6.53
N TYR A 38 -7.11 -2.50 -5.84
CA TYR A 38 -5.71 -2.08 -5.78
C TYR A 38 -4.88 -2.98 -4.87
N GLU A 39 -3.79 -3.49 -5.42
CA GLU A 39 -2.81 -4.23 -4.64
C GLU A 39 -1.55 -3.38 -4.47
N ILE A 40 -1.10 -3.23 -3.23
CA ILE A 40 0.08 -2.42 -2.96
C ILE A 40 1.26 -3.29 -2.52
N GLU A 41 2.44 -2.90 -2.96
CA GLU A 41 3.66 -3.58 -2.56
C GLU A 41 4.46 -2.71 -1.59
N TYR A 42 5.16 -3.34 -0.67
CA TYR A 42 6.00 -2.62 0.29
C TYR A 42 7.46 -2.73 -0.11
N VAL A 43 7.99 -1.67 -0.71
CA VAL A 43 9.39 -1.68 -1.15
C VAL A 43 10.30 -1.06 -0.11
N CYS A 44 11.61 -1.18 -0.31
CA CYS A 44 12.57 -0.62 0.63
C CYS A 44 12.98 0.78 0.17
N ARG A 45 13.87 1.42 0.93
CA ARG A 45 14.26 2.80 0.64
C ARG A 45 15.27 2.85 -0.50
N GLY A 46 14.78 3.03 -1.72
CA GLY A 46 15.65 3.20 -2.86
C GLY A 46 15.59 2.02 -3.81
N GLU A 47 16.76 1.58 -4.27
CA GLU A 47 16.82 0.45 -5.20
C GLU A 47 16.95 -0.85 -4.41
N ARG A 48 16.67 -0.75 -3.12
CA ARG A 48 16.75 -1.91 -2.24
C ARG A 48 15.41 -2.64 -2.25
N GLU A 49 15.46 -3.96 -2.30
CA GLU A 49 14.25 -4.75 -2.24
C GLU A 49 14.10 -5.41 -0.89
N VAL A 50 12.91 -5.90 -0.61
CA VAL A 50 12.65 -6.59 0.64
C VAL A 50 12.14 -8.00 0.34
N VAL A 51 12.65 -8.99 1.06
CA VAL A 51 12.13 -10.33 0.90
C VAL A 51 11.02 -10.56 1.94
N GLY A 52 9.80 -10.35 1.49
CA GLY A 52 8.65 -10.48 2.34
C GLY A 52 7.41 -10.80 1.55
N PRO A 53 6.30 -11.12 2.21
CA PRO A 53 5.02 -11.35 1.54
C PRO A 53 4.32 -10.03 1.27
N LYS A 54 5.10 -9.05 0.81
CA LYS A 54 4.63 -7.68 0.69
C LYS A 54 3.71 -7.48 -0.50
N VAL A 55 2.43 -7.73 -0.26
CA VAL A 55 1.38 -7.39 -1.19
C VAL A 55 0.04 -7.40 -0.47
N ARG A 56 -0.68 -6.30 -0.57
CA ARG A 56 -1.95 -6.17 0.12
C ARG A 56 -2.99 -5.59 -0.82
N LYS A 57 -4.12 -6.26 -0.92
CA LYS A 57 -5.19 -5.80 -1.78
C LYS A 57 -6.33 -5.24 -0.94
N CYS A 58 -6.87 -4.12 -1.37
CA CYS A 58 -7.97 -3.50 -0.66
C CYS A 58 -9.28 -4.23 -0.98
N LEU A 59 -10.05 -4.50 0.06
CA LEU A 59 -11.32 -5.20 -0.10
C LEU A 59 -12.47 -4.21 -0.01
N ALA A 60 -13.70 -4.70 -0.11
CA ALA A 60 -14.89 -3.85 -0.03
C ALA A 60 -15.19 -3.47 1.42
N ASN A 61 -14.17 -2.95 2.09
CA ASN A 61 -14.28 -2.49 3.46
C ASN A 61 -13.12 -1.54 3.76
N GLY A 62 -13.16 -0.87 4.90
CA GLY A 62 -12.18 0.15 5.19
C GLY A 62 -10.89 -0.39 5.81
N SER A 63 -10.44 -1.55 5.35
CA SER A 63 -9.20 -2.14 5.85
C SER A 63 -8.61 -3.10 4.81
N TRP A 64 -7.29 -3.24 4.84
CA TRP A 64 -6.61 -4.15 3.93
C TRP A 64 -6.73 -5.59 4.46
N THR A 65 -6.37 -6.55 3.62
CA THR A 65 -6.48 -7.97 3.96
C THR A 65 -5.74 -8.30 5.26
N ASP A 66 -4.42 -8.16 5.24
CA ASP A 66 -3.60 -8.36 6.42
C ASP A 66 -2.75 -7.13 6.65
N MET A 67 -3.17 -6.24 7.52
CA MET A 67 -2.40 -5.04 7.73
C MET A 67 -1.56 -5.14 9.00
N ASP A 68 -0.48 -5.92 8.88
CA ASP A 68 0.66 -5.87 9.79
C ASP A 68 1.77 -6.74 9.21
N THR A 69 2.64 -6.17 8.39
CA THR A 69 3.61 -7.01 7.69
C THR A 69 5.01 -6.40 7.73
N PRO A 70 5.97 -7.12 8.33
CA PRO A 70 7.36 -6.69 8.42
C PRO A 70 8.16 -7.00 7.15
N SER A 71 8.45 -5.98 6.36
CA SER A 71 9.22 -6.15 5.15
C SER A 71 10.71 -5.85 5.41
N ARG A 72 11.50 -6.92 5.46
CA ARG A 72 12.93 -6.79 5.74
C ARG A 72 13.73 -6.59 4.46
N CYS A 73 14.52 -5.52 4.41
CA CYS A 73 15.34 -5.20 3.25
C CYS A 73 16.52 -6.17 3.15
N VAL A 74 16.60 -6.87 2.03
CA VAL A 74 17.67 -7.83 1.80
C VAL A 74 18.18 -7.71 0.38
N ARG A 75 19.50 -7.73 0.22
CA ARG A 75 20.11 -7.60 -1.09
C ARG A 75 21.17 -8.68 -1.30
N GLY A 1 -24.18 7.20 -6.18
CA GLY A 1 -24.50 7.32 -4.74
C GLY A 1 -23.26 7.29 -3.88
N PRO A 2 -23.41 7.27 -2.55
CA PRO A 2 -22.28 7.32 -1.62
C PRO A 2 -21.70 5.93 -1.34
N THR A 3 -21.78 5.05 -2.33
CA THR A 3 -21.25 3.71 -2.19
C THR A 3 -19.74 3.72 -2.38
N SER A 4 -19.02 3.72 -1.27
CA SER A 4 -17.57 3.74 -1.31
C SER A 4 -16.99 2.63 -0.46
N GLU A 5 -16.62 1.54 -1.11
CA GLU A 5 -15.95 0.45 -0.43
C GLU A 5 -14.46 0.53 -0.74
N GLY A 6 -13.70 1.10 0.18
CA GLY A 6 -12.29 1.32 -0.08
C GLY A 6 -11.51 1.53 1.20
N CYS A 7 -10.20 1.42 1.08
CA CYS A 7 -9.30 1.56 2.20
C CYS A 7 -8.60 2.91 2.13
N GLN A 8 -8.24 3.48 3.27
CA GLN A 8 -7.52 4.74 3.28
C GLN A 8 -6.07 4.53 2.83
N ILE A 9 -5.31 5.61 2.80
CA ILE A 9 -3.93 5.57 2.37
C ILE A 9 -3.01 5.27 3.55
N ILE A 10 -2.00 4.45 3.33
CA ILE A 10 -1.09 4.04 4.39
C ILE A 10 0.16 4.92 4.41
N HIS A 11 0.56 5.31 5.61
CA HIS A 11 1.75 6.12 5.79
C HIS A 11 2.96 5.21 5.97
N PRO A 12 4.06 5.46 5.22
CA PRO A 12 5.27 4.63 5.29
C PRO A 12 5.86 4.57 6.71
N PRO A 13 5.76 3.40 7.36
CA PRO A 13 6.25 3.23 8.72
C PRO A 13 7.77 3.13 8.80
N TRP A 14 8.32 2.14 8.10
CA TRP A 14 9.75 1.87 8.13
C TRP A 14 10.43 2.63 6.99
N GLU A 15 11.75 2.47 6.87
CA GLU A 15 12.54 3.18 5.86
C GLU A 15 12.27 2.65 4.43
N GLY A 16 11.17 1.92 4.28
CA GLY A 16 10.78 1.45 2.97
C GLY A 16 9.73 2.35 2.35
N GLY A 17 8.84 1.78 1.57
CA GLY A 17 7.79 2.55 0.93
C GLY A 17 6.70 1.66 0.37
N ILE A 18 5.79 2.24 -0.39
CA ILE A 18 4.71 1.48 -0.98
C ILE A 18 4.60 1.75 -2.47
N ARG A 19 4.44 0.69 -3.23
CA ARG A 19 4.35 0.78 -4.67
C ARG A 19 2.92 0.54 -5.12
N TYR A 20 2.45 1.37 -6.03
CA TYR A 20 1.09 1.25 -6.55
C TYR A 20 1.13 0.56 -7.92
N ARG A 21 -0.01 0.53 -8.60
CA ARG A 21 -0.09 -0.12 -9.91
C ARG A 21 0.46 0.79 -11.02
N GLY A 22 0.07 2.05 -10.98
CA GLY A 22 0.51 2.98 -12.00
C GLY A 22 0.26 4.41 -11.59
N LEU A 23 0.89 4.83 -10.51
CA LEU A 23 0.72 6.19 -10.03
C LEU A 23 2.07 6.91 -9.99
N THR A 24 2.18 7.96 -10.78
CA THR A 24 3.37 8.80 -10.79
C THR A 24 3.33 9.75 -9.59
N ARG A 25 4.35 10.59 -9.46
CA ARG A 25 4.46 11.52 -8.33
C ARG A 25 3.37 12.59 -8.38
N ASP A 26 3.47 13.56 -7.47
CA ASP A 26 2.44 14.58 -7.25
C ASP A 26 1.18 13.96 -6.64
N GLN A 27 0.80 12.80 -7.15
CA GLN A 27 -0.33 12.06 -6.63
C GLN A 27 0.00 11.44 -5.28
N VAL A 28 -0.97 10.72 -4.72
CA VAL A 28 -0.87 10.06 -3.40
C VAL A 28 -0.53 11.05 -2.27
N LYS A 29 -0.59 12.34 -2.59
CA LYS A 29 -0.39 13.38 -1.59
C LYS A 29 -1.69 13.63 -0.83
N ALA A 30 -2.79 13.18 -1.44
CA ALA A 30 -4.11 13.31 -0.86
C ALA A 30 -5.07 12.34 -1.52
N ILE A 31 -5.23 11.18 -0.90
CA ILE A 31 -6.14 10.15 -1.40
C ILE A 31 -7.00 9.65 -0.25
N ASN A 32 -8.31 9.61 -0.47
CA ASN A 32 -9.24 9.22 0.57
C ASN A 32 -9.47 7.72 0.59
N PHE A 33 -9.83 7.16 -0.57
CA PHE A 33 -10.18 5.75 -0.64
C PHE A 33 -9.51 5.05 -1.83
N LEU A 34 -8.91 3.91 -1.55
CA LEU A 34 -8.45 3.01 -2.58
C LEU A 34 -9.51 1.93 -2.76
N PRO A 35 -10.12 1.83 -3.95
CA PRO A 35 -11.26 0.93 -4.21
C PRO A 35 -10.96 -0.54 -3.90
N VAL A 36 -11.98 -1.25 -3.44
CA VAL A 36 -11.88 -2.69 -3.16
C VAL A 36 -11.59 -3.47 -4.44
N ASP A 37 -10.31 -3.52 -4.78
CA ASP A 37 -9.82 -4.16 -6.00
C ASP A 37 -8.37 -3.77 -6.21
N TYR A 38 -8.04 -2.56 -5.80
CA TYR A 38 -6.70 -2.03 -5.99
C TYR A 38 -5.70 -2.79 -5.13
N GLU A 39 -4.52 -3.02 -5.69
CA GLU A 39 -3.48 -3.80 -5.02
C GLU A 39 -2.19 -2.98 -4.97
N ILE A 40 -1.47 -3.10 -3.87
CA ILE A 40 -0.20 -2.40 -3.70
C ILE A 40 0.89 -3.34 -3.23
N GLU A 41 2.13 -2.88 -3.26
CA GLU A 41 3.26 -3.69 -2.86
C GLU A 41 4.13 -2.97 -1.83
N TYR A 42 4.59 -3.71 -0.82
CA TYR A 42 5.49 -3.17 0.19
C TYR A 42 6.94 -3.22 -0.31
N VAL A 43 7.45 -2.08 -0.72
CA VAL A 43 8.80 -2.00 -1.26
C VAL A 43 9.72 -1.30 -0.28
N CYS A 44 11.02 -1.32 -0.56
CA CYS A 44 11.98 -0.59 0.24
C CYS A 44 12.51 0.57 -0.58
N ARG A 45 12.75 1.67 0.11
CA ARG A 45 13.12 2.90 -0.54
C ARG A 45 14.58 2.87 -0.96
N GLY A 46 14.84 3.30 -2.19
CA GLY A 46 16.19 3.29 -2.71
C GLY A 46 16.44 2.09 -3.60
N GLU A 47 17.67 1.63 -3.63
CA GLU A 47 18.04 0.44 -4.40
C GLU A 47 17.97 -0.79 -3.50
N ARG A 48 17.31 -0.62 -2.37
CA ARG A 48 17.12 -1.71 -1.42
C ARG A 48 15.84 -2.46 -1.77
N GLU A 49 15.96 -3.73 -2.08
CA GLU A 49 14.80 -4.54 -2.38
C GLU A 49 14.34 -5.30 -1.15
N VAL A 50 13.18 -5.93 -1.23
CA VAL A 50 12.64 -6.64 -0.09
C VAL A 50 12.22 -8.06 -0.45
N VAL A 51 12.72 -9.03 0.28
CA VAL A 51 12.21 -10.37 0.20
C VAL A 51 11.18 -10.57 1.32
N GLY A 52 9.92 -10.37 0.97
CA GLY A 52 8.87 -10.41 1.96
C GLY A 52 7.52 -10.76 1.37
N PRO A 53 6.50 -10.97 2.21
CA PRO A 53 5.12 -11.19 1.76
C PRO A 53 4.50 -9.88 1.29
N LYS A 54 5.19 -9.21 0.39
CA LYS A 54 4.78 -7.88 -0.07
C LYS A 54 3.55 -7.94 -0.97
N VAL A 55 2.38 -7.84 -0.34
CA VAL A 55 1.13 -7.82 -1.07
C VAL A 55 0.02 -7.23 -0.19
N ARG A 56 -0.73 -6.29 -0.75
CA ARG A 56 -1.87 -5.71 -0.07
C ARG A 56 -3.03 -5.54 -1.02
N LYS A 57 -4.19 -6.07 -0.64
CA LYS A 57 -5.39 -5.89 -1.42
C LYS A 57 -6.48 -5.29 -0.53
N CYS A 58 -7.22 -4.33 -1.05
CA CYS A 58 -8.21 -3.64 -0.25
C CYS A 58 -9.50 -4.46 -0.17
N LEU A 59 -10.16 -4.39 0.99
CA LEU A 59 -11.39 -5.12 1.23
C LEU A 59 -12.60 -4.21 1.10
N ALA A 60 -13.79 -4.77 1.32
CA ALA A 60 -15.03 -4.02 1.22
C ALA A 60 -15.18 -3.09 2.42
N ASN A 61 -14.46 -3.41 3.48
CA ASN A 61 -14.41 -2.58 4.67
C ASN A 61 -13.12 -1.78 4.68
N GLY A 62 -13.01 -0.81 5.57
CA GLY A 62 -11.85 0.07 5.59
C GLY A 62 -10.62 -0.57 6.18
N SER A 63 -10.16 -1.66 5.58
CA SER A 63 -8.97 -2.36 6.01
C SER A 63 -8.42 -3.20 4.87
N TRP A 64 -7.10 -3.29 4.78
CA TRP A 64 -6.47 -4.11 3.76
C TRP A 64 -6.46 -5.58 4.21
N THR A 65 -6.27 -6.48 3.26
CA THR A 65 -6.36 -7.93 3.51
C THR A 65 -5.48 -8.39 4.67
N ASP A 66 -4.29 -7.83 4.79
CA ASP A 66 -3.39 -8.18 5.88
C ASP A 66 -2.79 -6.93 6.50
N MET A 67 -2.66 -6.91 7.81
CA MET A 67 -1.87 -5.88 8.46
C MET A 67 -1.13 -6.42 9.67
N ASP A 68 -0.02 -7.09 9.40
CA ASP A 68 1.07 -7.25 10.36
C ASP A 68 2.28 -7.81 9.62
N THR A 69 3.10 -6.95 9.09
CA THR A 69 4.18 -7.41 8.23
C THR A 69 5.32 -6.40 8.20
N PRO A 70 6.29 -6.55 9.11
CA PRO A 70 7.51 -5.77 9.09
C PRO A 70 8.44 -6.25 7.97
N SER A 71 8.29 -5.65 6.80
CA SER A 71 9.03 -6.07 5.63
C SER A 71 10.51 -5.73 5.78
N ARG A 72 11.34 -6.76 5.81
CA ARG A 72 12.78 -6.61 5.92
C ARG A 72 13.39 -6.23 4.58
N CYS A 73 14.21 -5.19 4.56
CA CYS A 73 14.87 -4.79 3.33
C CYS A 73 16.09 -5.66 3.07
N VAL A 74 15.89 -6.66 2.23
CA VAL A 74 16.95 -7.58 1.84
C VAL A 74 16.85 -7.81 0.33
N ARG A 75 17.89 -7.43 -0.39
CA ARG A 75 17.89 -7.53 -1.84
C ARG A 75 18.15 -8.97 -2.29
N GLY A 1 -26.59 4.29 -2.54
CA GLY A 1 -26.63 5.60 -1.87
C GLY A 1 -25.24 6.11 -1.54
N PRO A 2 -25.08 6.85 -0.43
CA PRO A 2 -23.77 7.33 0.02
C PRO A 2 -22.87 6.20 0.50
N THR A 3 -22.08 5.67 -0.40
CA THR A 3 -21.21 4.54 -0.08
C THR A 3 -19.97 4.58 -0.97
N SER A 4 -18.82 4.28 -0.40
CA SER A 4 -17.58 4.23 -1.16
C SER A 4 -16.71 3.10 -0.63
N GLU A 5 -16.73 1.97 -1.33
CA GLU A 5 -15.96 0.80 -0.92
C GLU A 5 -14.48 0.99 -1.24
N GLY A 6 -13.71 1.36 -0.24
CA GLY A 6 -12.31 1.59 -0.43
C GLY A 6 -11.52 1.52 0.85
N CYS A 7 -10.26 1.16 0.74
CA CYS A 7 -9.36 1.09 1.87
C CYS A 7 -8.72 2.46 2.12
N GLN A 8 -8.24 2.67 3.34
CA GLN A 8 -7.63 3.93 3.71
C GLN A 8 -6.13 3.93 3.41
N ILE A 9 -5.49 5.03 3.77
CA ILE A 9 -4.06 5.21 3.52
C ILE A 9 -3.23 4.63 4.65
N ILE A 10 -2.14 3.95 4.29
CA ILE A 10 -1.25 3.37 5.28
C ILE A 10 -0.04 4.27 5.47
N HIS A 11 0.28 4.55 6.72
CA HIS A 11 1.40 5.41 7.04
C HIS A 11 2.72 4.65 6.88
N PRO A 12 3.66 5.18 6.08
CA PRO A 12 4.96 4.56 5.86
C PRO A 12 5.73 4.35 7.16
N PRO A 13 5.92 3.09 7.57
CA PRO A 13 6.56 2.76 8.84
C PRO A 13 8.08 2.97 8.82
N TRP A 14 8.82 1.96 8.40
CA TRP A 14 10.27 2.01 8.35
C TRP A 14 10.74 2.27 6.91
N GLU A 15 12.06 2.30 6.72
CA GLU A 15 12.68 2.49 5.41
C GLU A 15 11.95 1.72 4.31
N GLY A 16 11.15 2.42 3.52
CA GLY A 16 10.45 1.79 2.43
C GLY A 16 9.43 2.69 1.79
N GLY A 17 8.58 2.10 0.96
CA GLY A 17 7.54 2.83 0.29
C GLY A 17 6.43 1.91 -0.17
N ILE A 18 5.50 2.42 -0.97
CA ILE A 18 4.37 1.63 -1.41
C ILE A 18 4.11 1.79 -2.89
N ARG A 19 3.86 0.67 -3.55
CA ARG A 19 3.56 0.66 -4.97
C ARG A 19 2.07 0.54 -5.20
N TYR A 20 1.56 1.30 -6.17
CA TYR A 20 0.15 1.24 -6.51
C TYR A 20 -0.03 0.60 -7.89
N ARG A 21 -1.23 0.70 -8.45
CA ARG A 21 -1.49 0.14 -9.78
C ARG A 21 -0.62 0.83 -10.83
N GLY A 22 -0.75 2.15 -10.92
CA GLY A 22 0.04 2.91 -11.86
C GLY A 22 0.08 4.38 -11.50
N LEU A 23 0.73 4.70 -10.38
CA LEU A 23 0.81 6.08 -9.92
C LEU A 23 2.25 6.55 -9.87
N THR A 24 2.51 7.67 -10.53
CA THR A 24 3.82 8.30 -10.52
C THR A 24 3.97 9.20 -9.30
N ARG A 25 5.12 9.89 -9.21
CA ARG A 25 5.45 10.74 -8.08
C ARG A 25 4.46 11.90 -7.92
N ASP A 26 4.77 12.82 -6.98
CA ASP A 26 3.94 13.99 -6.67
C ASP A 26 2.58 13.59 -6.08
N GLN A 27 1.94 12.62 -6.69
CA GLN A 27 0.63 12.14 -6.26
C GLN A 27 0.73 11.39 -4.93
N VAL A 28 -0.36 10.73 -4.55
CA VAL A 28 -0.50 9.99 -3.28
C VAL A 28 -0.19 10.87 -2.06
N LYS A 29 -0.20 12.18 -2.29
CA LYS A 29 -0.01 13.15 -1.21
C LYS A 29 -1.33 13.36 -0.49
N ALA A 30 -2.41 12.91 -1.10
CA ALA A 30 -3.74 12.99 -0.51
C ALA A 30 -4.69 12.01 -1.19
N ILE A 31 -5.19 11.05 -0.42
CA ILE A 31 -6.12 10.05 -0.93
C ILE A 31 -7.21 9.82 0.10
N ASN A 32 -8.39 9.41 -0.34
CA ASN A 32 -9.49 9.15 0.56
C ASN A 32 -9.70 7.65 0.72
N PHE A 33 -10.09 6.98 -0.36
CA PHE A 33 -10.35 5.55 -0.33
C PHE A 33 -9.85 4.89 -1.62
N LEU A 34 -9.05 3.84 -1.45
CA LEU A 34 -8.58 3.05 -2.59
C LEU A 34 -9.60 1.96 -2.89
N PRO A 35 -10.17 1.95 -4.10
CA PRO A 35 -11.21 0.99 -4.49
C PRO A 35 -10.78 -0.47 -4.35
N VAL A 36 -11.76 -1.33 -4.12
CA VAL A 36 -11.51 -2.77 -4.00
C VAL A 36 -10.94 -3.34 -5.30
N ASP A 37 -9.63 -3.42 -5.34
CA ASP A 37 -8.87 -3.88 -6.50
C ASP A 37 -7.39 -3.69 -6.24
N TYR A 38 -7.05 -2.53 -5.69
CA TYR A 38 -5.68 -2.14 -5.46
C TYR A 38 -4.88 -3.21 -4.74
N GLU A 39 -3.80 -3.63 -5.37
CA GLU A 39 -2.83 -4.52 -4.77
C GLU A 39 -1.52 -3.78 -4.60
N ILE A 40 -1.26 -3.31 -3.39
CA ILE A 40 -0.08 -2.51 -3.14
C ILE A 40 1.10 -3.36 -2.72
N GLU A 41 2.28 -2.96 -3.16
CA GLU A 41 3.50 -3.69 -2.85
C GLU A 41 4.36 -2.88 -1.89
N TYR A 42 4.91 -3.55 -0.90
CA TYR A 42 5.84 -2.92 0.04
C TYR A 42 7.24 -2.94 -0.52
N VAL A 43 7.67 -1.82 -1.08
CA VAL A 43 9.00 -1.72 -1.64
C VAL A 43 9.92 -1.00 -0.67
N CYS A 44 11.22 -1.12 -0.88
CA CYS A 44 12.17 -0.36 -0.11
C CYS A 44 12.42 0.96 -0.84
N ARG A 45 12.67 2.03 -0.10
CA ARG A 45 12.74 3.37 -0.69
C ARG A 45 13.83 3.44 -1.76
N GLY A 46 13.40 3.53 -3.01
CA GLY A 46 14.34 3.63 -4.11
C GLY A 46 14.56 2.30 -4.80
N GLU A 47 15.81 2.01 -5.12
CA GLU A 47 16.17 0.78 -5.80
C GLU A 47 16.73 -0.23 -4.81
N ARG A 48 16.21 -0.20 -3.59
CA ARG A 48 16.65 -1.11 -2.55
C ARG A 48 15.82 -2.39 -2.58
N GLU A 49 16.45 -3.52 -2.27
CA GLU A 49 15.80 -4.81 -2.38
C GLU A 49 15.11 -5.23 -1.09
N VAL A 50 14.02 -5.98 -1.25
CA VAL A 50 13.26 -6.51 -0.11
C VAL A 50 12.85 -7.95 -0.38
N VAL A 51 12.71 -8.73 0.67
CA VAL A 51 12.14 -10.06 0.55
C VAL A 51 11.14 -10.29 1.69
N GLY A 52 9.89 -10.07 1.36
CA GLY A 52 8.82 -10.20 2.33
C GLY A 52 7.52 -10.54 1.63
N PRO A 53 6.45 -10.82 2.39
CA PRO A 53 5.14 -11.09 1.80
C PRO A 53 4.45 -9.80 1.36
N LYS A 54 5.14 -9.06 0.49
CA LYS A 54 4.71 -7.74 0.09
C LYS A 54 3.56 -7.80 -0.91
N VAL A 55 2.35 -7.87 -0.37
CA VAL A 55 1.15 -7.78 -1.18
C VAL A 55 -0.05 -7.46 -0.28
N ARG A 56 -0.80 -6.43 -0.66
CA ARG A 56 -2.02 -6.09 0.06
C ARG A 56 -3.15 -5.94 -0.93
N LYS A 57 -4.21 -6.69 -0.73
CA LYS A 57 -5.37 -6.60 -1.60
C LYS A 57 -6.48 -5.86 -0.88
N CYS A 58 -6.95 -4.78 -1.49
CA CYS A 58 -8.01 -3.98 -0.90
C CYS A 58 -9.35 -4.69 -1.02
N LEU A 59 -10.18 -4.56 0.00
CA LEU A 59 -11.50 -5.17 0.04
C LEU A 59 -12.54 -4.12 0.39
N ALA A 60 -13.80 -4.52 0.48
CA ALA A 60 -14.88 -3.59 0.78
C ALA A 60 -14.93 -3.24 2.26
N ASN A 61 -13.85 -2.68 2.76
CA ASN A 61 -13.75 -2.19 4.12
C ASN A 61 -12.60 -1.21 4.23
N GLY A 62 -12.54 -0.43 5.29
CA GLY A 62 -11.52 0.59 5.42
C GLY A 62 -10.19 0.04 5.89
N SER A 63 -9.81 -1.12 5.37
CA SER A 63 -8.57 -1.76 5.75
C SER A 63 -8.20 -2.80 4.69
N TRP A 64 -6.96 -3.24 4.69
CA TRP A 64 -6.48 -4.17 3.69
C TRP A 64 -6.53 -5.60 4.23
N THR A 65 -6.11 -6.56 3.43
CA THR A 65 -6.17 -7.97 3.79
C THR A 65 -5.41 -8.28 5.09
N ASP A 66 -4.44 -7.44 5.42
CA ASP A 66 -3.67 -7.60 6.65
C ASP A 66 -2.99 -6.28 7.00
N MET A 67 -3.02 -5.88 8.26
CA MET A 67 -2.11 -4.82 8.68
C MET A 67 -1.37 -5.24 9.94
N ASP A 68 -0.37 -6.08 9.77
CA ASP A 68 0.73 -6.22 10.72
C ASP A 68 1.81 -7.09 10.11
N THR A 69 2.74 -6.50 9.39
CA THR A 69 3.76 -7.28 8.71
C THR A 69 5.02 -6.45 8.52
N PRO A 70 6.08 -6.74 9.28
CA PRO A 70 7.36 -6.04 9.17
C PRO A 70 8.09 -6.41 7.86
N SER A 71 7.91 -5.57 6.85
CA SER A 71 8.60 -5.77 5.58
C SER A 71 10.04 -5.30 5.69
N ARG A 72 10.96 -6.25 5.70
CA ARG A 72 12.36 -5.96 5.96
C ARG A 72 13.17 -5.82 4.68
N CYS A 73 13.95 -4.75 4.61
CA CYS A 73 14.86 -4.53 3.49
C CYS A 73 16.15 -5.30 3.72
N VAL A 74 16.46 -6.24 2.83
CA VAL A 74 17.65 -7.04 2.95
C VAL A 74 18.07 -7.59 1.59
N ARG A 75 19.35 -7.52 1.31
CA ARG A 75 19.89 -7.96 0.03
C ARG A 75 21.24 -8.62 0.26
N GLY A 1 -27.11 3.49 -3.04
CA GLY A 1 -27.10 4.82 -2.39
C GLY A 1 -25.71 5.18 -1.90
N PRO A 2 -25.60 5.83 -0.73
CA PRO A 2 -24.32 6.29 -0.20
C PRO A 2 -23.49 5.15 0.39
N THR A 3 -22.92 4.34 -0.50
CA THR A 3 -22.01 3.27 -0.10
C THR A 3 -20.57 3.66 -0.39
N SER A 4 -19.78 3.79 0.66
CA SER A 4 -18.37 4.15 0.51
C SER A 4 -17.50 2.95 0.86
N GLU A 5 -17.06 2.24 -0.17
CA GLU A 5 -16.27 1.03 0.02
C GLU A 5 -14.86 1.27 -0.51
N GLY A 6 -13.94 1.59 0.39
CA GLY A 6 -12.57 1.84 -0.02
C GLY A 6 -11.59 1.76 1.14
N CYS A 7 -10.36 1.42 0.83
CA CYS A 7 -9.30 1.37 1.83
C CYS A 7 -8.61 2.72 1.92
N GLN A 8 -8.15 3.09 3.11
CA GLN A 8 -7.48 4.37 3.30
C GLN A 8 -5.99 4.28 2.96
N ILE A 9 -5.29 5.40 3.11
CA ILE A 9 -3.85 5.42 2.89
C ILE A 9 -3.11 5.07 4.18
N ILE A 10 -2.16 4.16 4.07
CA ILE A 10 -1.36 3.73 5.21
C ILE A 10 -0.36 4.81 5.58
N HIS A 11 -0.22 5.07 6.87
CA HIS A 11 0.66 6.11 7.35
C HIS A 11 2.11 5.70 7.12
N PRO A 12 2.97 6.65 6.68
CA PRO A 12 4.38 6.40 6.34
C PRO A 12 5.09 5.46 7.32
N PRO A 13 5.56 4.31 6.82
CA PRO A 13 6.26 3.32 7.62
C PRO A 13 7.77 3.58 7.73
N TRP A 14 8.53 2.50 7.85
CA TRP A 14 9.97 2.59 8.02
C TRP A 14 10.65 2.93 6.68
N GLU A 15 11.98 3.02 6.69
CA GLU A 15 12.79 3.28 5.50
C GLU A 15 12.34 2.44 4.30
N GLY A 16 11.57 3.04 3.41
CA GLY A 16 11.07 2.35 2.24
C GLY A 16 9.99 3.15 1.56
N GLY A 17 9.14 2.47 0.80
CA GLY A 17 8.04 3.15 0.14
C GLY A 17 6.93 2.19 -0.23
N ILE A 18 5.97 2.67 -1.01
CA ILE A 18 4.84 1.85 -1.41
C ILE A 18 4.61 1.91 -2.90
N ARG A 19 4.47 0.74 -3.48
CA ARG A 19 4.27 0.57 -4.90
C ARG A 19 2.79 0.43 -5.22
N TYR A 20 2.19 1.47 -5.75
CA TYR A 20 0.79 1.43 -6.13
C TYR A 20 0.63 0.75 -7.49
N ARG A 21 -0.57 0.80 -8.04
CA ARG A 21 -0.83 0.15 -9.34
C ARG A 21 -0.31 1.02 -10.47
N GLY A 22 -0.92 2.20 -10.65
CA GLY A 22 -0.51 3.08 -11.72
C GLY A 22 -0.40 4.52 -11.27
N LEU A 23 0.08 4.71 -10.05
CA LEU A 23 0.20 6.05 -9.51
C LEU A 23 1.64 6.55 -9.56
N THR A 24 1.84 7.66 -10.26
CA THR A 24 3.14 8.31 -10.33
C THR A 24 3.22 9.43 -9.29
N ARG A 25 4.33 10.16 -9.26
CA ARG A 25 4.54 11.20 -8.25
C ARG A 25 3.56 12.37 -8.43
N ASP A 26 3.78 13.42 -7.63
CA ASP A 26 2.90 14.61 -7.63
C ASP A 26 1.47 14.21 -7.27
N GLN A 27 1.35 13.04 -6.66
CA GLN A 27 0.07 12.47 -6.28
C GLN A 27 0.18 11.80 -4.91
N VAL A 28 -0.82 10.98 -4.57
CA VAL A 28 -0.88 10.24 -3.31
C VAL A 28 -0.61 11.11 -2.09
N LYS A 29 -0.85 12.41 -2.25
CA LYS A 29 -0.63 13.37 -1.18
C LYS A 29 -1.87 13.50 -0.31
N ALA A 30 -3.02 13.14 -0.87
CA ALA A 30 -4.27 13.15 -0.13
C ALA A 30 -5.34 12.39 -0.90
N ILE A 31 -5.59 11.15 -0.49
CA ILE A 31 -6.61 10.33 -1.10
C ILE A 31 -7.52 9.78 -0.01
N ASN A 32 -8.82 9.78 -0.27
CA ASN A 32 -9.79 9.34 0.72
C ASN A 32 -9.86 7.82 0.77
N PHE A 33 -10.18 7.22 -0.37
CA PHE A 33 -10.34 5.77 -0.44
C PHE A 33 -9.74 5.21 -1.72
N LEU A 34 -9.06 4.08 -1.58
CA LEU A 34 -8.56 3.34 -2.71
C LEU A 34 -9.63 2.38 -3.22
N PRO A 35 -9.73 2.20 -4.53
CA PRO A 35 -10.74 1.32 -5.14
C PRO A 35 -10.59 -0.14 -4.69
N VAL A 36 -11.65 -0.91 -4.87
CA VAL A 36 -11.67 -2.31 -4.47
C VAL A 36 -10.71 -3.13 -5.35
N ASP A 37 -10.05 -4.11 -4.72
CA ASP A 37 -9.08 -4.99 -5.39
C ASP A 37 -7.84 -4.21 -5.80
N TYR A 38 -7.62 -3.07 -5.16
CA TYR A 38 -6.39 -2.32 -5.36
C TYR A 38 -5.29 -2.99 -4.55
N GLU A 39 -4.15 -3.21 -5.19
CA GLU A 39 -3.07 -3.93 -4.55
C GLU A 39 -1.80 -3.08 -4.54
N ILE A 40 -1.09 -3.10 -3.43
CA ILE A 40 0.11 -2.31 -3.26
C ILE A 40 1.26 -3.17 -2.75
N GLU A 41 2.47 -2.79 -3.11
CA GLU A 41 3.66 -3.53 -2.71
C GLU A 41 4.55 -2.67 -1.81
N TYR A 42 5.30 -3.33 -0.94
CA TYR A 42 6.23 -2.65 -0.04
C TYR A 42 7.65 -2.71 -0.58
N VAL A 43 8.11 -1.62 -1.16
CA VAL A 43 9.48 -1.55 -1.65
C VAL A 43 10.39 -0.92 -0.60
N CYS A 44 11.67 -1.23 -0.67
CA CYS A 44 12.63 -0.71 0.29
C CYS A 44 13.22 0.60 -0.24
N ARG A 45 14.13 1.21 0.51
CA ARG A 45 14.72 2.46 0.09
C ARG A 45 15.85 2.23 -0.90
N GLY A 46 16.10 3.23 -1.74
CA GLY A 46 17.06 3.09 -2.81
C GLY A 46 16.50 2.23 -3.92
N GLU A 47 17.32 1.35 -4.47
CA GLU A 47 16.86 0.40 -5.45
C GLU A 47 16.89 -1.01 -4.85
N ARG A 48 16.91 -1.06 -3.53
CA ARG A 48 16.99 -2.32 -2.81
C ARG A 48 15.58 -2.85 -2.56
N GLU A 49 15.47 -4.18 -2.48
CA GLU A 49 14.17 -4.82 -2.45
C GLU A 49 14.01 -5.64 -1.17
N VAL A 50 12.79 -6.12 -0.94
CA VAL A 50 12.50 -6.88 0.27
C VAL A 50 12.05 -8.29 -0.08
N VAL A 51 12.32 -9.24 0.82
CA VAL A 51 11.76 -10.57 0.69
C VAL A 51 10.77 -10.81 1.81
N GLY A 52 9.51 -10.60 1.51
CA GLY A 52 8.46 -10.74 2.49
C GLY A 52 7.14 -11.05 1.82
N PRO A 53 6.09 -11.34 2.60
CA PRO A 53 4.73 -11.45 2.06
C PRO A 53 4.19 -10.07 1.70
N LYS A 54 4.90 -9.40 0.78
CA LYS A 54 4.58 -8.04 0.39
C LYS A 54 3.33 -7.98 -0.48
N VAL A 55 2.19 -7.85 0.18
CA VAL A 55 0.93 -7.75 -0.52
C VAL A 55 -0.13 -7.11 0.39
N ARG A 56 -0.85 -6.15 -0.15
CA ARG A 56 -1.97 -5.56 0.54
C ARG A 56 -3.19 -5.64 -0.35
N LYS A 57 -4.16 -6.41 0.09
CA LYS A 57 -5.36 -6.64 -0.70
C LYS A 57 -6.50 -5.81 -0.15
N CYS A 58 -6.99 -4.90 -0.98
CA CYS A 58 -8.13 -4.06 -0.60
C CYS A 58 -9.43 -4.76 -0.96
N LEU A 59 -10.28 -4.92 0.04
CA LEU A 59 -11.59 -5.50 -0.16
C LEU A 59 -12.65 -4.42 -0.11
N ALA A 60 -13.91 -4.81 -0.22
CA ALA A 60 -15.02 -3.87 -0.07
C ALA A 60 -14.95 -3.19 1.31
N ASN A 61 -14.44 -3.91 2.29
CA ASN A 61 -14.16 -3.34 3.61
C ASN A 61 -12.83 -2.60 3.56
N GLY A 62 -12.83 -1.38 4.08
CA GLY A 62 -11.68 -0.50 3.93
C GLY A 62 -10.53 -0.82 4.88
N SER A 63 -9.95 -2.00 4.71
CA SER A 63 -8.73 -2.38 5.42
C SER A 63 -8.01 -3.48 4.65
N TRP A 64 -6.69 -3.41 4.64
CA TRP A 64 -5.88 -4.39 3.93
C TRP A 64 -5.81 -5.67 4.77
N THR A 65 -6.20 -6.79 4.17
CA THR A 65 -6.43 -8.04 4.91
C THR A 65 -5.15 -8.76 5.34
N ASP A 66 -4.10 -8.02 5.64
CA ASP A 66 -2.85 -8.60 6.14
C ASP A 66 -2.00 -7.54 6.83
N MET A 67 -2.61 -6.40 7.13
CA MET A 67 -1.81 -5.22 7.50
C MET A 67 -1.28 -5.32 8.94
N ASP A 68 -0.21 -6.10 9.08
CA ASP A 68 0.72 -6.03 10.19
C ASP A 68 1.92 -6.90 9.85
N THR A 69 2.91 -6.34 9.19
CA THR A 69 3.98 -7.16 8.62
C THR A 69 5.28 -6.39 8.52
N PRO A 70 6.33 -6.82 9.23
CA PRO A 70 7.67 -6.25 9.12
C PRO A 70 8.38 -6.74 7.87
N SER A 71 8.40 -5.92 6.83
CA SER A 71 9.05 -6.28 5.58
C SER A 71 10.56 -6.09 5.66
N ARG A 72 11.30 -7.18 5.53
CA ARG A 72 12.74 -7.17 5.65
C ARG A 72 13.41 -6.92 4.30
N CYS A 73 14.31 -5.96 4.27
CA CYS A 73 15.04 -5.63 3.05
C CYS A 73 16.22 -6.59 2.89
N VAL A 74 16.08 -7.52 1.97
CA VAL A 74 17.12 -8.51 1.71
C VAL A 74 17.45 -8.55 0.23
N ARG A 75 18.32 -7.64 -0.18
CA ARG A 75 18.73 -7.51 -1.57
C ARG A 75 19.86 -6.50 -1.64
N GLY A 1 -26.36 5.47 3.66
CA GLY A 1 -25.04 6.14 3.68
C GLY A 1 -24.35 6.06 2.33
N PRO A 2 -23.70 7.15 1.89
CA PRO A 2 -22.95 7.17 0.64
C PRO A 2 -21.69 6.32 0.74
N THR A 3 -21.82 5.06 0.34
CA THR A 3 -20.73 4.10 0.51
C THR A 3 -19.81 4.05 -0.71
N SER A 4 -18.68 4.73 -0.61
CA SER A 4 -17.63 4.59 -1.58
C SER A 4 -16.62 3.58 -1.05
N GLU A 5 -16.60 2.40 -1.65
CA GLU A 5 -15.82 1.29 -1.13
C GLU A 5 -14.35 1.45 -1.50
N GLY A 6 -13.58 1.94 -0.54
CA GLY A 6 -12.16 2.13 -0.74
C GLY A 6 -11.42 2.21 0.57
N CYS A 7 -10.20 1.72 0.58
CA CYS A 7 -9.38 1.74 1.78
C CYS A 7 -8.51 3.00 1.80
N GLN A 8 -8.32 3.56 2.98
CA GLN A 8 -7.51 4.77 3.12
C GLN A 8 -6.02 4.44 3.01
N ILE A 9 -5.19 5.47 3.17
CA ILE A 9 -3.75 5.32 3.02
C ILE A 9 -3.09 4.89 4.33
N ILE A 10 -2.15 3.96 4.21
CA ILE A 10 -1.43 3.43 5.36
C ILE A 10 -0.25 4.33 5.71
N HIS A 11 0.19 4.27 6.96
CA HIS A 11 1.28 5.13 7.43
C HIS A 11 2.64 4.54 7.05
N PRO A 12 3.59 5.40 6.66
CA PRO A 12 4.94 4.97 6.28
C PRO A 12 5.75 4.44 7.46
N PRO A 13 6.37 3.26 7.31
CA PRO A 13 7.17 2.64 8.36
C PRO A 13 8.63 3.11 8.33
N TRP A 14 9.55 2.16 8.57
CA TRP A 14 10.98 2.45 8.54
C TRP A 14 11.42 2.79 7.11
N GLU A 15 12.72 3.05 6.92
CA GLU A 15 13.28 3.47 5.64
C GLU A 15 12.75 2.66 4.47
N GLY A 16 11.83 3.28 3.74
CA GLY A 16 11.18 2.64 2.63
C GLY A 16 9.96 3.43 2.20
N GLY A 17 8.99 2.78 1.60
CA GLY A 17 7.77 3.47 1.23
C GLY A 17 6.73 2.53 0.69
N ILE A 18 5.65 3.07 0.17
CA ILE A 18 4.59 2.26 -0.39
C ILE A 18 4.50 2.41 -1.89
N ARG A 19 4.50 1.28 -2.56
CA ARG A 19 4.42 1.22 -3.99
C ARG A 19 2.97 0.99 -4.40
N TYR A 20 2.45 1.83 -5.27
CA TYR A 20 1.08 1.66 -5.73
C TYR A 20 1.06 0.79 -6.97
N ARG A 21 -0.10 0.66 -7.60
CA ARG A 21 -0.25 -0.28 -8.71
C ARG A 21 0.30 0.33 -10.00
N GLY A 22 -0.31 1.42 -10.45
CA GLY A 22 0.16 2.10 -11.64
C GLY A 22 -0.04 3.59 -11.56
N LEU A 23 0.50 4.21 -10.54
CA LEU A 23 0.31 5.63 -10.32
C LEU A 23 1.63 6.38 -10.34
N THR A 24 1.63 7.56 -10.96
CA THR A 24 2.79 8.43 -10.97
C THR A 24 2.76 9.31 -9.72
N ARG A 25 3.83 10.07 -9.49
CA ARG A 25 3.92 10.90 -8.30
C ARG A 25 3.11 12.19 -8.47
N ASP A 26 3.26 13.11 -7.51
CA ASP A 26 2.38 14.29 -7.40
C ASP A 26 1.01 13.85 -6.88
N GLN A 27 0.57 12.70 -7.37
CA GLN A 27 -0.56 11.99 -6.80
C GLN A 27 -0.07 11.16 -5.61
N VAL A 28 -0.94 10.28 -5.10
CA VAL A 28 -0.61 9.32 -4.03
C VAL A 28 -0.05 9.97 -2.76
N LYS A 29 -0.11 11.29 -2.69
CA LYS A 29 0.31 11.99 -1.49
C LYS A 29 -0.88 12.22 -0.57
N ALA A 30 -2.05 12.32 -1.16
CA ALA A 30 -3.29 12.49 -0.41
C ALA A 30 -4.47 11.93 -1.19
N ILE A 31 -4.78 10.66 -0.94
CA ILE A 31 -5.90 10.00 -1.57
C ILE A 31 -6.92 9.62 -0.50
N ASN A 32 -8.19 9.86 -0.77
CA ASN A 32 -9.24 9.54 0.19
C ASN A 32 -9.47 8.04 0.26
N PHE A 33 -9.83 7.44 -0.86
CA PHE A 33 -10.13 6.02 -0.89
C PHE A 33 -9.42 5.33 -2.05
N LEU A 34 -8.75 4.23 -1.74
CA LEU A 34 -8.22 3.35 -2.77
C LEU A 34 -9.27 2.29 -3.07
N PRO A 35 -9.83 2.31 -4.28
CA PRO A 35 -10.97 1.47 -4.67
C PRO A 35 -10.72 -0.02 -4.42
N VAL A 36 -11.81 -0.77 -4.27
CA VAL A 36 -11.75 -2.21 -4.05
C VAL A 36 -10.94 -2.90 -5.16
N ASP A 37 -10.25 -3.98 -4.77
CA ASP A 37 -9.41 -4.76 -5.68
C ASP A 37 -8.07 -4.11 -5.92
N TYR A 38 -7.80 -3.01 -5.22
CA TYR A 38 -6.52 -2.32 -5.34
C TYR A 38 -5.48 -2.99 -4.47
N GLU A 39 -4.25 -3.01 -4.95
CA GLU A 39 -3.15 -3.66 -4.25
C GLU A 39 -1.91 -2.77 -4.25
N ILE A 40 -1.22 -2.71 -3.11
CA ILE A 40 0.00 -1.93 -3.01
C ILE A 40 1.15 -2.80 -2.49
N GLU A 41 2.37 -2.35 -2.74
CA GLU A 41 3.56 -3.12 -2.43
C GLU A 41 4.41 -2.39 -1.38
N TYR A 42 5.13 -3.15 -0.57
CA TYR A 42 6.06 -2.59 0.41
C TYR A 42 7.46 -2.54 -0.16
N VAL A 43 7.88 -1.34 -0.57
CA VAL A 43 9.19 -1.19 -1.19
C VAL A 43 10.15 -0.46 -0.27
N CYS A 44 11.44 -0.68 -0.50
CA CYS A 44 12.48 -0.02 0.27
C CYS A 44 12.95 1.20 -0.52
N ARG A 45 13.57 2.17 0.16
CA ARG A 45 13.94 3.43 -0.49
C ARG A 45 15.00 3.22 -1.57
N GLY A 46 14.64 3.54 -2.81
CA GLY A 46 15.56 3.43 -3.93
C GLY A 46 15.24 2.24 -4.79
N GLU A 47 16.27 1.52 -5.21
CA GLU A 47 16.09 0.27 -5.95
C GLU A 47 16.22 -0.90 -4.99
N ARG A 48 16.00 -0.61 -3.72
CA ARG A 48 16.11 -1.59 -2.66
C ARG A 48 14.77 -2.29 -2.50
N GLU A 49 14.80 -3.61 -2.40
CA GLU A 49 13.57 -4.36 -2.25
C GLU A 49 13.53 -5.09 -0.93
N VAL A 50 12.38 -5.64 -0.62
CA VAL A 50 12.22 -6.46 0.56
C VAL A 50 11.85 -7.87 0.13
N VAL A 51 12.24 -8.86 0.91
CA VAL A 51 11.75 -10.20 0.68
C VAL A 51 10.74 -10.55 1.76
N GLY A 52 9.48 -10.34 1.41
CA GLY A 52 8.40 -10.54 2.35
C GLY A 52 7.10 -10.81 1.65
N PRO A 53 6.04 -11.17 2.38
CA PRO A 53 4.68 -11.27 1.81
C PRO A 53 4.10 -9.88 1.55
N LYS A 54 4.87 -9.08 0.82
CA LYS A 54 4.56 -7.68 0.56
C LYS A 54 3.34 -7.51 -0.33
N VAL A 55 2.17 -7.40 0.28
CA VAL A 55 0.96 -7.13 -0.47
C VAL A 55 -0.14 -6.58 0.44
N ARG A 56 -0.76 -5.51 0.01
CA ARG A 56 -1.92 -4.99 0.69
C ARG A 56 -3.09 -4.96 -0.27
N LYS A 57 -4.09 -5.77 0.01
CA LYS A 57 -5.24 -5.87 -0.86
C LYS A 57 -6.45 -5.22 -0.20
N CYS A 58 -7.12 -4.35 -0.93
CA CYS A 58 -8.31 -3.69 -0.43
C CYS A 58 -9.56 -4.42 -0.92
N LEU A 59 -10.28 -5.01 0.02
CA LEU A 59 -11.53 -5.69 -0.29
C LEU A 59 -12.69 -4.75 -0.02
N ALA A 60 -13.91 -5.24 -0.18
CA ALA A 60 -15.12 -4.45 0.09
C ALA A 60 -15.29 -4.21 1.60
N ASN A 61 -14.27 -3.65 2.22
CA ASN A 61 -14.28 -3.34 3.64
C ASN A 61 -13.19 -2.29 3.91
N GLY A 62 -13.21 -1.70 5.10
CA GLY A 62 -12.33 -0.57 5.37
C GLY A 62 -11.00 -0.98 5.98
N SER A 63 -10.35 -1.99 5.41
CA SER A 63 -9.05 -2.45 5.89
C SER A 63 -8.32 -3.25 4.82
N TRP A 64 -7.03 -3.00 4.65
CA TRP A 64 -6.20 -3.83 3.79
C TRP A 64 -6.01 -5.17 4.48
N THR A 65 -6.37 -6.25 3.80
CA THR A 65 -6.56 -7.55 4.42
C THR A 65 -5.26 -8.31 4.75
N ASP A 66 -4.21 -7.61 5.18
CA ASP A 66 -3.01 -8.30 5.62
C ASP A 66 -2.10 -7.39 6.46
N MET A 67 -2.64 -6.32 7.02
CA MET A 67 -1.77 -5.30 7.62
C MET A 67 -1.20 -5.74 8.98
N ASP A 68 -0.18 -6.58 8.91
CA ASP A 68 0.76 -6.82 10.01
C ASP A 68 1.91 -7.64 9.46
N THR A 69 2.95 -6.98 8.95
CA THR A 69 3.96 -7.72 8.19
C THR A 69 5.35 -7.14 8.37
N PRO A 70 6.31 -7.97 8.78
CA PRO A 70 7.71 -7.60 8.89
C PRO A 70 8.46 -7.87 7.58
N SER A 71 8.49 -6.88 6.71
CA SER A 71 9.17 -7.00 5.44
C SER A 71 10.63 -6.56 5.56
N ARG A 72 11.54 -7.48 5.32
CA ARG A 72 12.96 -7.22 5.48
C ARG A 72 13.58 -6.66 4.19
N CYS A 73 14.13 -5.45 4.28
CA CYS A 73 14.76 -4.80 3.14
C CYS A 73 16.10 -5.48 2.84
N VAL A 74 16.12 -6.26 1.76
CA VAL A 74 17.31 -7.00 1.36
C VAL A 74 17.54 -6.88 -0.15
N ARG A 75 18.45 -6.00 -0.53
CA ARG A 75 18.86 -5.82 -1.93
C ARG A 75 19.94 -4.76 -2.00
N GLY A 1 -25.30 7.66 -7.32
CA GLY A 1 -25.42 6.97 -6.02
C GLY A 1 -24.12 6.95 -5.25
N PRO A 2 -24.15 7.17 -3.93
CA PRO A 2 -22.95 7.23 -3.11
C PRO A 2 -22.44 5.84 -2.72
N THR A 3 -21.62 5.26 -3.57
CA THR A 3 -21.04 3.96 -3.30
C THR A 3 -19.52 4.06 -3.19
N SER A 4 -19.03 4.11 -1.96
CA SER A 4 -17.60 4.28 -1.72
C SER A 4 -17.06 3.18 -0.81
N GLU A 5 -16.44 2.18 -1.41
CA GLU A 5 -15.81 1.11 -0.66
C GLU A 5 -14.33 1.06 -1.01
N GLY A 6 -13.49 1.56 -0.12
CA GLY A 6 -12.08 1.63 -0.40
C GLY A 6 -11.23 1.76 0.85
N CYS A 7 -9.93 1.66 0.67
CA CYS A 7 -8.98 1.74 1.76
C CYS A 7 -8.25 3.07 1.71
N GLN A 8 -7.87 3.60 2.86
CA GLN A 8 -7.18 4.88 2.92
C GLN A 8 -5.68 4.72 2.68
N ILE A 9 -4.97 5.83 2.71
CA ILE A 9 -3.52 5.84 2.55
C ILE A 9 -2.84 5.68 3.91
N ILE A 10 -1.73 4.95 3.92
CA ILE A 10 -1.00 4.66 5.14
C ILE A 10 0.18 5.62 5.28
N HIS A 11 0.78 5.66 6.46
CA HIS A 11 1.94 6.52 6.72
C HIS A 11 3.21 5.77 6.39
N PRO A 12 4.19 6.44 5.75
CA PRO A 12 5.50 5.85 5.49
C PRO A 12 6.33 5.76 6.77
N PRO A 13 6.49 4.54 7.31
CA PRO A 13 7.15 4.31 8.59
C PRO A 13 8.66 4.12 8.47
N TRP A 14 9.07 2.95 8.02
CA TRP A 14 10.47 2.60 7.94
C TRP A 14 10.98 2.79 6.51
N GLU A 15 12.25 2.43 6.28
CA GLU A 15 12.87 2.51 4.96
C GLU A 15 11.99 1.86 3.89
N GLY A 16 11.22 0.86 4.29
CA GLY A 16 10.30 0.23 3.36
C GLY A 16 9.11 1.10 3.08
N GLY A 17 9.11 1.75 1.92
CA GLY A 17 8.01 2.61 1.54
C GLY A 17 6.93 1.86 0.80
N ILE A 18 5.99 2.59 0.23
CA ILE A 18 4.84 1.98 -0.41
C ILE A 18 4.79 2.25 -1.90
N ARG A 19 4.45 1.20 -2.63
CA ARG A 19 4.36 1.24 -4.07
C ARG A 19 2.92 0.97 -4.48
N TYR A 20 2.38 1.77 -5.37
CA TYR A 20 1.00 1.59 -5.80
C TYR A 20 0.95 0.71 -7.03
N ARG A 21 -0.22 0.59 -7.63
CA ARG A 21 -0.45 -0.36 -8.71
C ARG A 21 -0.69 0.38 -10.02
N GLY A 22 -1.50 1.43 -9.94
CA GLY A 22 -1.81 2.21 -11.12
C GLY A 22 -1.97 3.68 -10.80
N LEU A 23 -0.94 4.26 -10.21
CA LEU A 23 -0.96 5.68 -9.85
C LEU A 23 0.41 6.30 -10.07
N THR A 24 0.42 7.53 -10.56
CA THR A 24 1.65 8.25 -10.82
C THR A 24 1.94 9.22 -9.68
N ARG A 25 3.05 9.96 -9.80
CA ARG A 25 3.48 10.93 -8.79
C ARG A 25 2.50 12.09 -8.68
N ASP A 26 2.87 13.11 -7.89
CA ASP A 26 2.02 14.28 -7.62
C ASP A 26 0.83 13.91 -6.73
N GLN A 27 0.28 12.72 -6.98
CA GLN A 27 -0.82 12.19 -6.20
C GLN A 27 -0.27 11.27 -5.12
N VAL A 28 -1.10 10.30 -4.70
CA VAL A 28 -0.74 9.25 -3.71
C VAL A 28 -0.27 9.83 -2.36
N LYS A 29 -0.51 11.12 -2.16
CA LYS A 29 -0.18 11.75 -0.91
C LYS A 29 -1.45 12.03 -0.10
N ALA A 30 -2.51 12.42 -0.79
CA ALA A 30 -3.80 12.65 -0.17
C ALA A 30 -4.92 12.05 -1.01
N ILE A 31 -5.19 10.78 -0.77
CA ILE A 31 -6.29 10.06 -1.44
C ILE A 31 -7.04 9.25 -0.38
N ASN A 32 -8.33 9.50 -0.25
CA ASN A 32 -9.09 8.94 0.86
C ASN A 32 -9.58 7.52 0.59
N PHE A 33 -9.74 7.13 -0.67
CA PHE A 33 -10.27 5.80 -0.98
C PHE A 33 -9.55 5.14 -2.17
N LEU A 34 -8.77 4.13 -1.87
CA LEU A 34 -8.28 3.21 -2.87
C LEU A 34 -9.30 2.09 -3.01
N PRO A 35 -9.99 2.01 -4.17
CA PRO A 35 -11.14 1.10 -4.36
C PRO A 35 -10.80 -0.36 -4.15
N VAL A 36 -11.81 -1.14 -3.74
CA VAL A 36 -11.66 -2.58 -3.58
C VAL A 36 -11.32 -3.23 -4.93
N ASP A 37 -10.03 -3.43 -5.13
CA ASP A 37 -9.46 -3.94 -6.38
C ASP A 37 -7.98 -3.58 -6.42
N TYR A 38 -7.67 -2.46 -5.77
CA TYR A 38 -6.33 -1.89 -5.81
C TYR A 38 -5.35 -2.69 -4.96
N GLU A 39 -4.10 -2.73 -5.42
CA GLU A 39 -3.03 -3.46 -4.75
C GLU A 39 -1.86 -2.53 -4.48
N ILE A 40 -1.11 -2.78 -3.41
CA ILE A 40 0.11 -2.03 -3.14
C ILE A 40 1.26 -2.96 -2.79
N GLU A 41 2.46 -2.53 -3.13
CA GLU A 41 3.67 -3.28 -2.84
C GLU A 41 4.58 -2.45 -1.94
N TYR A 42 5.65 -3.05 -1.43
CA TYR A 42 6.58 -2.36 -0.55
C TYR A 42 7.94 -2.18 -1.20
N VAL A 43 8.20 -0.99 -1.71
CA VAL A 43 9.50 -0.68 -2.27
C VAL A 43 10.35 0.05 -1.23
N CYS A 44 11.58 -0.40 -1.07
CA CYS A 44 12.44 0.14 -0.01
C CYS A 44 13.21 1.34 -0.52
N ARG A 45 13.49 2.24 0.41
CA ARG A 45 14.15 3.50 0.12
C ARG A 45 15.52 3.25 -0.48
N GLY A 46 15.82 3.97 -1.56
CA GLY A 46 17.04 3.74 -2.31
C GLY A 46 16.83 2.65 -3.34
N GLU A 47 17.59 1.57 -3.22
CA GLU A 47 17.40 0.40 -4.04
C GLU A 47 17.60 -0.86 -3.23
N ARG A 48 16.56 -1.25 -2.51
CA ARG A 48 16.61 -2.44 -1.67
C ARG A 48 15.37 -3.30 -1.91
N GLU A 49 15.59 -4.58 -2.15
CA GLU A 49 14.49 -5.51 -2.35
C GLU A 49 14.00 -6.04 -1.02
N VAL A 50 12.69 -6.16 -0.88
CA VAL A 50 12.10 -6.63 0.36
C VAL A 50 11.78 -8.13 0.29
N VAL A 51 12.26 -8.88 1.26
CA VAL A 51 11.89 -10.28 1.34
C VAL A 51 10.77 -10.46 2.36
N GLY A 52 9.56 -10.44 1.84
CA GLY A 52 8.39 -10.60 2.67
C GLY A 52 7.22 -11.10 1.86
N PRO A 53 6.11 -11.49 2.50
CA PRO A 53 4.84 -11.74 1.82
C PRO A 53 4.21 -10.43 1.36
N LYS A 54 4.97 -9.65 0.60
CA LYS A 54 4.60 -8.29 0.25
C LYS A 54 3.46 -8.24 -0.76
N VAL A 55 2.24 -8.14 -0.25
CA VAL A 55 1.08 -7.89 -1.08
C VAL A 55 -0.07 -7.37 -0.22
N ARG A 56 -0.65 -6.26 -0.63
CA ARG A 56 -1.78 -5.69 0.07
C ARG A 56 -2.86 -5.33 -0.94
N LYS A 57 -3.99 -6.00 -0.86
CA LYS A 57 -5.10 -5.71 -1.74
C LYS A 57 -6.27 -5.16 -0.93
N CYS A 58 -6.91 -4.13 -1.43
CA CYS A 58 -7.99 -3.49 -0.69
C CYS A 58 -9.24 -4.35 -0.69
N LEU A 59 -9.92 -4.39 0.45
CA LEU A 59 -11.11 -5.20 0.62
C LEU A 59 -12.37 -4.36 0.41
N ALA A 60 -13.54 -4.97 0.54
CA ALA A 60 -14.81 -4.25 0.49
C ALA A 60 -15.04 -3.55 1.83
N ASN A 61 -13.95 -3.07 2.39
CA ASN A 61 -13.92 -2.51 3.72
C ASN A 61 -12.71 -1.58 3.82
N GLY A 62 -12.76 -0.62 4.74
CA GLY A 62 -11.69 0.36 4.87
C GLY A 62 -10.43 -0.20 5.49
N SER A 63 -9.97 -1.34 4.99
CA SER A 63 -8.76 -1.99 5.46
C SER A 63 -8.23 -2.94 4.38
N TRP A 64 -6.92 -3.12 4.35
CA TRP A 64 -6.30 -3.94 3.33
C TRP A 64 -6.36 -5.42 3.73
N THR A 65 -5.92 -6.30 2.84
CA THR A 65 -5.97 -7.75 3.05
C THR A 65 -5.37 -8.15 4.41
N ASP A 66 -4.20 -7.63 4.70
CA ASP A 66 -3.51 -7.90 5.96
C ASP A 66 -2.59 -6.75 6.28
N MET A 67 -2.50 -6.36 7.55
CA MET A 67 -1.48 -5.42 7.95
C MET A 67 -0.89 -5.82 9.29
N ASP A 68 0.00 -6.80 9.25
CA ASP A 68 0.91 -7.09 10.35
C ASP A 68 1.97 -8.06 9.83
N THR A 69 3.04 -7.54 9.27
CA THR A 69 3.98 -8.38 8.56
C THR A 69 5.38 -7.77 8.60
N PRO A 70 6.38 -8.58 9.00
CA PRO A 70 7.79 -8.14 9.02
C PRO A 70 8.42 -8.08 7.63
N SER A 71 7.96 -7.11 6.83
CA SER A 71 8.53 -6.88 5.52
C SER A 71 9.84 -6.11 5.66
N ARG A 72 10.93 -6.70 5.17
CA ARG A 72 12.26 -6.12 5.37
C ARG A 72 13.05 -6.10 4.06
N CYS A 73 13.80 -5.03 3.86
CA CYS A 73 14.65 -4.89 2.69
C CYS A 73 16.11 -5.05 3.06
N VAL A 74 16.67 -6.20 2.74
CA VAL A 74 18.03 -6.51 3.14
C VAL A 74 18.90 -6.85 1.92
N ARG A 75 18.35 -6.64 0.74
CA ARG A 75 19.08 -6.88 -0.49
C ARG A 75 19.10 -5.63 -1.35
#